data_7KGV
#
_entry.id   7KGV
#
_cell.length_a   157.798
_cell.length_b   82.514
_cell.length_c   158.590
_cell.angle_alpha   90.000
_cell.angle_beta   106.024
_cell.angle_gamma   90.000
#
_symmetry.space_group_name_H-M   'P 1 21 1'
#
loop_
_entity.id
_entity.type
_entity.pdbx_description
1 polymer 'Sodium-coupled neutral amino acid transporter 9'
2 polymer 'Monoclonal antibody Fab heavy chain'
3 polymer 'Monoclonal antibody Fab light chain'
#
loop_
_entity_poly.entity_id
_entity_poly.type
_entity_poly.pdbx_seq_one_letter_code
_entity_poly.pdbx_strand_id
1 'polypeptide(L)'
;MDEDSKPLLGSVPTGDYYTDSLDPKQRRPFHVEPRNIVGEDVQERVSAEAAVLSSRVHYYSRLTGSSDRLLAPPDHVIPS
HEDIYIYSPLGTAFKVQGGDSPIKNPSIVTIFAIWNTMMGTSILSIPWGIKQAGFTLGIIIIVLMGLLTLYCCYRVLKST
KSIPYVDTSDWEFPDVCKYYFGGFGKWSSLVFSLVSLIGAMVVYWVLMSNFLFNTGKFIFNYVHNVQTSDAFGTQGTERV
ICPYPDVDPHGQSSTSLYSGSDQSTGLEFDHWWSKTNTIPFYLILLLLPLLNFRSASFFARFTFLGTISVIYLIFLVTYK
AIQLGFHLEFHWFDSSMFFVPEFRTLFPQLSGVLTLAFFIHNCIITLMKNNKHQENNVRDLSLAYLLVGLTYLYVGVLIF
AAFPSPPLSKECIEPNFLDNFPSSDILVFVARTFLLFQMTTVYPLLGYLVRVQLMGQIFGNHYPGFLHVFVLNVFVVGAG
VLMARFYPNIGSIIRYSGALCGLALVFVLPSLIHMVSLKRRGELRWTSTLFHGFLILLGVANLLGQFFM
;
A,B
2 'polypeptide(L)'
;QIQLVQSGPKLSKPGATDKISCAAGGYSFTDYVMNWVKASPLKGLEWNGSINTSNGATTYISAFKGAGSHSVDSSASTAA
QQLSALKAADTAVYFCARNFRGNGAMDYWGQGTSVTVSSAKTTAPSVYPLEVSAA(UNK)ATGSSVTLGCLVKGYFPEPC
TLTWNSGSLSSGVHTFPAVLASDLYTLSSSVTVTSSTWPSQSITCNVAHPASSTKVDKKIEPA
;
C,D
3 'polypeptide(L)'
;DILLTQSPESLSVVVGFYVTITSQASNNITTYSSFIFWYQQKPGQAPKLLIYDSSTLESGIPGRFSGSGSGRDFSLTIAP
NQPACGATYEDLQVLIVVRTFGGGTKLEIKRADAAPTVSIFPPSSEQLTSGGAEVVCFLNNFYPKNINVAWKIDGGERQN
GVLNSWTDQDSADSTYSMSSTLTLTKDEYERHASYTCEATHQTSTSPIVKSFNRN
;
E,F
#
# COMPACT_ATOMS: atom_id res chain seq x y z
N SER A 80 41.05 36.75 33.89
CA SER A 80 40.06 36.02 33.09
C SER A 80 38.66 35.98 33.74
N HIS A 81 37.71 35.36 33.03
CA HIS A 81 36.37 34.96 33.51
C HIS A 81 35.41 36.10 33.90
N GLU A 82 35.48 36.61 35.14
CA GLU A 82 34.67 37.72 35.62
C GLU A 82 35.51 38.95 35.87
N ASP A 83 36.51 38.80 36.75
CA ASP A 83 37.32 39.87 37.30
C ASP A 83 38.74 39.73 36.80
N LYS A 104 43.89 56.92 32.55
CA LYS A 104 45.21 56.58 32.04
C LYS A 104 45.11 55.51 30.95
N ASN A 105 43.91 55.28 30.44
CA ASN A 105 43.77 54.37 29.31
C ASN A 105 43.13 55.08 28.12
N PRO A 106 43.72 54.98 26.94
CA PRO A 106 43.25 55.79 25.79
C PRO A 106 42.10 55.16 25.03
N SER A 107 41.14 54.60 25.77
CA SER A 107 39.90 54.04 25.21
C SER A 107 40.14 52.75 24.43
N ILE A 108 41.08 52.76 23.47
CA ILE A 108 41.36 51.55 22.69
C ILE A 108 41.84 50.42 23.58
N VAL A 109 42.87 50.67 24.41
CA VAL A 109 43.37 49.64 25.31
C VAL A 109 42.35 49.33 26.39
N THR A 110 41.47 50.28 26.69
CA THR A 110 40.41 50.04 27.68
C THR A 110 39.45 48.96 27.19
N ILE A 111 39.01 49.08 25.93
CA ILE A 111 38.11 48.08 25.35
C ILE A 111 38.82 46.73 25.26
N PHE A 112 40.05 46.73 24.74
CA PHE A 112 40.81 45.48 24.65
C PHE A 112 40.92 44.82 26.02
N ALA A 113 41.23 45.60 27.05
CA ALA A 113 41.39 45.03 28.38
C ALA A 113 40.09 44.43 28.91
N ILE A 114 38.96 45.12 28.74
CA ILE A 114 37.68 44.55 29.15
C ILE A 114 37.41 43.25 28.39
N TRP A 115 37.81 43.20 27.13
CA TRP A 115 37.61 42.00 26.33
C TRP A 115 38.42 40.83 26.88
N ASN A 116 39.75 40.97 26.93
CA ASN A 116 40.59 39.86 27.36
C ASN A 116 40.24 39.40 28.77
N THR A 117 39.80 40.32 29.63
CA THR A 117 39.42 39.94 31.00
C THR A 117 38.20 39.02 31.00
N MET A 118 37.17 39.37 30.23
CA MET A 118 35.96 38.56 30.19
C MET A 118 36.10 37.31 29.33
N MET A 119 37.13 37.26 28.47
CA MET A 119 37.44 36.10 27.67
C MET A 119 38.24 35.07 28.46
N GLY A 120 38.02 33.80 28.15
CA GLY A 120 38.80 32.73 28.70
C GLY A 120 38.06 31.41 28.56
N THR A 121 38.05 30.61 29.63
CA THR A 121 37.30 29.37 29.56
C THR A 121 35.80 29.59 29.54
N SER A 122 35.35 30.83 29.65
CA SER A 122 33.92 31.13 29.66
C SER A 122 33.27 30.85 28.31
N ILE A 123 34.02 31.01 27.21
CA ILE A 123 33.47 30.86 25.88
C ILE A 123 33.14 29.41 25.53
N LEU A 124 33.70 28.45 26.27
CA LEU A 124 33.56 27.03 25.91
C LEU A 124 32.13 26.51 26.06
N SER A 125 31.30 27.11 26.90
CA SER A 125 29.96 26.58 27.17
C SER A 125 28.86 27.17 26.30
N ILE A 126 29.16 28.21 25.50
CA ILE A 126 28.12 28.90 24.72
C ILE A 126 27.35 27.95 23.78
N PRO A 127 28.01 27.12 22.95
CA PRO A 127 27.23 26.22 22.08
C PRO A 127 26.21 25.38 22.83
N TRP A 128 26.60 24.80 23.97
CA TRP A 128 25.68 23.97 24.72
C TRP A 128 24.48 24.79 25.19
N GLY A 129 24.70 26.07 25.54
CA GLY A 129 23.60 26.90 25.99
C GLY A 129 22.53 27.12 24.93
N ILE A 130 22.96 27.52 23.72
CA ILE A 130 22.01 27.68 22.61
C ILE A 130 21.21 26.40 22.43
N LYS A 131 21.91 25.26 22.41
CA LYS A 131 21.24 23.97 22.24
C LYS A 131 20.15 23.78 23.28
N GLN A 132 20.41 24.19 24.52
CA GLN A 132 19.46 23.99 25.60
C GLN A 132 18.22 24.86 25.45
N ALA A 133 18.30 25.99 24.75
CA ALA A 133 17.14 26.84 24.57
C ALA A 133 16.45 26.63 23.23
N GLY A 134 17.13 26.01 22.29
CA GLY A 134 16.76 26.11 20.89
C GLY A 134 17.57 27.18 20.21
N PHE A 135 17.71 27.04 18.88
CA PHE A 135 18.59 27.94 18.13
C PHE A 135 18.08 29.37 18.10
N THR A 136 16.89 29.59 17.54
CA THR A 136 16.37 30.95 17.44
C THR A 136 16.26 31.59 18.82
N LEU A 137 15.56 30.93 19.76
CA LEU A 137 15.33 31.50 21.08
C LEU A 137 16.65 31.81 21.77
N GLY A 138 17.65 30.96 21.57
CA GLY A 138 18.97 31.23 22.13
C GLY A 138 19.61 32.51 21.61
N ILE A 139 19.53 32.75 20.29
CA ILE A 139 20.12 33.96 19.72
C ILE A 139 19.49 35.20 20.33
N ILE A 140 18.16 35.21 20.46
CA ILE A 140 17.44 36.30 21.11
C ILE A 140 17.96 36.51 22.53
N ILE A 141 18.14 35.41 23.27
CA ILE A 141 18.58 35.49 24.66
C ILE A 141 19.97 36.11 24.75
N ILE A 142 20.88 35.72 23.87
CA ILE A 142 22.25 36.21 23.92
C ILE A 142 22.27 37.73 23.77
N VAL A 143 21.51 38.25 22.81
CA VAL A 143 21.43 39.69 22.60
C VAL A 143 20.85 40.39 23.82
N LEU A 144 19.63 40.02 24.21
CA LEU A 144 18.98 40.62 25.38
C LEU A 144 19.87 40.57 26.62
N MET A 145 20.38 39.38 26.95
CA MET A 145 21.26 39.24 28.10
C MET A 145 22.55 40.05 27.96
N GLY A 146 23.04 40.25 26.73
CA GLY A 146 24.15 41.17 26.56
C GLY A 146 23.75 42.58 26.93
N LEU A 147 22.60 43.03 26.41
CA LEU A 147 22.12 44.38 26.67
C LEU A 147 21.80 44.59 28.15
N LEU A 148 21.10 43.63 28.77
CA LEU A 148 20.71 43.80 30.16
C LEU A 148 21.93 43.93 31.07
N THR A 149 22.90 43.01 30.94
CA THR A 149 24.08 43.07 31.80
C THR A 149 24.86 44.36 31.57
N LEU A 150 24.80 44.90 30.35
CA LEU A 150 25.47 46.17 30.08
C LEU A 150 24.84 47.29 30.91
N TYR A 151 23.50 47.35 30.95
CA TYR A 151 22.83 48.36 31.77
C TYR A 151 23.22 48.23 33.24
N CYS A 152 23.22 47.01 33.76
CA CYS A 152 23.57 46.77 35.15
C CYS A 152 25.04 47.02 35.42
N CYS A 153 25.88 47.00 34.39
CA CYS A 153 27.30 47.34 34.57
C CYS A 153 27.48 48.85 34.54
N TYR A 154 26.81 49.54 33.61
CA TYR A 154 26.56 50.97 33.74
C TYR A 154 26.17 51.38 35.16
N ARG A 155 25.11 50.79 35.70
CA ARG A 155 24.63 51.16 37.04
C ARG A 155 25.76 51.10 38.07
N VAL A 156 26.55 50.01 38.06
CA VAL A 156 27.68 49.88 38.99
C VAL A 156 28.67 51.02 38.78
N LEU A 157 28.89 51.41 37.52
CA LEU A 157 29.78 52.53 37.22
C LEU A 157 29.26 53.84 37.81
N LYS A 158 27.94 54.05 37.77
CA LYS A 158 27.39 55.31 38.26
C LYS A 158 27.45 55.40 39.78
N SER A 159 27.57 54.28 40.48
CA SER A 159 27.70 54.24 41.94
C SER A 159 29.13 54.61 42.41
N VAL A 176 33.47 50.00 48.70
CA VAL A 176 32.63 48.86 49.03
C VAL A 176 31.15 49.23 48.86
N CYS A 177 30.91 50.51 48.57
CA CYS A 177 29.56 51.05 48.40
C CYS A 177 28.67 50.50 49.51
N LYS A 178 27.43 50.13 49.17
CA LYS A 178 26.57 49.37 50.08
C LYS A 178 26.35 50.06 51.42
N TYR A 179 26.64 51.37 51.53
CA TYR A 179 26.20 52.08 52.72
C TYR A 179 24.69 52.13 52.83
N TYR A 180 24.01 52.05 51.68
CA TYR A 180 22.55 52.05 51.66
C TYR A 180 21.97 51.05 52.65
N PHE A 181 22.61 49.88 52.77
CA PHE A 181 22.10 48.77 53.57
C PHE A 181 22.84 48.59 54.89
N GLY A 182 24.15 48.38 54.82
CA GLY A 182 24.99 48.36 56.00
C GLY A 182 24.79 47.09 56.82
N GLY A 183 25.87 46.33 57.03
CA GLY A 183 25.75 45.06 57.70
C GLY A 183 25.13 44.03 56.79
N PHE A 184 23.79 43.97 56.75
CA PHE A 184 23.12 43.10 55.77
C PHE A 184 23.37 43.54 54.32
N GLY A 185 24.14 44.63 54.12
CA GLY A 185 24.60 45.04 52.80
C GLY A 185 26.07 44.81 52.57
N LYS A 186 26.89 45.16 53.58
CA LYS A 186 28.32 44.95 53.47
C LYS A 186 28.64 43.46 53.36
N TRP A 187 28.00 42.64 54.21
CA TRP A 187 28.20 41.19 54.16
C TRP A 187 27.61 40.60 52.88
N SER A 188 26.42 41.08 52.47
CA SER A 188 25.74 40.53 51.30
C SER A 188 26.57 40.69 50.02
N SER A 189 27.20 41.85 49.83
CA SER A 189 28.07 42.00 48.67
C SER A 189 29.23 41.00 48.73
N LEU A 190 29.73 40.71 49.93
CA LEU A 190 30.90 39.84 50.07
C LEU A 190 30.58 38.40 49.71
N VAL A 191 29.46 37.86 50.21
CA VAL A 191 29.16 36.45 49.97
C VAL A 191 28.99 36.16 48.48
N PHE A 192 28.21 36.99 47.78
CA PHE A 192 28.00 36.77 46.36
C PHE A 192 29.25 37.05 45.54
N SER A 193 30.04 38.04 45.94
CA SER A 193 31.34 38.23 45.31
C SER A 193 32.23 37.03 45.60
N LEU A 194 32.06 36.41 46.77
CA LEU A 194 32.78 35.19 47.07
C LEU A 194 32.26 34.03 46.23
N VAL A 195 30.95 34.01 45.94
CA VAL A 195 30.36 32.97 45.10
C VAL A 195 30.97 32.96 43.71
N SER A 196 31.14 34.14 43.10
CA SER A 196 31.84 34.23 41.82
C SER A 196 33.25 33.66 41.90
N LEU A 197 34.01 34.10 42.90
CA LEU A 197 35.41 33.73 43.01
C LEU A 197 35.59 32.24 43.27
N ILE A 198 35.01 31.72 44.35
CA ILE A 198 35.22 30.32 44.68
C ILE A 198 34.59 29.42 43.64
N GLY A 199 33.45 29.85 43.07
CA GLY A 199 32.84 29.08 41.99
C GLY A 199 33.73 28.99 40.75
N ALA A 200 34.48 30.04 40.47
CA ALA A 200 35.38 30.03 39.32
C ALA A 200 36.64 29.21 39.60
N MET A 201 37.08 29.16 40.85
CA MET A 201 38.22 28.31 41.20
C MET A 201 37.89 26.83 41.05
N VAL A 202 36.61 26.48 41.16
CA VAL A 202 36.19 25.09 40.96
C VAL A 202 36.27 24.71 39.49
N VAL A 203 35.66 25.51 38.60
CA VAL A 203 35.62 25.15 37.19
C VAL A 203 37.01 25.20 36.58
N TYR A 204 37.90 26.07 37.08
CA TYR A 204 39.31 25.98 36.71
C TYR A 204 39.88 24.61 37.02
N TRP A 205 39.51 24.02 38.16
CA TRP A 205 40.05 22.72 38.52
C TRP A 205 39.61 21.65 37.54
N VAL A 206 38.30 21.60 37.24
CA VAL A 206 37.78 20.60 36.32
C VAL A 206 38.46 20.70 34.94
N LEU A 207 38.52 21.92 34.39
CA LEU A 207 38.99 22.10 33.01
C LEU A 207 40.48 21.86 32.86
N MET A 208 41.26 22.13 33.91
CA MET A 208 42.67 21.78 33.87
C MET A 208 42.85 20.27 33.90
N SER A 209 41.92 19.57 34.55
CA SER A 209 41.97 18.11 34.57
C SER A 209 41.74 17.56 33.17
N ASN A 210 40.62 17.94 32.54
CA ASN A 210 40.33 17.46 31.20
C ASN A 210 41.45 17.82 30.24
N PHE A 211 41.96 19.04 30.31
CA PHE A 211 42.97 19.47 29.34
C PHE A 211 44.31 18.78 29.59
N LEU A 212 44.72 18.68 30.86
CA LEU A 212 45.87 17.86 31.21
C LEU A 212 45.69 16.44 30.69
N PHE A 213 44.55 15.82 31.04
CA PHE A 213 44.28 14.43 30.66
C PHE A 213 44.46 14.24 29.16
N ASN A 214 43.83 15.08 28.36
CA ASN A 214 44.00 14.96 26.92
C ASN A 214 45.38 15.43 26.46
N THR A 215 45.97 16.46 27.10
CA THR A 215 47.30 16.89 26.69
C THR A 215 48.34 15.82 26.96
N GLY A 216 48.20 15.10 28.07
CA GLY A 216 49.10 13.99 28.37
C GLY A 216 48.79 12.74 27.56
N LYS A 217 47.50 12.38 27.47
CA LYS A 217 47.12 11.21 26.68
C LYS A 217 47.54 11.37 25.23
N PHE A 218 47.62 12.62 24.76
CA PHE A 218 48.12 12.89 23.41
C PHE A 218 49.61 12.59 23.32
N ILE A 219 50.40 13.11 24.27
CA ILE A 219 51.85 12.95 24.17
C ILE A 219 52.32 11.55 24.51
N PHE A 220 51.43 10.67 24.96
CA PHE A 220 51.76 9.24 25.05
C PHE A 220 51.72 8.64 23.65
N ASN A 221 52.86 8.73 22.96
CA ASN A 221 53.02 8.28 21.58
C ASN A 221 51.98 8.95 20.68
N THR A 237 43.43 13.78 14.29
CA THR A 237 42.26 12.94 14.47
C THR A 237 40.99 13.78 14.31
N GLU A 238 40.50 13.90 13.07
CA GLU A 238 39.38 14.78 12.73
C GLU A 238 38.05 14.06 12.97
N ARG A 239 37.51 14.15 14.18
CA ARG A 239 36.27 13.48 14.47
C ARG A 239 35.45 14.32 15.43
N VAL A 240 34.17 14.01 15.50
CA VAL A 240 33.27 14.59 16.48
C VAL A 240 32.71 13.43 17.30
N ILE A 241 32.55 13.62 18.60
CA ILE A 241 32.26 12.53 19.52
C ILE A 241 31.03 12.90 20.33
N CYS A 242 30.13 11.94 20.50
CA CYS A 242 29.07 12.05 21.49
C CYS A 242 29.50 11.21 22.69
N PRO A 243 30.19 11.80 23.67
CA PRO A 243 30.82 11.00 24.72
C PRO A 243 29.79 10.25 25.56
N TYR A 244 30.06 8.98 25.83
CA TYR A 244 29.19 8.24 26.72
C TYR A 244 29.30 8.88 28.10
N PRO A 245 28.20 9.35 28.69
CA PRO A 245 28.29 9.99 30.00
C PRO A 245 28.78 9.02 31.06
N ASP A 246 29.51 9.54 32.04
CA ASP A 246 29.81 8.70 33.19
C ASP A 246 28.77 8.91 34.29
N GLU A 268 46.98 -0.50 31.69
CA GLU A 268 45.76 0.26 31.46
C GLU A 268 46.01 1.65 32.01
N PHE A 269 45.81 2.66 31.17
CA PHE A 269 46.26 4.00 31.53
C PHE A 269 45.41 4.55 32.67
N ASP A 270 46.08 4.94 33.76
CA ASP A 270 45.43 5.61 34.88
C ASP A 270 45.82 7.07 34.88
N HIS A 271 45.58 7.76 33.77
CA HIS A 271 46.00 9.15 33.63
C HIS A 271 44.85 10.12 33.85
N TRP A 272 43.68 9.61 34.27
CA TRP A 272 42.57 10.47 34.65
C TRP A 272 42.53 10.64 36.16
N TRP A 273 43.34 11.59 36.67
CA TRP A 273 43.28 11.95 38.09
C TRP A 273 43.38 13.46 38.29
N SER A 274 42.40 13.98 39.05
CA SER A 274 42.40 15.33 39.60
C SER A 274 43.16 15.44 40.91
N LYS A 275 43.50 14.31 41.55
CA LYS A 275 44.36 14.36 42.73
C LYS A 275 45.83 14.47 42.37
N THR A 276 46.26 13.88 41.24
CA THR A 276 47.66 14.06 40.85
C THR A 276 48.01 15.51 40.54
N ASN A 277 47.08 16.46 40.64
CA ASN A 277 47.44 17.86 40.53
C ASN A 277 47.20 18.68 41.80
N THR A 278 46.43 18.19 42.78
CA THR A 278 46.30 18.93 44.03
C THR A 278 47.60 18.94 44.81
N ILE A 279 48.29 17.80 44.86
CA ILE A 279 49.56 17.68 45.57
C ILE A 279 50.51 18.78 45.06
N PRO A 280 50.84 18.84 43.76
CA PRO A 280 51.74 19.91 43.30
C PRO A 280 51.08 21.27 43.12
N PHE A 281 49.80 21.46 43.50
CA PHE A 281 49.09 22.72 43.21
C PHE A 281 48.11 23.05 44.35
N TYR A 282 48.64 23.63 45.43
CA TYR A 282 47.78 24.09 46.51
C TYR A 282 48.57 25.05 47.36
N LEU A 283 49.89 24.78 47.47
CA LEU A 283 50.81 25.68 48.15
C LEU A 283 50.93 26.99 47.40
N ILE A 284 50.68 26.96 46.08
CA ILE A 284 50.98 28.10 45.24
C ILE A 284 50.09 29.29 45.58
N LEU A 285 48.89 29.03 46.12
CA LEU A 285 47.98 30.10 46.52
C LEU A 285 48.17 30.52 47.97
N LEU A 286 49.16 29.94 48.67
CA LEU A 286 49.51 30.43 49.99
C LEU A 286 50.37 31.69 49.87
N LEU A 287 50.98 31.92 48.71
CA LEU A 287 51.92 33.02 48.48
C LEU A 287 51.22 34.38 48.52
N SER A 297 50.12 38.82 43.66
CA SER A 297 51.15 37.80 43.45
C SER A 297 51.81 38.05 42.10
N PHE A 298 52.73 37.18 41.70
CA PHE A 298 53.51 37.39 40.47
C PHE A 298 52.88 36.74 39.24
N PHE A 299 51.97 35.79 39.42
CA PHE A 299 51.44 35.00 38.30
C PHE A 299 50.82 35.85 37.22
N ALA A 300 50.49 37.11 37.52
CA ALA A 300 49.97 38.03 36.54
C ALA A 300 50.97 38.40 35.47
N ARG A 301 52.25 38.05 35.65
CA ARG A 301 53.25 38.21 34.60
C ARG A 301 52.89 37.43 33.33
N PHE A 302 52.01 36.45 33.42
CA PHE A 302 51.61 35.64 32.27
C PHE A 302 50.15 35.86 31.86
N THR A 303 49.77 37.11 31.60
CA THR A 303 48.44 37.39 31.06
C THR A 303 48.39 37.24 29.54
N PHE A 304 49.54 37.27 28.86
CA PHE A 304 49.55 37.14 27.41
C PHE A 304 49.04 35.78 26.96
N LEU A 305 49.23 34.75 27.77
CA LEU A 305 48.69 33.43 27.44
C LEU A 305 47.17 33.44 27.37
N GLY A 306 46.54 34.41 28.06
CA GLY A 306 45.10 34.60 27.90
C GLY A 306 44.74 34.90 26.46
N THR A 307 45.41 35.88 25.85
CA THR A 307 45.17 36.16 24.44
C THR A 307 45.66 35.03 23.55
N ILE A 308 46.84 34.49 23.82
CA ILE A 308 47.36 33.38 23.02
C ILE A 308 46.35 32.24 22.96
N SER A 309 45.80 31.85 24.12
CA SER A 309 44.76 30.84 24.12
C SER A 309 43.56 31.29 23.30
N VAL A 310 43.05 32.49 23.57
CA VAL A 310 41.89 32.98 22.84
C VAL A 310 42.19 33.14 21.36
N ILE A 311 43.41 33.55 21.01
CA ILE A 311 43.78 33.67 19.60
C ILE A 311 43.73 32.31 18.94
N TYR A 312 44.50 31.35 19.46
CA TYR A 312 44.54 30.03 18.87
C TYR A 312 43.19 29.35 18.90
N LEU A 313 42.45 29.51 20.00
CA LEU A 313 41.12 28.90 20.14
C LEU A 313 40.17 29.35 19.04
N ILE A 314 40.09 30.67 18.80
CA ILE A 314 39.23 31.17 17.73
C ILE A 314 39.70 30.67 16.37
N PHE A 315 41.01 30.67 16.15
CA PHE A 315 41.57 30.09 14.92
C PHE A 315 41.08 28.66 14.75
N LEU A 316 41.15 27.89 15.83
CA LEU A 316 40.67 26.50 15.83
C LEU A 316 39.24 26.40 15.36
N VAL A 317 38.34 27.16 16.01
CA VAL A 317 36.91 27.05 15.72
C VAL A 317 36.60 27.42 14.27
N THR A 318 37.26 28.44 13.74
CA THR A 318 37.00 28.79 12.35
C THR A 318 37.51 27.70 11.41
N TYR A 319 38.74 27.21 11.65
CA TYR A 319 39.28 26.14 10.82
C TYR A 319 38.33 24.95 10.77
N LYS A 320 37.77 24.56 11.92
CA LYS A 320 36.85 23.42 11.98
C LYS A 320 35.62 23.65 11.09
N ALA A 321 34.89 24.74 11.34
CA ALA A 321 33.65 24.96 10.63
C ALA A 321 33.86 25.06 9.12
N ILE A 322 34.98 25.66 8.68
CA ILE A 322 35.25 25.69 7.25
C ILE A 322 35.26 24.27 6.67
N GLN A 323 35.73 23.30 7.47
CA GLN A 323 35.88 21.92 7.01
C GLN A 323 34.56 21.15 6.88
N LEU A 324 33.52 21.50 7.65
CA LEU A 324 32.41 20.58 7.78
C LEU A 324 31.09 21.29 8.09
N GLY A 325 30.88 22.46 7.53
CA GLY A 325 29.87 23.34 8.13
C GLY A 325 28.73 23.82 7.26
N PHE A 326 27.79 22.92 6.94
CA PHE A 326 26.65 23.35 6.13
C PHE A 326 25.35 22.69 6.61
N HIS A 327 25.28 22.26 7.87
CA HIS A 327 24.20 21.41 8.37
C HIS A 327 23.25 22.20 9.27
N LEU A 328 22.14 22.69 8.69
CA LEU A 328 21.04 23.24 9.48
C LEU A 328 19.68 22.91 8.87
N GLU A 329 18.71 22.67 9.74
CA GLU A 329 17.30 22.58 9.38
C GLU A 329 16.54 23.26 10.52
N PHE A 330 15.28 23.65 10.26
CA PHE A 330 14.52 24.49 11.20
C PHE A 330 13.20 23.82 11.57
N HIS A 331 13.27 22.82 12.44
CA HIS A 331 12.08 22.28 13.09
C HIS A 331 11.71 23.23 14.22
N TRP A 332 10.63 24.01 14.03
CA TRP A 332 10.37 25.19 14.88
C TRP A 332 10.00 24.81 16.32
N PHE A 333 8.89 24.11 16.50
CA PHE A 333 8.57 23.58 17.83
C PHE A 333 8.59 22.07 17.93
N ASP A 334 8.56 21.36 16.80
CA ASP A 334 8.75 19.92 16.79
C ASP A 334 10.22 19.57 16.88
N SER A 335 10.47 18.28 17.05
CA SER A 335 11.82 17.75 17.20
C SER A 335 12.05 16.69 16.12
N SER A 336 13.31 16.60 15.71
CA SER A 336 13.79 15.53 14.85
C SER A 336 14.88 14.81 15.62
N MET A 337 15.20 13.58 15.20
CA MET A 337 16.28 12.85 15.86
C MET A 337 17.55 13.69 15.90
N PHE A 338 17.87 14.31 14.77
CA PHE A 338 19.11 15.04 14.57
C PHE A 338 19.04 16.52 14.91
N PHE A 339 17.85 17.11 15.00
CA PHE A 339 17.73 18.54 15.20
C PHE A 339 16.85 18.82 16.42
N VAL A 340 17.27 19.78 17.23
CA VAL A 340 16.46 20.21 18.38
C VAL A 340 15.50 21.31 17.93
N PRO A 341 14.37 21.48 18.60
CA PRO A 341 13.46 22.58 18.28
C PRO A 341 14.17 23.92 18.37
N GLU A 342 13.54 24.92 17.77
CA GLU A 342 14.12 26.25 17.81
C GLU A 342 13.76 26.98 19.08
N PHE A 343 12.75 26.52 19.78
CA PHE A 343 12.26 27.18 20.99
C PHE A 343 12.09 26.08 22.03
N ARG A 344 13.07 25.96 22.90
CA ARG A 344 13.06 24.86 23.84
C ARG A 344 12.81 25.38 25.26
N THR A 345 12.11 24.55 26.05
CA THR A 345 11.71 24.95 27.38
C THR A 345 12.88 25.07 28.34
N LEU A 346 14.08 24.63 27.95
CA LEU A 346 15.26 24.80 28.79
C LEU A 346 15.97 26.12 28.54
N PHE A 347 15.27 27.08 27.95
CA PHE A 347 15.85 28.41 27.74
C PHE A 347 16.40 29.07 28.99
N PRO A 348 15.89 28.82 30.21
CA PRO A 348 16.54 29.43 31.39
C PRO A 348 17.99 29.04 31.55
N GLN A 349 18.35 27.80 31.20
CA GLN A 349 19.72 27.32 31.40
C GLN A 349 20.71 28.17 30.63
N LEU A 350 20.31 28.69 29.47
CA LEU A 350 21.17 29.59 28.72
C LEU A 350 21.39 30.90 29.46
N SER A 351 20.33 31.45 30.06
CA SER A 351 20.43 32.70 30.79
C SER A 351 21.44 32.63 31.94
N GLY A 352 21.46 31.51 32.68
CA GLY A 352 22.36 31.37 33.80
C GLY A 352 23.82 31.42 33.40
N VAL A 353 24.17 30.74 32.31
CA VAL A 353 25.54 30.78 31.82
C VAL A 353 25.94 32.21 31.51
N LEU A 354 25.04 32.93 30.83
CA LEU A 354 25.35 34.27 30.35
C LEU A 354 25.63 35.25 31.49
N THR A 355 24.89 35.14 32.59
CA THR A 355 25.14 36.02 33.74
C THR A 355 26.59 35.95 34.21
N LEU A 356 27.11 34.74 34.39
CA LEU A 356 28.50 34.59 34.80
C LEU A 356 29.47 34.95 33.68
N ALA A 357 29.07 34.71 32.42
CA ALA A 357 29.91 35.10 31.29
C ALA A 357 29.96 36.62 31.14
N PHE A 358 28.88 37.32 31.47
CA PHE A 358 28.76 38.78 31.31
C PHE A 358 29.01 39.55 32.61
N PHE A 359 30.02 39.19 33.38
CA PHE A 359 30.16 39.68 34.74
C PHE A 359 31.54 40.27 34.88
N ILE A 360 31.62 41.58 35.06
CA ILE A 360 32.87 42.24 35.38
C ILE A 360 32.58 43.24 36.49
N HIS A 361 31.32 43.27 36.93
CA HIS A 361 30.81 44.27 37.87
C HIS A 361 31.64 44.33 39.15
N ASN A 362 32.08 43.18 39.66
CA ASN A 362 32.88 43.15 40.88
C ASN A 362 34.17 43.94 40.73
N CYS A 363 34.63 44.17 39.49
CA CYS A 363 35.87 44.88 39.27
C CYS A 363 35.79 45.91 38.15
N ILE A 364 34.60 46.20 37.61
CA ILE A 364 34.52 47.23 36.57
C ILE A 364 34.86 48.59 37.16
N ILE A 365 34.57 48.80 38.44
CA ILE A 365 34.87 50.07 39.09
C ILE A 365 36.36 50.37 38.99
N THR A 366 37.20 49.40 39.37
CA THR A 366 38.65 49.55 39.25
C THR A 366 39.11 49.46 37.80
N LEU A 367 38.38 48.74 36.95
CA LEU A 367 38.77 48.62 35.55
C LEU A 367 38.52 49.92 34.78
N MET A 368 37.36 50.54 34.96
CA MET A 368 37.08 51.83 34.31
C MET A 368 37.78 52.99 34.97
N LYS A 369 38.54 52.76 36.04
CA LYS A 369 39.25 53.84 36.69
C LYS A 369 40.23 54.53 35.74
N ASN A 370 40.58 53.89 34.64
CA ASN A 370 41.46 54.51 33.64
C ASN A 370 40.67 55.02 32.44
N VAL A 378 32.52 55.40 29.08
CA VAL A 378 31.18 54.82 28.97
C VAL A 378 30.91 54.41 27.53
N ARG A 379 31.29 55.27 26.57
CA ARG A 379 31.41 54.81 25.19
C ARG A 379 32.36 53.62 25.17
N ASP A 380 33.39 53.68 26.04
CA ASP A 380 34.35 52.61 26.20
C ASP A 380 33.67 51.31 26.59
N LEU A 381 32.80 51.35 27.61
CA LEU A 381 32.08 50.16 28.08
C LEU A 381 31.14 49.60 27.02
N SER A 382 30.40 50.47 26.31
CA SER A 382 29.41 49.98 25.35
C SER A 382 30.08 49.19 24.23
N LEU A 383 31.19 49.71 23.69
CA LEU A 383 31.95 48.97 22.69
C LEU A 383 32.57 47.71 23.28
N ALA A 384 32.93 47.76 24.57
CA ALA A 384 33.59 46.62 25.20
C ALA A 384 32.65 45.41 25.30
N TYR A 385 31.44 45.60 25.88
CA TYR A 385 30.48 44.50 25.90
C TYR A 385 29.98 44.13 24.51
N LEU A 386 29.86 45.10 23.60
CA LEU A 386 29.51 44.77 22.23
C LEU A 386 30.56 43.86 21.61
N LEU A 387 31.83 44.25 21.71
CA LEU A 387 32.90 43.40 21.22
C LEU A 387 32.88 42.04 21.94
N VAL A 388 32.76 42.06 23.27
CA VAL A 388 32.64 40.83 24.05
C VAL A 388 31.38 40.06 23.63
N GLY A 389 30.24 40.75 23.61
CA GLY A 389 28.99 40.11 23.22
C GLY A 389 29.03 39.51 21.82
N LEU A 390 29.64 40.23 20.86
CA LEU A 390 29.73 39.67 19.52
C LEU A 390 30.74 38.53 19.46
N THR A 391 31.77 38.57 20.29
CA THR A 391 32.73 37.46 20.35
C THR A 391 32.03 36.17 20.77
N TYR A 392 31.15 36.24 21.78
CA TYR A 392 30.43 35.06 22.24
C TYR A 392 29.47 34.52 21.17
N LEU A 393 28.81 35.41 20.44
CA LEU A 393 27.84 34.99 19.44
C LEU A 393 28.50 34.24 18.27
N TYR A 394 29.74 34.60 17.91
CA TYR A 394 30.45 33.91 16.84
C TYR A 394 30.61 32.43 17.17
N VAL A 395 31.39 32.12 18.22
CA VAL A 395 31.66 30.73 18.58
C VAL A 395 30.35 29.96 18.74
N GLY A 396 29.39 30.55 19.46
CA GLY A 396 28.11 29.89 19.69
C GLY A 396 27.44 29.40 18.42
N VAL A 397 27.44 30.22 17.37
CA VAL A 397 26.70 29.86 16.17
C VAL A 397 27.48 28.87 15.31
N LEU A 398 28.77 29.10 15.08
CA LEU A 398 29.57 28.16 14.29
C LEU A 398 29.49 26.73 14.84
N ILE A 399 29.78 26.55 16.13
CA ILE A 399 29.79 25.20 16.66
C ILE A 399 28.38 24.61 16.62
N PHE A 400 27.34 25.39 16.92
CA PHE A 400 25.99 24.83 16.84
C PHE A 400 25.62 24.45 15.41
N ALA A 401 26.01 25.28 14.43
CA ALA A 401 25.67 24.98 13.05
C ALA A 401 26.55 23.88 12.47
N ALA A 402 27.86 23.99 12.63
CA ALA A 402 28.77 23.01 12.03
C ALA A 402 28.73 21.64 12.68
N PHE A 403 28.03 21.45 13.80
CA PHE A 403 27.96 20.13 14.44
C PHE A 403 27.34 19.17 13.44
N PRO A 404 28.07 18.15 12.94
CA PRO A 404 27.54 17.29 11.85
C PRO A 404 26.21 16.67 12.21
N SER A 405 25.16 17.18 11.65
CA SER A 405 23.84 16.93 12.21
C SER A 405 23.08 15.85 11.45
N PRO A 406 23.20 15.70 10.14
CA PRO A 406 22.62 14.51 9.51
C PRO A 406 23.18 13.22 10.12
N PRO A 407 24.56 13.04 10.27
CA PRO A 407 25.08 11.80 10.92
C PRO A 407 24.85 11.72 12.43
N LEU A 408 25.15 12.81 13.15
CA LEU A 408 25.05 12.90 14.61
C LEU A 408 23.74 13.55 15.06
N SER A 409 23.77 14.29 16.16
CA SER A 409 22.63 15.09 16.59
C SER A 409 23.12 16.25 17.42
N LYS A 410 22.36 17.33 17.37
CA LYS A 410 22.72 18.55 18.05
C LYS A 410 22.40 18.48 19.54
N GLU A 411 21.77 17.40 19.99
CA GLU A 411 21.68 17.18 21.42
C GLU A 411 23.01 16.69 21.99
N CYS A 412 23.96 16.33 21.13
CA CYS A 412 25.26 15.84 21.54
C CYS A 412 26.22 16.92 21.98
N ILE A 413 25.86 18.20 21.82
CA ILE A 413 26.80 19.28 22.12
C ILE A 413 27.13 19.29 23.61
N GLU A 414 28.39 18.96 23.92
CA GLU A 414 28.88 18.89 25.29
C GLU A 414 29.07 20.31 25.85
N PRO A 415 28.78 20.52 27.14
CA PRO A 415 28.99 21.85 27.74
C PRO A 415 30.41 22.43 27.58
N ASN A 416 31.45 21.60 27.59
CA ASN A 416 32.75 22.00 27.04
C ASN A 416 32.82 21.46 25.61
N PHE A 417 32.65 22.34 24.62
CA PHE A 417 32.57 21.85 23.25
C PHE A 417 33.87 21.20 22.80
N LEU A 418 35.00 21.49 23.48
CA LEU A 418 36.25 20.77 23.20
C LEU A 418 36.20 19.31 23.63
N ASP A 419 35.17 18.92 24.39
CA ASP A 419 34.90 17.53 24.76
C ASP A 419 34.04 16.79 23.74
N ASN A 420 33.43 17.52 22.80
CA ASN A 420 32.82 16.91 21.62
C ASN A 420 33.86 16.49 20.59
N PHE A 421 35.13 16.51 20.95
CA PHE A 421 36.24 16.16 20.09
C PHE A 421 37.09 15.10 20.77
N PRO A 422 37.73 14.22 20.00
CA PRO A 422 38.41 13.08 20.59
C PRO A 422 39.62 13.43 21.46
N SER A 423 40.21 12.38 22.06
CA SER A 423 41.35 12.51 22.96
C SER A 423 42.61 12.98 22.23
N SER A 424 42.57 13.07 20.90
CA SER A 424 43.78 13.28 20.11
C SER A 424 43.52 14.17 18.91
N ASP A 425 42.66 15.17 19.03
CA ASP A 425 42.60 16.20 17.99
C ASP A 425 43.82 17.11 18.15
N ILE A 426 44.73 17.04 17.18
CA ILE A 426 46.02 17.74 17.32
C ILE A 426 45.78 19.23 17.47
N LEU A 427 44.92 19.79 16.61
CA LEU A 427 44.59 21.21 16.72
C LEU A 427 44.00 21.53 18.07
N VAL A 428 43.03 20.74 18.52
CA VAL A 428 42.44 20.92 19.85
C VAL A 428 43.50 20.74 20.93
N PHE A 429 44.39 19.77 20.73
CA PHE A 429 45.44 19.55 21.72
C PHE A 429 46.30 20.80 21.84
N VAL A 430 46.64 21.43 20.71
CA VAL A 430 47.32 22.71 20.75
C VAL A 430 46.49 23.71 21.52
N ALA A 431 45.18 23.78 21.22
CA ALA A 431 44.30 24.66 21.95
C ALA A 431 44.24 24.27 23.42
N ARG A 432 44.11 22.97 23.70
CA ARG A 432 44.09 22.52 25.09
C ARG A 432 45.41 22.81 25.79
N THR A 433 46.53 22.60 25.10
CA THR A 433 47.80 22.91 25.72
C THR A 433 47.91 24.40 25.98
N PHE A 434 47.51 25.22 24.99
CA PHE A 434 47.49 26.67 25.19
C PHE A 434 46.54 27.06 26.31
N LEU A 435 45.33 26.51 26.29
CA LEU A 435 44.40 26.80 27.37
C LEU A 435 44.94 26.30 28.71
N LEU A 436 45.62 25.16 28.69
CA LEU A 436 46.24 24.67 29.93
C LEU A 436 47.33 25.63 30.40
N PHE A 437 48.17 26.11 29.47
CA PHE A 437 49.22 27.08 29.82
C PHE A 437 48.63 28.32 30.46
N GLN A 438 47.71 28.99 29.76
CA GLN A 438 47.04 30.16 30.29
C GLN A 438 46.36 29.88 31.63
N MET A 439 45.51 28.84 31.68
CA MET A 439 44.66 28.62 32.86
C MET A 439 45.46 28.38 34.13
N THR A 440 46.62 27.74 34.02
CA THR A 440 47.39 27.47 35.24
C THR A 440 47.98 28.75 35.81
N THR A 441 48.24 29.76 34.98
CA THR A 441 48.84 31.00 35.42
C THR A 441 47.84 31.99 36.02
N VAL A 442 46.62 31.54 36.32
CA VAL A 442 45.59 32.46 36.81
C VAL A 442 44.85 31.96 38.05
N TYR A 443 44.84 30.65 38.33
CA TYR A 443 44.17 30.15 39.54
C TYR A 443 44.72 30.73 40.84
N PRO A 444 46.05 30.80 41.06
CA PRO A 444 46.55 31.29 42.37
C PRO A 444 46.05 32.67 42.74
N LEU A 445 45.89 33.57 41.75
CA LEU A 445 45.45 34.93 42.02
C LEU A 445 44.13 34.93 42.78
N LEU A 446 43.20 34.08 42.36
CA LEU A 446 41.93 33.95 43.04
C LEU A 446 42.10 33.56 44.51
N GLY A 447 43.20 32.88 44.86
CA GLY A 447 43.44 32.56 46.26
C GLY A 447 43.79 33.79 47.06
N TYR A 448 44.69 34.62 46.54
CA TYR A 448 44.92 35.94 47.12
C TYR A 448 43.64 36.78 47.05
N LEU A 449 42.87 36.61 45.97
CA LEU A 449 41.62 37.35 45.80
C LEU A 449 40.56 36.94 46.81
N VAL A 450 40.47 35.65 47.14
CA VAL A 450 39.40 35.19 48.01
C VAL A 450 39.66 35.58 49.46
N ARG A 451 40.92 35.47 49.91
CA ARG A 451 41.24 35.70 51.31
C ARG A 451 41.30 37.19 51.63
N VAL A 452 41.78 38.01 50.70
CA VAL A 452 41.74 39.47 50.86
C VAL A 452 40.30 39.94 51.02
N GLN A 453 39.34 39.13 50.57
CA GLN A 453 37.93 39.45 50.71
C GLN A 453 37.38 38.74 51.95
N HIS A 468 43.65 32.04 61.09
CA HIS A 468 44.58 32.57 60.10
C HIS A 468 45.60 31.52 59.67
N VAL A 469 45.10 30.30 59.43
CA VAL A 469 45.91 29.25 58.82
C VAL A 469 45.50 29.13 57.36
N PHE A 470 46.14 28.29 56.61
CA PHE A 470 45.76 27.94 55.24
C PHE A 470 44.54 26.97 55.26
N VAL A 471 43.48 27.28 56.02
CA VAL A 471 42.36 26.34 56.08
C VAL A 471 41.28 26.70 55.07
N LEU A 472 40.89 27.98 55.08
CA LEU A 472 40.09 28.58 54.02
C LEU A 472 40.78 28.33 52.70
N ASN A 473 42.09 28.58 52.67
CA ASN A 473 42.82 28.61 51.39
C ASN A 473 43.04 27.19 50.86
N VAL A 474 43.17 26.18 51.75
CA VAL A 474 43.08 24.77 51.29
C VAL A 474 41.62 24.36 51.08
N PHE A 475 40.67 25.09 51.66
CA PHE A 475 39.25 24.82 51.45
C PHE A 475 38.87 24.99 49.99
N VAL A 476 39.28 26.10 49.36
CA VAL A 476 38.93 26.28 47.95
C VAL A 476 39.70 25.28 47.10
N VAL A 477 40.95 24.99 47.46
CA VAL A 477 41.71 23.96 46.76
C VAL A 477 41.02 22.61 46.87
N GLY A 478 40.56 22.28 48.08
CA GLY A 478 39.85 21.02 48.25
C GLY A 478 38.54 21.00 47.48
N ALA A 479 37.87 22.15 47.37
CA ALA A 479 36.62 22.22 46.64
C ALA A 479 36.81 21.90 45.15
N GLY A 480 37.92 22.35 44.56
CA GLY A 480 38.23 22.00 43.18
C GLY A 480 38.37 20.51 42.95
N VAL A 481 39.25 19.87 43.73
CA VAL A 481 39.52 18.43 43.56
C VAL A 481 38.25 17.61 43.71
N LEU A 482 37.47 17.88 44.75
CA LEU A 482 36.27 17.11 45.02
C LEU A 482 35.27 17.19 43.87
N MET A 483 35.09 18.38 43.29
CA MET A 483 34.07 18.57 42.27
C MET A 483 34.35 17.76 41.02
N ALA A 484 35.60 17.76 40.56
CA ALA A 484 35.94 17.06 39.32
C ALA A 484 35.78 15.54 39.43
N ARG A 485 35.85 14.98 40.64
CA ARG A 485 35.76 13.52 40.80
C ARG A 485 34.33 13.00 40.94
N PHE A 486 33.37 13.82 41.37
CA PHE A 486 31.99 13.35 41.50
C PHE A 486 31.04 13.91 40.44
N TYR A 487 30.85 15.23 40.38
CA TYR A 487 29.93 15.84 39.42
C TYR A 487 30.67 16.83 38.51
N PRO A 488 31.13 16.40 37.32
CA PRO A 488 31.96 17.27 36.50
C PRO A 488 31.25 17.81 35.27
N ASN A 489 30.16 18.54 35.45
CA ASN A 489 29.44 19.16 34.32
C ASN A 489 29.67 20.67 34.38
N ILE A 490 30.46 21.18 33.43
CA ILE A 490 30.63 22.63 33.28
C ILE A 490 29.30 23.35 33.18
N GLY A 491 28.30 22.72 32.55
CA GLY A 491 27.03 23.40 32.28
C GLY A 491 26.24 23.72 33.53
N SER A 492 26.07 22.75 34.43
CA SER A 492 25.29 22.97 35.64
C SER A 492 25.99 23.94 36.58
N ILE A 493 27.31 23.80 36.77
CA ILE A 493 28.04 24.65 37.70
C ILE A 493 27.93 26.11 37.31
N ILE A 494 28.23 26.43 36.04
CA ILE A 494 28.26 27.82 35.62
C ILE A 494 26.88 28.45 35.68
N ARG A 495 25.85 27.72 35.28
CA ARG A 495 24.50 28.30 35.26
C ARG A 495 24.00 28.59 36.68
N TYR A 496 24.31 27.73 37.65
CA TYR A 496 23.83 27.98 39.00
C TYR A 496 24.61 29.11 39.67
N SER A 497 25.94 29.06 39.61
CA SER A 497 26.76 30.10 40.24
C SER A 497 26.49 31.47 39.63
N GLY A 498 26.45 31.54 38.29
CA GLY A 498 26.20 32.82 37.63
C GLY A 498 24.86 33.42 38.00
N ALA A 499 23.81 32.59 38.03
CA ALA A 499 22.49 33.08 38.41
C ALA A 499 22.46 33.49 39.88
N LEU A 500 23.19 32.75 40.73
CA LEU A 500 23.21 33.06 42.15
C LEU A 500 23.87 34.41 42.41
N CYS A 501 25.17 34.53 42.11
CA CYS A 501 25.84 35.79 42.35
C CYS A 501 25.26 36.91 41.48
N GLY A 502 24.63 36.56 40.35
CA GLY A 502 24.01 37.56 39.53
C GLY A 502 22.63 37.99 40.00
N LEU A 503 21.99 37.19 40.85
CA LEU A 503 20.78 37.65 41.53
C LEU A 503 21.01 39.01 42.15
N ALA A 504 22.05 39.14 42.97
CA ALA A 504 22.34 40.36 43.72
C ALA A 504 23.31 41.27 42.97
N LEU A 505 24.51 40.77 42.66
CA LEU A 505 25.55 41.63 42.10
C LEU A 505 25.25 42.17 40.71
N VAL A 506 24.29 41.59 39.97
CA VAL A 506 23.99 42.10 38.63
C VAL A 506 22.53 42.53 38.51
N PHE A 507 21.60 41.87 39.22
CA PHE A 507 20.21 42.23 38.98
C PHE A 507 19.62 43.20 40.02
N VAL A 508 19.43 42.75 41.25
CA VAL A 508 18.72 43.57 42.22
C VAL A 508 19.59 44.73 42.75
N LEU A 509 20.71 44.39 43.43
CA LEU A 509 21.52 45.42 44.10
C LEU A 509 21.84 46.64 43.25
N PRO A 510 22.36 46.52 42.02
CA PRO A 510 22.58 47.75 41.24
C PRO A 510 21.29 48.51 41.01
N SER A 511 20.17 47.79 40.91
CA SER A 511 18.87 48.43 40.79
C SER A 511 18.42 49.05 42.10
N LEU A 512 18.70 48.38 43.24
CA LEU A 512 18.39 48.97 44.54
C LEU A 512 19.24 50.20 44.82
N ILE A 513 20.54 50.10 44.60
CA ILE A 513 21.43 51.25 44.76
C ILE A 513 20.86 52.47 44.03
N HIS A 514 20.44 52.27 42.78
CA HIS A 514 19.95 53.38 41.97
C HIS A 514 18.62 53.93 42.45
N MET A 515 17.62 53.06 42.66
CA MET A 515 16.30 53.52 43.07
C MET A 515 16.33 54.29 44.39
N VAL A 516 17.05 53.77 45.39
CA VAL A 516 17.17 54.49 46.66
C VAL A 516 17.86 55.83 46.44
N SER A 517 18.90 55.84 45.61
CA SER A 517 19.62 57.05 45.23
C SER A 517 18.74 58.02 44.43
N LEU A 518 17.43 57.74 44.33
CA LEU A 518 16.47 58.70 43.81
C LEU A 518 15.71 59.42 44.93
N LYS A 519 16.34 59.58 46.09
CA LYS A 519 15.85 60.44 47.16
C LYS A 519 15.83 61.90 46.72
N THR A 527 7.21 54.72 36.65
CA THR A 527 7.62 54.25 35.33
C THR A 527 9.02 53.62 35.38
N SER A 528 9.99 54.37 35.94
CA SER A 528 11.33 53.81 36.14
C SER A 528 11.33 52.73 37.21
N THR A 529 10.52 52.92 38.25
CA THR A 529 10.39 51.93 39.31
C THR A 529 9.90 50.59 38.77
N LEU A 530 8.92 50.64 37.86
CA LEU A 530 8.35 49.41 37.31
C LEU A 530 9.39 48.68 36.48
N PHE A 531 10.10 49.41 35.61
CA PHE A 531 11.20 48.85 34.85
C PHE A 531 12.22 48.17 35.74
N HIS A 532 12.69 48.87 36.78
CA HIS A 532 13.76 48.33 37.61
C HIS A 532 13.28 47.16 38.47
N GLY A 533 12.00 47.15 38.88
CA GLY A 533 11.47 45.97 39.53
C GLY A 533 11.45 44.78 38.61
N PHE A 534 11.11 45.02 37.34
CA PHE A 534 11.12 43.95 36.34
C PHE A 534 12.51 43.35 36.21
N LEU A 535 13.56 44.17 36.32
CA LEU A 535 14.91 43.65 36.36
C LEU A 535 15.13 42.81 37.60
N ILE A 536 14.64 43.28 38.75
CA ILE A 536 14.68 42.48 39.97
C ILE A 536 13.98 41.14 39.76
N LEU A 537 12.84 41.14 39.07
CA LEU A 537 12.10 39.90 38.89
C LEU A 537 12.85 38.93 37.99
N LEU A 538 13.55 39.43 36.96
CA LEU A 538 14.30 38.53 36.10
C LEU A 538 15.39 37.81 36.88
N GLY A 539 16.13 38.55 37.72
CA GLY A 539 17.12 37.91 38.57
C GLY A 539 16.54 36.87 39.49
N VAL A 540 15.27 37.04 39.89
CA VAL A 540 14.58 36.04 40.69
C VAL A 540 14.23 34.81 39.85
N ALA A 541 13.57 35.04 38.70
CA ALA A 541 13.20 33.93 37.83
C ALA A 541 14.41 33.23 37.26
N ASN A 542 15.55 33.92 37.19
CA ASN A 542 16.81 33.30 36.80
C ASN A 542 17.15 32.14 37.74
N LEU A 543 17.22 32.42 39.04
CA LEU A 543 17.56 31.37 40.00
C LEU A 543 16.46 30.32 40.08
N LEU A 544 15.21 30.75 40.23
CA LEU A 544 14.11 29.79 40.33
C LEU A 544 13.99 28.96 39.06
N GLY A 545 14.26 29.55 37.90
CA GLY A 545 14.21 28.82 36.65
C GLY A 545 15.30 27.79 36.48
N GLN A 546 16.37 27.90 37.24
CA GLN A 546 17.40 26.86 37.22
C GLN A 546 16.95 25.61 37.96
N PHE A 547 15.99 25.74 38.90
CA PHE A 547 15.55 24.59 39.68
C PHE A 547 14.53 23.80 38.90
N PHE A 548 13.51 24.46 38.37
CA PHE A 548 12.69 23.87 37.31
C PHE A 548 13.59 23.11 36.34
N MET A 549 13.39 21.81 36.25
CA MET A 549 14.28 20.95 35.46
C MET A 549 13.47 19.87 34.75
N ASP B 75 -57.01 -38.24 -23.24
CA ASP B 75 -56.60 -39.21 -24.25
C ASP B 75 -55.42 -38.70 -25.12
N HIS B 76 -55.50 -37.48 -25.66
CA HIS B 76 -54.42 -36.89 -26.48
C HIS B 76 -53.55 -35.97 -25.60
N VAL B 77 -52.23 -36.29 -25.48
CA VAL B 77 -51.32 -35.69 -24.47
C VAL B 77 -50.52 -34.53 -25.08
N ILE B 78 -50.25 -33.51 -24.26
CA ILE B 78 -49.66 -32.23 -24.67
C ILE B 78 -48.38 -31.86 -23.90
N PRO B 79 -47.18 -32.16 -24.41
CA PRO B 79 -45.95 -31.80 -23.67
C PRO B 79 -45.78 -30.29 -23.66
N SER B 80 -45.70 -29.71 -22.47
CA SER B 80 -46.14 -28.33 -22.39
C SER B 80 -45.74 -27.53 -21.16
N HIS B 81 -44.88 -28.08 -20.30
CA HIS B 81 -44.69 -27.63 -18.93
C HIS B 81 -46.03 -27.49 -18.19
N GLU B 82 -47.15 -27.82 -18.86
CA GLU B 82 -48.50 -27.75 -18.32
C GLU B 82 -49.21 -29.10 -18.30
N ASP B 83 -50.39 -29.20 -18.94
CA ASP B 83 -51.34 -30.31 -18.83
C ASP B 83 -51.64 -31.02 -20.17
N ILE B 84 -52.60 -31.96 -20.12
CA ILE B 84 -53.08 -32.80 -21.24
C ILE B 84 -54.58 -32.61 -21.42
N TYR B 85 -55.16 -33.28 -22.42
CA TYR B 85 -56.58 -33.10 -22.72
C TYR B 85 -57.22 -34.40 -23.19
N ILE B 86 -58.53 -34.50 -22.97
CA ILE B 86 -59.41 -35.40 -23.71
C ILE B 86 -60.45 -34.52 -24.38
N TYR B 87 -60.79 -34.85 -25.63
CA TYR B 87 -61.75 -34.10 -26.45
C TYR B 87 -62.91 -33.46 -25.69
N SER B 88 -64.13 -33.99 -25.89
CA SER B 88 -65.38 -33.66 -25.21
C SER B 88 -66.58 -34.22 -25.97
N PRO B 89 -66.59 -34.22 -27.33
CA PRO B 89 -67.75 -34.80 -28.02
C PRO B 89 -67.50 -36.25 -28.44
N LEU B 90 -66.88 -36.42 -29.61
CA LEU B 90 -66.67 -37.73 -30.20
C LEU B 90 -65.68 -37.64 -31.35
N LYS B 104 -54.98 -47.37 -21.39
CA LYS B 104 -55.00 -48.46 -20.42
C LYS B 104 -53.55 -48.91 -20.18
N ASN B 105 -52.94 -48.36 -19.11
CA ASN B 105 -51.55 -47.92 -19.06
C ASN B 105 -50.69 -48.69 -18.05
N PRO B 106 -49.49 -49.09 -18.43
CA PRO B 106 -48.66 -49.97 -17.58
C PRO B 106 -47.74 -49.32 -16.54
N SER B 107 -48.20 -48.32 -15.80
CA SER B 107 -47.46 -47.76 -14.65
C SER B 107 -46.16 -47.03 -15.01
N ILE B 108 -45.24 -47.65 -15.75
CA ILE B 108 -44.03 -46.94 -16.12
C ILE B 108 -44.37 -45.71 -16.96
N VAL B 109 -45.23 -45.90 -17.97
CA VAL B 109 -45.60 -44.80 -18.87
C VAL B 109 -46.35 -43.71 -18.11
N THR B 110 -47.01 -44.07 -17.01
CA THR B 110 -47.64 -43.07 -16.15
C THR B 110 -46.58 -42.16 -15.53
N ILE B 111 -45.49 -42.75 -15.01
CA ILE B 111 -44.39 -41.94 -14.49
C ILE B 111 -43.79 -41.10 -15.62
N PHE B 112 -43.52 -41.74 -16.76
CA PHE B 112 -43.02 -41.02 -17.91
C PHE B 112 -43.95 -39.88 -18.28
N ALA B 113 -45.25 -40.18 -18.37
CA ALA B 113 -46.22 -39.17 -18.79
C ALA B 113 -46.24 -37.98 -17.85
N ILE B 114 -46.22 -38.22 -16.54
CA ILE B 114 -46.16 -37.10 -15.60
C ILE B 114 -44.88 -36.31 -15.83
N TRP B 115 -43.79 -37.01 -16.15
CA TRP B 115 -42.54 -36.32 -16.42
C TRP B 115 -42.64 -35.56 -17.72
N ASN B 116 -42.92 -36.26 -18.83
CA ASN B 116 -42.88 -35.63 -20.15
C ASN B 116 -43.82 -34.44 -20.25
N THR B 117 -44.98 -34.51 -19.62
CA THR B 117 -45.89 -33.39 -19.69
C THR B 117 -45.33 -32.16 -18.99
N MET B 118 -44.77 -32.34 -17.79
CA MET B 118 -44.27 -31.18 -17.06
C MET B 118 -42.94 -30.67 -17.60
N MET B 119 -42.24 -31.47 -18.39
CA MET B 119 -41.01 -31.00 -19.02
C MET B 119 -41.34 -30.20 -20.28
N GLY B 120 -40.61 -29.13 -20.50
CA GLY B 120 -40.77 -28.37 -21.72
C GLY B 120 -40.19 -26.98 -21.56
N THR B 121 -40.90 -25.94 -22.01
CA THR B 121 -40.33 -24.60 -21.91
C THR B 121 -40.16 -24.12 -20.46
N SER B 122 -40.57 -24.93 -19.49
CA SER B 122 -40.35 -24.63 -18.09
C SER B 122 -38.88 -24.71 -17.71
N ILE B 123 -38.11 -25.60 -18.37
CA ILE B 123 -36.73 -25.84 -17.98
C ILE B 123 -35.89 -24.61 -18.21
N LEU B 124 -36.37 -23.70 -19.04
CA LEU B 124 -35.59 -22.54 -19.42
C LEU B 124 -35.42 -21.57 -18.26
N SER B 125 -36.35 -21.56 -17.30
CA SER B 125 -36.27 -20.59 -16.22
C SER B 125 -35.58 -21.09 -14.98
N ILE B 126 -35.33 -22.39 -14.84
CA ILE B 126 -34.74 -22.90 -13.60
C ILE B 126 -33.40 -22.26 -13.31
N PRO B 127 -32.42 -22.20 -14.23
CA PRO B 127 -31.18 -21.50 -13.92
C PRO B 127 -31.40 -20.10 -13.42
N TRP B 128 -32.27 -19.34 -14.09
CA TRP B 128 -32.50 -17.97 -13.67
C TRP B 128 -33.13 -17.89 -12.28
N GLY B 129 -34.05 -18.81 -11.95
CA GLY B 129 -34.67 -18.77 -10.65
C GLY B 129 -33.67 -18.96 -9.51
N ILE B 130 -32.83 -20.01 -9.61
CA ILE B 130 -31.77 -20.25 -8.62
C ILE B 130 -30.94 -18.99 -8.39
N LYS B 131 -30.52 -18.35 -9.49
CA LYS B 131 -29.75 -17.12 -9.40
C LYS B 131 -30.50 -16.05 -8.61
N GLN B 132 -31.84 -16.02 -8.76
CA GLN B 132 -32.67 -15.03 -8.09
C GLN B 132 -32.74 -15.24 -6.58
N ALA B 133 -32.53 -16.47 -6.12
CA ALA B 133 -32.50 -16.76 -4.70
C ALA B 133 -31.08 -16.85 -4.14
N GLY B 134 -30.10 -17.00 -5.02
CA GLY B 134 -28.84 -17.53 -4.58
C GLY B 134 -28.79 -19.03 -4.83
N PHE B 135 -27.56 -19.55 -4.92
CA PHE B 135 -27.39 -20.95 -5.29
C PHE B 135 -27.97 -21.88 -4.23
N THR B 136 -27.47 -21.79 -3.00
CA THR B 136 -27.98 -22.66 -1.94
C THR B 136 -29.47 -22.48 -1.74
N LEU B 137 -29.90 -21.24 -1.48
CA LEU B 137 -31.30 -21.02 -1.14
C LEU B 137 -32.17 -21.59 -2.24
N GLY B 138 -31.72 -21.43 -3.49
CA GLY B 138 -32.41 -22.00 -4.62
C GLY B 138 -32.47 -23.52 -4.60
N ILE B 139 -31.37 -24.17 -4.24
CA ILE B 139 -31.39 -25.64 -4.17
C ILE B 139 -32.42 -26.10 -3.14
N ILE B 140 -32.43 -25.47 -1.96
CA ILE B 140 -33.43 -25.75 -0.94
C ILE B 140 -34.83 -25.54 -1.50
N ILE B 141 -35.05 -24.44 -2.22
CA ILE B 141 -36.39 -24.14 -2.70
C ILE B 141 -36.84 -25.22 -3.67
N ILE B 142 -35.96 -25.68 -4.57
CA ILE B 142 -36.38 -26.70 -5.54
C ILE B 142 -36.82 -27.99 -4.83
N VAL B 143 -36.09 -28.39 -3.80
CA VAL B 143 -36.50 -29.58 -3.03
C VAL B 143 -37.84 -29.32 -2.35
N LEU B 144 -37.91 -28.29 -1.50
CA LEU B 144 -39.17 -27.97 -0.83
C LEU B 144 -40.31 -27.77 -1.83
N MET B 145 -40.11 -26.89 -2.82
CA MET B 145 -41.15 -26.69 -3.82
C MET B 145 -41.44 -27.95 -4.60
N GLY B 146 -40.45 -28.84 -4.73
CA GLY B 146 -40.74 -30.17 -5.26
C GLY B 146 -41.63 -30.99 -4.33
N LEU B 147 -41.22 -31.08 -3.05
CA LEU B 147 -41.96 -31.90 -2.08
C LEU B 147 -43.37 -31.36 -1.87
N LEU B 148 -43.51 -30.05 -1.66
CA LEU B 148 -44.83 -29.47 -1.39
C LEU B 148 -45.78 -29.73 -2.55
N THR B 149 -45.33 -29.47 -3.79
CA THR B 149 -46.22 -29.73 -4.91
C THR B 149 -46.57 -31.20 -5.00
N LEU B 150 -45.65 -32.09 -4.61
CA LEU B 150 -45.96 -33.52 -4.64
C LEU B 150 -47.10 -33.85 -3.68
N TYR B 151 -47.04 -33.29 -2.47
CA TYR B 151 -48.13 -33.51 -1.53
C TYR B 151 -49.45 -33.02 -2.11
N CYS B 152 -49.44 -31.82 -2.70
CA CYS B 152 -50.66 -31.25 -3.24
C CYS B 152 -51.17 -31.95 -4.49
N CYS B 153 -50.33 -32.70 -5.22
CA CYS B 153 -50.86 -33.39 -6.38
C CYS B 153 -51.57 -34.69 -5.96
N TYR B 154 -50.97 -35.43 -5.03
CA TYR B 154 -51.64 -36.44 -4.21
C TYR B 154 -53.05 -36.01 -3.76
N ARG B 155 -53.15 -34.90 -3.02
CA ARG B 155 -54.44 -34.45 -2.49
C ARG B 155 -55.51 -34.32 -3.58
N VAL B 156 -55.15 -33.68 -4.71
CA VAL B 156 -56.09 -33.56 -5.83
C VAL B 156 -56.47 -34.93 -6.36
N LEU B 157 -55.50 -35.84 -6.42
CA LEU B 157 -55.76 -37.19 -6.91
C LEU B 157 -56.71 -37.95 -5.98
N LYS B 158 -56.54 -37.78 -4.66
CA LYS B 158 -57.35 -38.46 -3.65
C LYS B 158 -58.74 -37.82 -3.46
N SER B 159 -58.98 -36.61 -3.98
CA SER B 159 -60.22 -35.88 -3.71
C SER B 159 -61.49 -36.50 -4.31
N THR B 160 -61.37 -37.34 -5.34
CA THR B 160 -62.56 -38.08 -5.78
C THR B 160 -62.98 -39.15 -4.79
N LYS B 161 -62.17 -39.43 -3.76
CA LYS B 161 -62.38 -40.54 -2.82
C LYS B 161 -62.90 -40.09 -1.44
N PRO B 174 -62.47 -35.01 -12.99
CA PRO B 174 -61.45 -33.95 -12.89
C PRO B 174 -61.74 -33.05 -11.70
N ASP B 175 -61.12 -31.87 -11.60
CA ASP B 175 -61.52 -30.95 -10.53
C ASP B 175 -62.88 -30.32 -10.86
N VAL B 176 -63.82 -31.21 -11.20
CA VAL B 176 -65.26 -30.97 -11.23
C VAL B 176 -65.81 -30.88 -9.81
N CYS B 177 -64.95 -31.03 -8.80
CA CYS B 177 -65.36 -30.85 -7.41
C CYS B 177 -65.68 -29.40 -7.12
N LYS B 178 -65.23 -28.91 -5.97
CA LYS B 178 -65.46 -27.54 -5.56
C LYS B 178 -66.97 -27.28 -5.48
N TYR B 179 -67.76 -28.35 -5.67
CA TYR B 179 -69.15 -28.37 -5.29
C TYR B 179 -69.26 -28.31 -3.77
N TYR B 180 -68.20 -28.77 -3.07
CA TYR B 180 -68.12 -28.54 -1.63
C TYR B 180 -68.48 -27.10 -1.31
N PHE B 181 -68.03 -26.20 -2.17
CA PHE B 181 -68.21 -24.76 -2.08
C PHE B 181 -69.27 -24.31 -3.09
N GLY B 182 -69.13 -24.72 -4.35
CA GLY B 182 -70.18 -24.56 -5.32
C GLY B 182 -70.33 -23.15 -5.81
N GLY B 183 -70.24 -22.95 -7.12
CA GLY B 183 -70.30 -21.61 -7.67
C GLY B 183 -69.03 -20.86 -7.35
N PHE B 184 -68.99 -20.22 -6.18
CA PHE B 184 -67.75 -19.60 -5.68
C PHE B 184 -66.67 -20.66 -5.48
N GLY B 185 -66.99 -21.91 -5.83
CA GLY B 185 -66.04 -22.99 -5.96
C GLY B 185 -65.80 -23.38 -7.41
N LYS B 186 -66.87 -23.52 -8.18
CA LYS B 186 -66.72 -23.82 -9.62
C LYS B 186 -66.08 -22.67 -10.36
N TRP B 187 -66.53 -21.43 -10.10
CA TRP B 187 -65.99 -20.28 -10.82
C TRP B 187 -64.54 -20.04 -10.45
N SER B 188 -64.20 -20.16 -9.17
CA SER B 188 -62.81 -20.02 -8.76
C SER B 188 -61.94 -21.07 -9.44
N SER B 189 -62.44 -22.30 -9.57
CA SER B 189 -61.72 -23.30 -10.34
C SER B 189 -61.62 -22.90 -11.82
N LEU B 190 -62.68 -22.31 -12.39
CA LEU B 190 -62.67 -21.99 -13.82
C LEU B 190 -61.70 -20.86 -14.16
N VAL B 191 -61.75 -19.78 -13.39
CA VAL B 191 -60.94 -18.61 -13.71
C VAL B 191 -59.44 -18.95 -13.67
N PHE B 192 -59.01 -19.64 -12.60
CA PHE B 192 -57.60 -19.98 -12.46
C PHE B 192 -57.14 -21.03 -13.43
N SER B 193 -58.01 -21.98 -13.80
CA SER B 193 -57.59 -22.92 -14.85
C SER B 193 -57.40 -22.21 -16.18
N LEU B 194 -58.15 -21.15 -16.47
CA LEU B 194 -57.84 -20.37 -17.67
C LEU B 194 -56.61 -19.49 -17.50
N VAL B 195 -56.39 -18.92 -16.31
CA VAL B 195 -55.17 -18.14 -16.09
C VAL B 195 -53.94 -19.00 -16.35
N SER B 196 -53.97 -20.25 -15.91
CA SER B 196 -52.93 -21.22 -16.26
C SER B 196 -52.80 -21.35 -17.78
N LEU B 197 -53.91 -21.56 -18.48
CA LEU B 197 -53.89 -21.76 -19.93
C LEU B 197 -53.45 -20.52 -20.69
N ILE B 198 -54.18 -19.40 -20.53
CA ILE B 198 -53.86 -18.24 -21.34
C ILE B 198 -52.49 -17.70 -20.97
N GLY B 199 -52.11 -17.79 -19.68
CA GLY B 199 -50.77 -17.36 -19.29
C GLY B 199 -49.68 -18.15 -19.99
N ALA B 200 -49.91 -19.43 -20.23
CA ALA B 200 -48.95 -20.24 -20.96
C ALA B 200 -49.00 -20.01 -22.47
N MET B 201 -50.17 -19.66 -23.02
CA MET B 201 -50.25 -19.32 -24.44
C MET B 201 -49.53 -18.00 -24.74
N VAL B 202 -49.42 -17.11 -23.74
CA VAL B 202 -48.64 -15.89 -23.92
C VAL B 202 -47.15 -16.22 -23.99
N VAL B 203 -46.64 -16.98 -23.01
CA VAL B 203 -45.22 -17.29 -22.99
C VAL B 203 -44.85 -18.18 -24.17
N TYR B 204 -45.81 -18.95 -24.69
CA TYR B 204 -45.62 -19.58 -25.99
C TYR B 204 -45.35 -18.53 -27.07
N TRP B 205 -46.13 -17.43 -27.06
CA TRP B 205 -45.97 -16.39 -28.07
C TRP B 205 -44.62 -15.69 -27.95
N VAL B 206 -44.26 -15.27 -26.74
CA VAL B 206 -42.97 -14.61 -26.53
C VAL B 206 -41.83 -15.50 -27.01
N LEU B 207 -41.84 -16.76 -26.59
CA LEU B 207 -40.75 -17.66 -26.92
C LEU B 207 -40.75 -18.06 -28.40
N MET B 208 -41.92 -18.07 -29.06
CA MET B 208 -41.88 -18.34 -30.50
C MET B 208 -41.25 -17.18 -31.27
N SER B 209 -41.43 -15.94 -30.82
CA SER B 209 -40.75 -14.84 -31.49
C SER B 209 -39.24 -14.98 -31.31
N ASN B 210 -38.80 -15.11 -30.05
CA ASN B 210 -37.39 -15.22 -29.73
C ASN B 210 -36.75 -16.36 -30.51
N PHE B 211 -37.46 -17.49 -30.62
CA PHE B 211 -36.91 -18.64 -31.33
C PHE B 211 -36.94 -18.42 -32.84
N LEU B 212 -38.07 -17.94 -33.35
CA LEU B 212 -38.15 -17.59 -34.76
C LEU B 212 -37.10 -16.53 -35.12
N PHE B 213 -37.05 -15.43 -34.36
CA PHE B 213 -36.07 -14.36 -34.59
C PHE B 213 -34.64 -14.91 -34.63
N ASN B 214 -34.26 -15.67 -33.60
CA ASN B 214 -32.92 -16.26 -33.57
C ASN B 214 -32.77 -17.37 -34.58
N THR B 215 -33.84 -18.08 -34.93
CA THR B 215 -33.73 -19.03 -36.04
C THR B 215 -33.52 -18.27 -37.36
N GLY B 216 -34.14 -17.12 -37.52
CA GLY B 216 -33.98 -16.35 -38.74
C GLY B 216 -32.65 -15.62 -38.83
N LYS B 217 -32.25 -14.94 -37.75
CA LYS B 217 -30.96 -14.27 -37.75
C LYS B 217 -29.85 -15.27 -38.05
N PHE B 218 -30.06 -16.54 -37.70
CA PHE B 218 -29.12 -17.60 -38.03
C PHE B 218 -29.15 -17.94 -39.51
N ILE B 219 -30.35 -18.10 -40.08
CA ILE B 219 -30.51 -18.53 -41.47
C ILE B 219 -30.20 -17.38 -42.41
N PHE B 220 -29.94 -16.19 -41.86
CA PHE B 220 -29.40 -15.09 -42.65
C PHE B 220 -27.92 -15.44 -42.85
N ASN B 221 -27.71 -16.35 -43.80
CA ASN B 221 -26.41 -16.97 -44.11
C ASN B 221 -25.75 -17.50 -42.84
N THR B 237 -20.50 -20.75 -32.86
CA THR B 237 -20.17 -19.59 -32.03
C THR B 237 -20.40 -19.94 -30.56
N GLU B 238 -19.33 -20.42 -29.92
CA GLU B 238 -19.45 -21.03 -28.61
C GLU B 238 -19.53 -20.02 -27.48
N ARG B 239 -19.29 -18.75 -27.77
CA ARG B 239 -19.26 -17.75 -26.72
C ARG B 239 -20.57 -17.72 -25.94
N VAL B 240 -20.49 -17.08 -24.79
CA VAL B 240 -21.60 -16.78 -23.91
C VAL B 240 -21.67 -15.28 -23.82
N ILE B 241 -22.88 -14.75 -23.81
CA ILE B 241 -23.13 -13.33 -23.98
C ILE B 241 -24.12 -12.90 -22.89
N CYS B 242 -23.93 -11.69 -22.33
CA CYS B 242 -24.95 -11.07 -21.48
C CYS B 242 -25.80 -10.07 -22.26
N PRO B 243 -26.92 -10.47 -22.85
CA PRO B 243 -27.58 -9.60 -23.83
C PRO B 243 -28.00 -8.26 -23.24
N TYR B 244 -27.67 -7.18 -23.97
CA TYR B 244 -28.09 -5.86 -23.56
C TYR B 244 -29.61 -5.80 -23.57
N PRO B 245 -30.22 -5.14 -22.59
CA PRO B 245 -31.69 -5.11 -22.53
C PRO B 245 -32.26 -4.63 -23.86
N ASP B 246 -33.44 -5.14 -24.22
CA ASP B 246 -34.05 -4.62 -25.43
C ASP B 246 -34.84 -3.35 -25.15
N VAL B 247 -35.23 -3.14 -23.90
CA VAL B 247 -35.80 -1.89 -23.45
C VAL B 247 -34.70 -0.85 -23.34
N GLU B 268 -29.11 -3.28 -42.61
CA GLU B 268 -30.05 -3.45 -41.51
C GLU B 268 -31.40 -3.95 -42.03
N PHE B 269 -31.83 -5.06 -41.43
CA PHE B 269 -33.04 -5.78 -41.78
C PHE B 269 -34.01 -5.62 -40.62
N ASP B 270 -35.29 -5.41 -40.93
CA ASP B 270 -36.31 -5.31 -39.89
C ASP B 270 -37.10 -6.61 -39.74
N HIS B 271 -36.34 -7.64 -39.37
CA HIS B 271 -36.82 -8.96 -38.97
C HIS B 271 -36.75 -9.08 -37.46
N TRP B 272 -37.67 -8.37 -36.78
CA TRP B 272 -37.99 -8.68 -35.37
C TRP B 272 -39.49 -8.51 -35.20
N TRP B 273 -40.29 -9.50 -35.64
CA TRP B 273 -41.75 -9.34 -35.53
C TRP B 273 -42.46 -10.60 -35.03
N SER B 274 -43.20 -10.38 -33.97
CA SER B 274 -44.18 -11.27 -33.41
C SER B 274 -45.51 -11.17 -34.14
N LYS B 275 -45.69 -10.13 -34.96
CA LYS B 275 -46.90 -9.95 -35.75
C LYS B 275 -46.86 -10.79 -37.02
N THR B 276 -45.67 -10.92 -37.61
CA THR B 276 -45.42 -11.77 -38.76
C THR B 276 -45.68 -13.21 -38.32
N ASN B 277 -46.10 -13.37 -37.05
CA ASN B 277 -46.41 -14.66 -36.44
C ASN B 277 -47.90 -14.91 -36.21
N THR B 278 -48.77 -13.89 -36.26
CA THR B 278 -50.20 -14.19 -36.19
C THR B 278 -50.67 -14.85 -37.49
N ILE B 279 -50.24 -14.33 -38.63
CA ILE B 279 -50.66 -14.87 -39.92
C ILE B 279 -50.39 -16.37 -39.97
N PRO B 280 -49.17 -16.86 -39.78
CA PRO B 280 -48.94 -18.30 -39.90
C PRO B 280 -49.46 -19.11 -38.73
N PHE B 281 -50.23 -18.50 -37.83
CA PHE B 281 -50.52 -19.27 -36.63
C PHE B 281 -51.91 -19.06 -36.01
N TYR B 282 -52.44 -17.82 -35.99
CA TYR B 282 -53.81 -17.62 -35.52
C TYR B 282 -54.81 -18.31 -36.44
N LEU B 283 -54.46 -18.49 -37.71
CA LEU B 283 -55.32 -19.25 -38.62
C LEU B 283 -55.53 -20.67 -38.12
N ILE B 284 -54.52 -21.23 -37.46
CA ILE B 284 -54.59 -22.60 -36.99
C ILE B 284 -55.52 -22.79 -35.77
N LEU B 285 -55.76 -21.74 -34.97
CA LEU B 285 -56.52 -21.93 -33.73
C LEU B 285 -58.02 -22.01 -33.95
N LEU B 286 -58.49 -21.78 -35.17
CA LEU B 286 -59.90 -21.80 -35.51
C LEU B 286 -60.49 -23.17 -35.83
N LEU B 287 -59.64 -24.17 -36.07
CA LEU B 287 -60.14 -25.49 -36.45
C LEU B 287 -60.98 -26.12 -35.34
N LEU B 288 -61.92 -26.99 -35.74
CA LEU B 288 -62.55 -27.95 -34.84
C LEU B 288 -63.23 -27.28 -33.64
N SER B 297 -58.03 -32.03 -32.00
CA SER B 297 -57.44 -31.77 -33.31
C SER B 297 -56.38 -32.80 -33.66
N PHE B 298 -55.75 -32.63 -34.82
CA PHE B 298 -54.74 -33.58 -35.22
C PHE B 298 -53.37 -33.18 -34.72
N PHE B 299 -53.20 -31.90 -34.35
CA PHE B 299 -51.91 -31.42 -33.88
C PHE B 299 -51.40 -32.20 -32.69
N ALA B 300 -52.28 -32.93 -32.00
CA ALA B 300 -51.80 -33.79 -30.94
C ALA B 300 -51.00 -34.97 -31.47
N ARG B 301 -51.07 -35.25 -32.78
CA ARG B 301 -50.20 -36.25 -33.39
C ARG B 301 -48.71 -35.87 -33.36
N PHE B 302 -48.37 -34.61 -33.10
CA PHE B 302 -46.98 -34.20 -33.05
C PHE B 302 -46.54 -33.95 -31.61
N THR B 303 -46.65 -34.96 -30.77
CA THR B 303 -46.08 -34.89 -29.43
C THR B 303 -44.60 -35.26 -29.44
N PHE B 304 -44.14 -35.96 -30.48
CA PHE B 304 -42.74 -36.39 -30.52
C PHE B 304 -41.78 -35.20 -30.53
N LEU B 305 -42.21 -34.06 -31.07
CA LEU B 305 -41.38 -32.87 -30.99
C LEU B 305 -41.18 -32.45 -29.54
N GLY B 306 -42.13 -32.80 -28.67
CA GLY B 306 -41.98 -32.51 -27.24
C GLY B 306 -40.80 -33.19 -26.60
N THR B 307 -40.71 -34.51 -26.73
CA THR B 307 -39.59 -35.23 -26.11
C THR B 307 -38.27 -34.90 -26.79
N ILE B 308 -38.27 -34.84 -28.12
CA ILE B 308 -37.06 -34.43 -28.84
C ILE B 308 -36.52 -33.12 -28.27
N SER B 309 -37.39 -32.13 -28.04
CA SER B 309 -36.96 -30.88 -27.45
C SER B 309 -36.32 -31.09 -26.08
N VAL B 310 -37.01 -31.81 -25.17
CA VAL B 310 -36.45 -31.96 -23.83
C VAL B 310 -35.15 -32.77 -23.88
N ILE B 311 -35.10 -33.77 -24.75
CA ILE B 311 -33.88 -34.58 -24.88
C ILE B 311 -32.72 -33.74 -25.40
N TYR B 312 -32.91 -33.12 -26.57
CA TYR B 312 -31.84 -32.32 -27.15
C TYR B 312 -31.43 -31.20 -26.21
N LEU B 313 -32.39 -30.57 -25.54
CA LEU B 313 -32.08 -29.52 -24.57
C LEU B 313 -31.20 -30.05 -23.45
N ILE B 314 -31.53 -31.22 -22.90
CA ILE B 314 -30.72 -31.80 -21.82
C ILE B 314 -29.29 -32.09 -22.30
N PHE B 315 -29.16 -32.65 -23.52
CA PHE B 315 -27.84 -32.88 -24.10
C PHE B 315 -27.07 -31.56 -24.24
N LEU B 316 -27.72 -30.55 -24.80
CA LEU B 316 -27.14 -29.23 -24.95
C LEU B 316 -26.61 -28.71 -23.63
N VAL B 317 -27.45 -28.77 -22.58
CA VAL B 317 -27.03 -28.26 -21.28
C VAL B 317 -25.80 -28.99 -20.79
N THR B 318 -25.73 -30.30 -21.03
CA THR B 318 -24.58 -31.09 -20.59
C THR B 318 -23.32 -30.75 -21.38
N TYR B 319 -23.44 -30.73 -22.72
CA TYR B 319 -22.30 -30.37 -23.56
C TYR B 319 -21.74 -29.02 -23.17
N LYS B 320 -22.62 -28.01 -23.01
CA LYS B 320 -22.18 -26.69 -22.61
C LYS B 320 -21.41 -26.74 -21.28
N ALA B 321 -21.99 -27.36 -20.26
CA ALA B 321 -21.31 -27.39 -18.96
C ALA B 321 -19.95 -28.05 -19.08
N ILE B 322 -19.85 -29.14 -19.85
CA ILE B 322 -18.55 -29.77 -20.07
C ILE B 322 -17.54 -28.79 -20.67
N GLN B 323 -18.00 -27.86 -21.51
CA GLN B 323 -17.05 -26.98 -22.19
C GLN B 323 -16.41 -26.00 -21.25
N LEU B 324 -17.11 -25.62 -20.19
CA LEU B 324 -16.70 -24.39 -19.52
C LEU B 324 -17.06 -24.38 -18.05
N GLY B 325 -17.07 -25.55 -17.40
CA GLY B 325 -17.91 -25.61 -16.24
C GLY B 325 -17.30 -25.87 -14.89
N PHE B 326 -16.60 -24.87 -14.36
CA PHE B 326 -16.01 -25.05 -13.03
C PHE B 326 -16.13 -23.78 -12.18
N HIS B 327 -17.06 -22.89 -12.48
CA HIS B 327 -17.02 -21.55 -11.87
C HIS B 327 -18.04 -21.45 -10.77
N LEU B 328 -17.56 -21.65 -9.54
CA LEU B 328 -18.33 -21.39 -8.34
C LEU B 328 -17.45 -20.80 -7.27
N GLU B 329 -18.01 -19.88 -6.51
CA GLU B 329 -17.44 -19.40 -5.25
C GLU B 329 -18.64 -19.17 -4.35
N PHE B 330 -18.41 -19.12 -3.05
CA PHE B 330 -19.55 -19.18 -2.12
C PHE B 330 -19.56 -17.97 -1.21
N HIS B 331 -19.98 -16.83 -1.76
CA HIS B 331 -20.30 -15.66 -0.97
C HIS B 331 -21.69 -15.88 -0.36
N TRP B 332 -21.75 -16.13 0.95
CA TRP B 332 -22.98 -16.61 1.57
C TRP B 332 -24.08 -15.55 1.60
N PHE B 333 -23.85 -14.44 2.29
CA PHE B 333 -24.84 -13.37 2.29
C PHE B 333 -24.35 -12.10 1.59
N ASP B 334 -23.04 -11.97 1.41
CA ASP B 334 -22.42 -10.90 0.65
C ASP B 334 -22.47 -11.20 -0.86
N SER B 335 -22.23 -10.17 -1.64
CA SER B 335 -22.22 -10.27 -3.09
C SER B 335 -20.93 -9.68 -3.64
N SER B 336 -20.46 -10.26 -4.74
CA SER B 336 -19.31 -9.80 -5.50
C SER B 336 -19.74 -9.49 -6.93
N MET B 337 -18.85 -8.81 -7.67
CA MET B 337 -19.14 -8.48 -9.06
C MET B 337 -19.50 -9.69 -9.90
N PHE B 338 -18.70 -10.77 -9.78
CA PHE B 338 -18.92 -11.94 -10.60
C PHE B 338 -19.84 -13.00 -9.98
N PHE B 339 -20.09 -12.96 -8.67
CA PHE B 339 -20.87 -14.02 -8.01
C PHE B 339 -21.98 -13.41 -7.16
N VAL B 340 -23.19 -13.99 -7.24
CA VAL B 340 -24.32 -13.55 -6.41
C VAL B 340 -24.29 -14.29 -5.08
N PRO B 341 -24.89 -13.75 -4.02
CA PRO B 341 -24.97 -14.47 -2.74
C PRO B 341 -25.59 -15.85 -2.89
N GLU B 342 -25.42 -16.66 -1.84
CA GLU B 342 -26.07 -17.96 -1.79
C GLU B 342 -27.48 -17.86 -1.25
N PHE B 343 -27.79 -16.78 -0.55
CA PHE B 343 -29.08 -16.56 0.10
C PHE B 343 -29.53 -15.15 -0.25
N ARG B 344 -30.40 -15.04 -1.24
CA ARG B 344 -30.79 -13.75 -1.75
C ARG B 344 -32.23 -13.48 -1.37
N THR B 345 -32.51 -12.22 -0.99
CA THR B 345 -33.84 -11.84 -0.52
C THR B 345 -34.86 -11.88 -1.63
N LEU B 346 -34.43 -12.12 -2.86
CA LEU B 346 -35.34 -12.27 -3.97
C LEU B 346 -35.75 -13.72 -4.19
N PHE B 347 -35.52 -14.60 -3.22
CA PHE B 347 -35.85 -16.03 -3.37
C PHE B 347 -37.30 -16.31 -3.76
N PRO B 348 -38.29 -15.46 -3.41
CA PRO B 348 -39.67 -15.78 -3.83
C PRO B 348 -39.83 -15.99 -5.32
N GLN B 349 -39.09 -15.27 -6.16
CA GLN B 349 -39.28 -15.40 -7.60
C GLN B 349 -39.02 -16.83 -8.05
N LEU B 350 -38.08 -17.53 -7.38
CA LEU B 350 -37.80 -18.91 -7.72
C LEU B 350 -38.99 -19.81 -7.41
N SER B 351 -39.58 -19.65 -6.23
CA SER B 351 -40.74 -20.45 -5.87
C SER B 351 -41.86 -20.25 -6.88
N GLY B 352 -42.07 -18.99 -7.32
CA GLY B 352 -43.15 -18.69 -8.25
C GLY B 352 -43.02 -19.42 -9.57
N VAL B 353 -41.81 -19.46 -10.15
CA VAL B 353 -41.62 -20.24 -11.36
C VAL B 353 -41.91 -21.71 -11.07
N LEU B 354 -41.38 -22.20 -9.94
CA LEU B 354 -41.42 -23.63 -9.60
C LEU B 354 -42.84 -24.16 -9.51
N THR B 355 -43.77 -23.35 -9.00
CA THR B 355 -45.17 -23.76 -8.93
C THR B 355 -45.65 -24.23 -10.31
N LEU B 356 -45.44 -23.39 -11.33
CA LEU B 356 -45.89 -23.72 -12.68
C LEU B 356 -45.04 -24.80 -13.32
N ALA B 357 -43.76 -24.89 -12.95
CA ALA B 357 -42.95 -25.98 -13.46
C ALA B 357 -43.43 -27.32 -12.91
N PHE B 358 -43.90 -27.34 -11.67
CA PHE B 358 -44.36 -28.52 -10.94
C PHE B 358 -45.87 -28.69 -10.99
N PHE B 359 -46.52 -28.49 -12.13
CA PHE B 359 -47.98 -28.36 -12.18
C PHE B 359 -48.53 -29.31 -13.23
N ILE B 360 -49.23 -30.35 -12.77
CA ILE B 360 -50.04 -31.24 -13.59
C ILE B 360 -51.34 -31.51 -12.85
N HIS B 361 -51.52 -30.86 -11.69
CA HIS B 361 -52.67 -31.09 -10.82
C HIS B 361 -54.00 -31.01 -11.58
N ASN B 362 -54.15 -30.04 -12.49
CA ASN B 362 -55.39 -29.91 -13.23
C ASN B 362 -55.71 -31.13 -14.08
N CYS B 363 -54.74 -32.00 -14.34
CA CYS B 363 -54.99 -33.19 -15.15
C CYS B 363 -54.45 -34.47 -14.54
N ILE B 364 -54.04 -34.47 -13.28
CA ILE B 364 -53.52 -35.70 -12.70
C ILE B 364 -54.63 -36.73 -12.56
N ILE B 365 -55.86 -36.30 -12.30
CA ILE B 365 -56.98 -37.20 -12.08
C ILE B 365 -57.29 -38.02 -13.33
N THR B 366 -57.49 -37.35 -14.47
CA THR B 366 -57.74 -38.10 -15.71
C THR B 366 -56.49 -38.82 -16.22
N LEU B 367 -55.29 -38.33 -15.86
CA LEU B 367 -54.09 -39.03 -16.28
C LEU B 367 -53.96 -40.34 -15.52
N MET B 368 -54.24 -40.32 -14.22
CA MET B 368 -54.17 -41.52 -13.40
C MET B 368 -55.37 -42.43 -13.62
N LYS B 369 -56.38 -41.99 -14.38
CA LYS B 369 -57.55 -42.80 -14.68
C LYS B 369 -57.18 -44.02 -15.48
N ASN B 370 -55.97 -44.06 -16.04
CA ASN B 370 -55.43 -45.24 -16.66
C ASN B 370 -54.49 -45.92 -15.62
N ASN B 371 -53.27 -46.28 -15.96
CA ASN B 371 -52.39 -46.89 -14.95
C ASN B 371 -53.05 -48.17 -14.44
N LYS B 372 -52.88 -49.28 -15.18
CA LYS B 372 -53.67 -50.49 -14.97
C LYS B 372 -53.81 -50.88 -13.51
N HIS B 373 -52.71 -50.91 -12.78
CA HIS B 373 -52.70 -51.30 -11.37
C HIS B 373 -52.80 -50.04 -10.52
N GLN B 374 -54.01 -49.72 -10.06
CA GLN B 374 -54.24 -48.46 -9.36
C GLN B 374 -53.80 -48.46 -7.91
N GLU B 375 -53.21 -49.55 -7.41
CA GLU B 375 -52.58 -49.48 -6.10
C GLU B 375 -51.26 -48.71 -6.14
N ASN B 376 -50.64 -48.63 -7.31
CA ASN B 376 -49.32 -48.04 -7.49
C ASN B 376 -49.36 -46.54 -7.75
N ASN B 377 -50.55 -45.95 -7.84
CA ASN B 377 -50.68 -44.55 -8.25
C ASN B 377 -49.74 -43.63 -7.48
N VAL B 378 -49.71 -43.75 -6.16
CA VAL B 378 -48.99 -42.79 -5.33
C VAL B 378 -47.49 -42.93 -5.50
N ARG B 379 -46.98 -44.16 -5.55
CA ARG B 379 -45.58 -44.33 -5.88
C ARG B 379 -45.25 -43.76 -7.25
N ASP B 380 -46.11 -44.00 -8.24
CA ASP B 380 -45.87 -43.47 -9.59
C ASP B 380 -45.80 -41.95 -9.59
N LEU B 381 -46.79 -41.30 -8.95
CA LEU B 381 -46.79 -39.84 -8.87
C LEU B 381 -45.53 -39.35 -8.15
N SER B 382 -45.17 -40.01 -7.04
CA SER B 382 -44.00 -39.60 -6.27
C SER B 382 -42.70 -39.82 -7.05
N LEU B 383 -42.56 -40.96 -7.74
CA LEU B 383 -41.39 -41.14 -8.57
C LEU B 383 -41.37 -40.15 -9.73
N ALA B 384 -42.54 -39.77 -10.24
CA ALA B 384 -42.60 -38.85 -11.35
C ALA B 384 -42.07 -37.49 -10.93
N TYR B 385 -42.55 -36.96 -9.80
CA TYR B 385 -41.99 -35.70 -9.32
C TYR B 385 -40.51 -35.84 -8.96
N LEU B 386 -40.09 -37.00 -8.50
CA LEU B 386 -38.66 -37.20 -8.29
C LEU B 386 -37.90 -36.94 -9.57
N LEU B 387 -38.31 -37.58 -10.67
CA LEU B 387 -37.65 -37.35 -11.95
C LEU B 387 -37.74 -35.89 -12.37
N VAL B 388 -38.95 -35.34 -12.32
CA VAL B 388 -39.15 -33.94 -12.68
C VAL B 388 -38.29 -33.03 -11.81
N GLY B 389 -38.39 -33.18 -10.49
CA GLY B 389 -37.54 -32.40 -9.61
C GLY B 389 -36.05 -32.60 -9.91
N LEU B 390 -35.65 -33.84 -10.19
CA LEU B 390 -34.25 -34.08 -10.48
C LEU B 390 -33.87 -33.53 -11.84
N THR B 391 -34.78 -33.56 -12.81
CA THR B 391 -34.46 -32.93 -14.09
C THR B 391 -34.27 -31.42 -13.96
N TYR B 392 -35.14 -30.76 -13.17
CA TYR B 392 -34.99 -29.33 -12.95
C TYR B 392 -33.73 -29.03 -12.17
N LEU B 393 -33.47 -29.83 -11.14
CA LEU B 393 -32.30 -29.59 -10.30
C LEU B 393 -31.01 -29.80 -11.09
N TYR B 394 -31.01 -30.72 -12.05
CA TYR B 394 -29.88 -30.91 -12.94
C TYR B 394 -29.61 -29.66 -13.76
N VAL B 395 -30.52 -29.37 -14.70
CA VAL B 395 -30.34 -28.22 -15.59
C VAL B 395 -30.14 -26.96 -14.79
N GLY B 396 -30.96 -26.76 -13.77
CA GLY B 396 -30.79 -25.60 -12.91
C GLY B 396 -29.38 -25.48 -12.38
N VAL B 397 -28.79 -26.59 -11.96
CA VAL B 397 -27.48 -26.51 -11.32
C VAL B 397 -26.37 -26.40 -12.35
N LEU B 398 -26.37 -27.25 -13.40
CA LEU B 398 -25.34 -27.15 -14.44
C LEU B 398 -25.23 -25.73 -15.00
N ILE B 399 -26.34 -25.18 -15.50
CA ILE B 399 -26.27 -23.86 -16.14
C ILE B 399 -25.87 -22.80 -15.13
N PHE B 400 -26.42 -22.84 -13.91
CA PHE B 400 -25.98 -21.84 -12.95
C PHE B 400 -24.50 -22.00 -12.63
N ALA B 401 -24.02 -23.24 -12.51
CA ALA B 401 -22.62 -23.43 -12.17
C ALA B 401 -21.70 -23.16 -13.35
N ALA B 402 -21.98 -23.78 -14.50
CA ALA B 402 -21.09 -23.64 -15.64
C ALA B 402 -21.09 -22.24 -16.21
N PHE B 403 -21.97 -21.36 -15.76
CA PHE B 403 -21.96 -20.01 -16.30
C PHE B 403 -20.60 -19.35 -16.11
N PRO B 404 -19.85 -19.03 -17.22
CA PRO B 404 -18.48 -18.51 -17.08
C PRO B 404 -18.46 -17.26 -16.25
N SER B 405 -18.13 -17.42 -14.99
CA SER B 405 -18.47 -16.37 -14.06
C SER B 405 -17.31 -15.45 -13.72
N PRO B 406 -16.07 -15.91 -13.59
CA PRO B 406 -14.96 -14.97 -13.45
C PRO B 406 -14.89 -13.96 -14.58
N PRO B 407 -14.96 -14.37 -15.92
CA PRO B 407 -14.96 -13.34 -16.99
C PRO B 407 -16.22 -12.49 -17.01
N LEU B 408 -17.41 -13.12 -16.91
CA LEU B 408 -18.75 -12.51 -16.93
C LEU B 408 -19.29 -12.33 -15.51
N SER B 409 -20.59 -12.51 -15.29
CA SER B 409 -21.17 -12.52 -13.95
C SER B 409 -22.44 -13.35 -13.96
N LYS B 410 -22.76 -13.91 -12.80
CA LYS B 410 -23.94 -14.74 -12.72
C LYS B 410 -25.21 -13.93 -12.56
N GLU B 411 -25.10 -12.61 -12.38
CA GLU B 411 -26.31 -11.81 -12.44
C GLU B 411 -26.79 -11.67 -13.88
N CYS B 412 -25.96 -12.10 -14.84
CA CYS B 412 -26.24 -12.11 -16.27
C CYS B 412 -27.11 -13.26 -16.75
N ILE B 413 -27.43 -14.23 -15.90
CA ILE B 413 -28.18 -15.40 -16.35
C ILE B 413 -29.58 -14.96 -16.77
N GLU B 414 -29.84 -15.03 -18.09
CA GLU B 414 -31.10 -14.55 -18.65
C GLU B 414 -32.23 -15.52 -18.34
N PRO B 415 -33.42 -15.03 -17.98
CA PRO B 415 -34.54 -15.92 -17.66
C PRO B 415 -34.87 -16.96 -18.72
N ASN B 416 -34.62 -16.71 -19.99
CA ASN B 416 -34.47 -17.80 -20.94
C ASN B 416 -32.95 -18.02 -21.10
N PHE B 417 -32.42 -19.06 -20.47
CA PHE B 417 -30.97 -19.20 -20.51
C PHE B 417 -30.47 -19.39 -21.95
N LEU B 418 -31.34 -19.74 -22.89
CA LEU B 418 -30.89 -19.75 -24.27
C LEU B 418 -30.60 -18.36 -24.81
N ASP B 419 -30.98 -17.31 -24.06
CA ASP B 419 -30.69 -15.95 -24.44
C ASP B 419 -29.31 -15.48 -23.97
N ASN B 420 -28.68 -16.25 -23.09
CA ASN B 420 -27.28 -16.13 -22.73
C ASN B 420 -26.38 -16.74 -23.79
N PHE B 421 -26.91 -17.05 -24.95
CA PHE B 421 -26.08 -17.53 -26.03
C PHE B 421 -26.40 -16.72 -27.27
N PRO B 422 -25.41 -16.50 -28.14
CA PRO B 422 -25.62 -15.61 -29.29
C PRO B 422 -26.58 -16.22 -30.30
N SER B 423 -26.89 -15.37 -31.30
CA SER B 423 -27.81 -15.67 -32.40
C SER B 423 -27.28 -16.75 -33.34
N SER B 424 -26.04 -17.19 -33.14
CA SER B 424 -25.39 -18.04 -34.11
C SER B 424 -24.57 -19.12 -33.42
N ASP B 425 -25.00 -19.50 -32.22
CA ASP B 425 -24.58 -20.73 -31.57
C ASP B 425 -25.29 -21.87 -32.27
N ILE B 426 -24.56 -22.70 -33.01
CA ILE B 426 -25.23 -23.68 -33.85
C ILE B 426 -26.01 -24.67 -32.99
N LEU B 427 -25.37 -25.19 -31.92
CA LEU B 427 -26.07 -26.10 -31.01
C LEU B 427 -27.28 -25.43 -30.37
N VAL B 428 -27.10 -24.23 -29.82
CA VAL B 428 -28.27 -23.52 -29.28
C VAL B 428 -29.30 -23.33 -30.38
N PHE B 429 -28.86 -23.12 -31.62
CA PHE B 429 -29.80 -22.93 -32.71
C PHE B 429 -30.67 -24.15 -32.92
N VAL B 430 -30.07 -25.34 -32.85
CA VAL B 430 -30.86 -26.56 -32.94
C VAL B 430 -31.94 -26.55 -31.87
N ALA B 431 -31.55 -26.22 -30.63
CA ALA B 431 -32.49 -26.19 -29.52
C ALA B 431 -33.64 -25.22 -29.75
N ARG B 432 -33.34 -24.02 -30.25
CA ARG B 432 -34.39 -23.04 -30.50
C ARG B 432 -35.35 -23.54 -31.56
N THR B 433 -34.82 -24.18 -32.61
CA THR B 433 -35.69 -24.66 -33.67
C THR B 433 -36.57 -25.81 -33.19
N PHE B 434 -36.02 -26.76 -32.42
CA PHE B 434 -36.84 -27.83 -31.88
C PHE B 434 -37.97 -27.27 -31.03
N LEU B 435 -37.65 -26.42 -30.06
CA LEU B 435 -38.67 -25.84 -29.21
C LEU B 435 -39.65 -25.03 -30.01
N LEU B 436 -39.19 -24.41 -31.11
CA LEU B 436 -40.10 -23.71 -32.00
C LEU B 436 -41.06 -24.68 -32.65
N PHE B 437 -40.54 -25.84 -33.10
CA PHE B 437 -41.41 -26.90 -33.63
C PHE B 437 -42.39 -27.41 -32.58
N GLN B 438 -41.86 -27.85 -31.43
CA GLN B 438 -42.75 -28.33 -30.38
C GLN B 438 -43.83 -27.30 -30.08
N MET B 439 -43.43 -26.06 -29.79
CA MET B 439 -44.40 -25.07 -29.34
C MET B 439 -45.51 -24.82 -30.36
N THR B 440 -45.20 -24.87 -31.65
CA THR B 440 -46.25 -24.54 -32.62
C THR B 440 -47.30 -25.64 -32.73
N THR B 441 -46.93 -26.90 -32.52
CA THR B 441 -47.90 -27.99 -32.58
C THR B 441 -48.59 -28.22 -31.24
N VAL B 442 -48.49 -27.30 -30.30
CA VAL B 442 -49.03 -27.49 -28.97
C VAL B 442 -49.83 -26.25 -28.56
N TYR B 443 -49.51 -25.10 -29.16
CA TYR B 443 -50.29 -23.90 -28.92
C TYR B 443 -51.75 -24.07 -29.32
N PRO B 444 -52.08 -24.64 -30.49
CA PRO B 444 -53.50 -24.83 -30.80
C PRO B 444 -54.22 -25.72 -29.80
N LEU B 445 -53.55 -26.77 -29.31
CA LEU B 445 -54.17 -27.67 -28.33
C LEU B 445 -54.60 -26.89 -27.10
N LEU B 446 -53.72 -26.01 -26.59
CA LEU B 446 -54.06 -25.13 -25.48
C LEU B 446 -55.22 -24.20 -25.84
N GLY B 447 -55.37 -23.89 -27.12
CA GLY B 447 -56.51 -23.11 -27.55
C GLY B 447 -57.79 -23.89 -27.46
N TYR B 448 -57.76 -25.17 -27.86
CA TYR B 448 -58.95 -26.00 -27.70
C TYR B 448 -59.34 -26.10 -26.22
N LEU B 449 -58.37 -26.23 -25.32
CA LEU B 449 -58.67 -26.30 -23.89
C LEU B 449 -59.25 -24.99 -23.35
N VAL B 450 -58.76 -23.86 -23.83
CA VAL B 450 -59.25 -22.60 -23.30
C VAL B 450 -60.68 -22.37 -23.79
N ARG B 451 -61.01 -22.87 -24.97
CA ARG B 451 -62.34 -22.65 -25.50
C ARG B 451 -63.37 -23.55 -24.84
N VAL B 452 -63.01 -24.82 -24.64
CA VAL B 452 -63.90 -25.77 -23.99
C VAL B 452 -64.28 -25.31 -22.58
N GLN B 453 -63.47 -24.45 -21.97
CA GLN B 453 -63.70 -24.01 -20.59
C GLN B 453 -64.44 -22.70 -20.49
N LEU B 454 -64.22 -21.77 -21.43
CA LEU B 454 -65.02 -20.55 -21.45
C LEU B 454 -66.36 -20.80 -22.13
N MET B 455 -66.32 -21.34 -23.36
CA MET B 455 -67.53 -21.64 -24.10
C MET B 455 -68.36 -22.75 -23.47
N GLY B 456 -67.79 -23.51 -22.53
CA GLY B 456 -68.56 -24.42 -21.70
C GLY B 456 -69.41 -23.68 -20.70
N GLN B 457 -68.78 -22.85 -19.86
CA GLN B 457 -69.49 -21.99 -18.91
C GLN B 457 -69.92 -20.67 -19.51
N ILE B 458 -69.99 -20.59 -20.85
CA ILE B 458 -70.25 -19.38 -21.64
C ILE B 458 -69.76 -18.08 -21.00
N GLY B 460 -72.93 -22.37 -22.73
CA GLY B 460 -73.17 -23.20 -23.90
C GLY B 460 -72.64 -24.62 -23.80
N ASN B 461 -72.15 -25.15 -24.94
CA ASN B 461 -71.60 -26.49 -24.99
C ASN B 461 -70.51 -26.54 -26.05
N HIS B 462 -69.27 -26.78 -25.63
CA HIS B 462 -68.09 -26.93 -26.51
C HIS B 462 -68.06 -25.76 -27.48
N TYR B 463 -67.91 -26.01 -28.77
CA TYR B 463 -67.68 -25.04 -29.85
C TYR B 463 -68.94 -24.24 -30.21
N PRO B 464 -68.99 -22.93 -29.92
CA PRO B 464 -70.18 -22.16 -30.30
C PRO B 464 -70.20 -21.73 -31.76
N GLY B 465 -70.47 -20.46 -32.05
CA GLY B 465 -70.46 -20.00 -33.42
C GLY B 465 -69.06 -19.70 -33.93
N PHE B 466 -68.89 -19.71 -35.25
CA PHE B 466 -67.54 -19.51 -35.79
C PHE B 466 -67.04 -18.10 -35.53
N LEU B 467 -67.91 -17.10 -35.60
CA LEU B 467 -67.50 -15.76 -35.18
C LEU B 467 -67.29 -15.72 -33.67
N HIS B 468 -67.99 -16.57 -32.93
CA HIS B 468 -67.99 -16.53 -31.47
C HIS B 468 -66.76 -17.23 -30.88
N VAL B 469 -66.03 -18.01 -31.68
CA VAL B 469 -64.73 -18.54 -31.28
C VAL B 469 -63.58 -17.74 -31.90
N PHE B 470 -63.86 -16.93 -32.91
CA PHE B 470 -62.83 -16.07 -33.47
C PHE B 470 -62.49 -14.93 -32.53
N VAL B 471 -63.43 -14.52 -31.68
CA VAL B 471 -63.12 -13.43 -30.77
C VAL B 471 -62.43 -13.96 -29.52
N LEU B 472 -62.90 -15.09 -28.99
CA LEU B 472 -62.10 -15.76 -27.98
C LEU B 472 -60.67 -15.96 -28.47
N ASN B 473 -60.51 -16.57 -29.64
CA ASN B 473 -59.17 -16.86 -30.12
C ASN B 473 -58.40 -15.60 -30.49
N VAL B 474 -59.05 -14.54 -30.95
CA VAL B 474 -58.30 -13.30 -31.18
C VAL B 474 -57.96 -12.59 -29.87
N PHE B 475 -58.67 -12.88 -28.77
CA PHE B 475 -58.25 -12.26 -27.52
C PHE B 475 -56.94 -12.88 -27.02
N VAL B 476 -56.84 -14.22 -27.02
CA VAL B 476 -55.64 -14.87 -26.51
C VAL B 476 -54.45 -14.62 -27.42
N VAL B 477 -54.68 -14.62 -28.75
CA VAL B 477 -53.61 -14.27 -29.69
C VAL B 477 -53.17 -12.83 -29.51
N GLY B 478 -54.11 -11.91 -29.28
CA GLY B 478 -53.73 -10.54 -29.03
C GLY B 478 -52.96 -10.37 -27.73
N ALA B 479 -53.30 -11.17 -26.72
CA ALA B 479 -52.57 -11.12 -25.45
C ALA B 479 -51.11 -11.51 -25.63
N GLY B 480 -50.83 -12.50 -26.48
CA GLY B 480 -49.46 -12.82 -26.85
C GLY B 480 -48.70 -11.69 -27.53
N VAL B 481 -49.23 -11.18 -28.64
CA VAL B 481 -48.53 -10.14 -29.40
C VAL B 481 -48.25 -8.91 -28.55
N LEU B 482 -49.25 -8.45 -27.79
CA LEU B 482 -49.05 -7.26 -26.97
C LEU B 482 -47.89 -7.44 -26.00
N MET B 483 -47.77 -8.63 -25.41
CA MET B 483 -46.68 -8.89 -24.46
C MET B 483 -45.30 -8.94 -25.13
N ALA B 484 -45.19 -9.66 -26.26
CA ALA B 484 -43.90 -9.84 -26.92
C ALA B 484 -43.37 -8.54 -27.52
N ARG B 485 -44.25 -7.58 -27.83
CA ARG B 485 -43.79 -6.29 -28.37
C ARG B 485 -43.52 -5.26 -27.29
N PHE B 486 -44.18 -5.33 -26.14
CA PHE B 486 -43.97 -4.29 -25.15
C PHE B 486 -43.23 -4.73 -23.89
N TYR B 487 -43.78 -5.69 -23.13
CA TYR B 487 -43.14 -6.13 -21.90
C TYR B 487 -42.82 -7.62 -22.09
N PRO B 488 -41.59 -7.98 -22.60
CA PRO B 488 -41.33 -9.38 -22.97
C PRO B 488 -40.30 -10.10 -22.12
N ASN B 489 -40.50 -10.22 -20.81
CA ASN B 489 -39.62 -11.01 -19.94
C ASN B 489 -40.34 -12.30 -19.58
N ILE B 490 -39.82 -13.42 -20.07
CA ILE B 490 -40.31 -14.74 -19.68
C ILE B 490 -40.39 -14.85 -18.15
N GLY B 491 -39.43 -14.23 -17.45
CA GLY B 491 -39.35 -14.41 -16.01
C GLY B 491 -40.52 -13.84 -15.25
N SER B 492 -40.93 -12.62 -15.60
CA SER B 492 -42.01 -11.96 -14.87
C SER B 492 -43.35 -12.66 -15.06
N ILE B 493 -43.66 -13.09 -16.30
CA ILE B 493 -44.94 -13.75 -16.55
C ILE B 493 -45.04 -15.05 -15.75
N ILE B 494 -44.02 -15.92 -15.86
CA ILE B 494 -44.09 -17.25 -15.24
C ILE B 494 -44.20 -17.13 -13.73
N ARG B 495 -43.46 -16.20 -13.12
CA ARG B 495 -43.50 -16.11 -11.66
C ARG B 495 -44.88 -15.67 -11.18
N TYR B 496 -45.50 -14.74 -11.90
CA TYR B 496 -46.85 -14.30 -11.55
C TYR B 496 -47.89 -15.35 -11.91
N SER B 497 -47.81 -15.91 -13.12
CA SER B 497 -48.79 -16.93 -13.53
C SER B 497 -48.75 -18.13 -12.60
N GLY B 498 -47.55 -18.64 -12.34
CA GLY B 498 -47.43 -19.79 -11.46
C GLY B 498 -47.91 -19.49 -10.05
N ALA B 499 -47.57 -18.32 -9.52
CA ALA B 499 -48.01 -18.00 -8.16
C ALA B 499 -49.52 -17.81 -8.10
N LEU B 500 -50.11 -17.17 -9.11
CA LEU B 500 -51.55 -16.93 -9.12
C LEU B 500 -52.36 -18.21 -9.34
N CYS B 501 -52.28 -18.84 -10.52
CA CYS B 501 -53.11 -20.01 -10.74
C CYS B 501 -52.73 -21.14 -9.81
N GLY B 502 -51.52 -21.11 -9.27
CA GLY B 502 -51.15 -22.11 -8.30
C GLY B 502 -51.62 -21.82 -6.89
N LEU B 503 -51.97 -20.57 -6.58
CA LEU B 503 -52.62 -20.28 -5.31
C LEU B 503 -53.80 -21.21 -5.07
N ALA B 504 -54.75 -21.25 -6.02
CA ALA B 504 -55.96 -22.01 -5.79
C ALA B 504 -55.79 -23.44 -6.27
N LEU B 505 -55.46 -23.62 -7.54
CA LEU B 505 -55.46 -24.96 -8.11
C LEU B 505 -54.42 -25.90 -7.50
N VAL B 506 -53.47 -25.40 -6.71
CA VAL B 506 -52.41 -26.23 -6.13
C VAL B 506 -52.43 -26.23 -4.61
N PHE B 507 -52.61 -25.06 -3.99
CA PHE B 507 -52.45 -24.89 -2.56
C PHE B 507 -53.77 -24.81 -1.80
N VAL B 508 -54.59 -23.79 -2.10
CA VAL B 508 -55.82 -23.54 -1.32
C VAL B 508 -56.91 -24.58 -1.58
N LEU B 509 -57.41 -24.65 -2.81
CA LEU B 509 -58.51 -25.57 -3.09
C LEU B 509 -58.25 -27.00 -2.61
N PRO B 510 -57.14 -27.67 -2.96
CA PRO B 510 -56.94 -29.04 -2.46
C PRO B 510 -56.84 -29.16 -0.94
N SER B 511 -56.31 -28.15 -0.26
CA SER B 511 -56.20 -28.20 1.20
C SER B 511 -57.55 -27.94 1.89
N LEU B 512 -58.39 -27.07 1.34
CA LEU B 512 -59.75 -26.93 1.86
C LEU B 512 -60.57 -28.19 1.61
N ILE B 513 -60.48 -28.75 0.39
CA ILE B 513 -61.14 -30.01 0.08
C ILE B 513 -60.88 -31.02 1.19
N HIS B 514 -59.61 -31.24 1.52
CA HIS B 514 -59.24 -32.25 2.50
C HIS B 514 -59.72 -31.86 3.90
N MET B 515 -59.47 -30.61 4.30
CA MET B 515 -59.93 -30.12 5.60
C MET B 515 -61.45 -30.21 5.73
N VAL B 516 -62.19 -29.71 4.73
CA VAL B 516 -63.64 -29.81 4.76
C VAL B 516 -64.08 -31.27 4.66
N SER B 517 -63.47 -32.03 3.78
CA SER B 517 -63.77 -33.47 3.72
C SER B 517 -63.30 -34.24 5.00
N LEU B 518 -62.78 -33.58 6.04
CA LEU B 518 -62.58 -34.19 7.35
C LEU B 518 -63.71 -33.80 8.29
N LYS B 519 -64.94 -33.81 7.77
CA LYS B 519 -66.15 -33.74 8.59
C LYS B 519 -66.19 -34.87 9.62
N ARG B 520 -65.42 -35.92 9.38
CA ARG B 520 -65.35 -37.15 10.14
C ARG B 520 -64.25 -37.12 11.22
N ARG B 521 -63.00 -37.44 10.85
CA ARG B 521 -61.90 -37.68 11.78
C ARG B 521 -60.80 -36.63 11.63
N LEU B 524 -61.06 -33.73 12.59
CA LEU B 524 -59.73 -33.20 12.29
C LEU B 524 -59.10 -32.59 13.55
N ARG B 525 -58.22 -33.36 14.18
CA ARG B 525 -57.40 -32.84 15.26
C ARG B 525 -56.35 -31.87 14.71
N TRP B 526 -55.73 -31.14 15.63
CA TRP B 526 -54.93 -29.99 15.24
C TRP B 526 -53.68 -30.36 14.44
N THR B 527 -53.27 -31.63 14.41
CA THR B 527 -52.16 -32.01 13.54
C THR B 527 -52.50 -31.74 12.08
N SER B 528 -53.65 -32.23 11.61
CA SER B 528 -54.03 -31.97 10.23
C SER B 528 -54.44 -30.51 10.00
N THR B 529 -55.18 -29.90 10.93
CA THR B 529 -55.62 -28.52 10.72
C THR B 529 -54.43 -27.57 10.57
N LEU B 530 -53.43 -27.69 11.45
CA LEU B 530 -52.31 -26.76 11.38
C LEU B 530 -51.45 -27.00 10.14
N PHE B 531 -51.01 -28.24 9.90
CA PHE B 531 -50.20 -28.49 8.72
C PHE B 531 -50.91 -28.08 7.43
N HIS B 532 -52.17 -28.48 7.26
CA HIS B 532 -52.88 -28.17 6.01
C HIS B 532 -53.24 -26.69 5.90
N GLY B 533 -53.36 -25.99 7.02
CA GLY B 533 -53.41 -24.55 6.96
C GLY B 533 -52.09 -23.94 6.50
N PHE B 534 -50.97 -24.53 6.92
CA PHE B 534 -49.64 -24.03 6.52
C PHE B 534 -49.45 -24.13 5.01
N LEU B 535 -50.01 -25.14 4.36
CA LEU B 535 -49.99 -25.16 2.90
C LEU B 535 -50.76 -23.98 2.33
N ILE B 536 -51.93 -23.67 2.89
CA ILE B 536 -52.69 -22.51 2.44
C ILE B 536 -51.84 -21.25 2.52
N LEU B 537 -51.10 -21.08 3.61
CA LEU B 537 -50.35 -19.83 3.79
C LEU B 537 -49.13 -19.73 2.86
N LEU B 538 -48.42 -20.84 2.62
CA LEU B 538 -47.29 -20.77 1.70
C LEU B 538 -47.77 -20.38 0.31
N GLY B 539 -48.86 -21.01 -0.15
CA GLY B 539 -49.44 -20.61 -1.42
C GLY B 539 -49.83 -19.15 -1.46
N VAL B 540 -50.18 -18.56 -0.30
CA VAL B 540 -50.45 -17.13 -0.22
C VAL B 540 -49.18 -16.30 -0.29
N ALA B 541 -48.19 -16.61 0.53
CA ALA B 541 -46.97 -15.80 0.49
C ALA B 541 -46.26 -15.93 -0.86
N ASN B 542 -46.49 -17.03 -1.59
CA ASN B 542 -45.93 -17.18 -2.93
C ASN B 542 -46.37 -16.02 -3.83
N LEU B 543 -47.68 -15.74 -3.89
CA LEU B 543 -48.16 -14.65 -4.72
C LEU B 543 -47.69 -13.29 -4.19
N LEU B 544 -47.91 -13.02 -2.89
CA LEU B 544 -47.50 -11.72 -2.36
C LEU B 544 -46.00 -11.48 -2.47
N GLY B 545 -45.18 -12.53 -2.34
CA GLY B 545 -43.75 -12.34 -2.44
C GLY B 545 -43.32 -11.87 -3.79
N GLN B 546 -44.21 -11.98 -4.79
CA GLN B 546 -43.91 -11.48 -6.11
C GLN B 546 -43.88 -9.95 -6.18
N PHE B 547 -44.52 -9.23 -5.26
CA PHE B 547 -44.57 -7.75 -5.37
C PHE B 547 -43.49 -6.99 -4.61
N PHE B 548 -43.52 -7.05 -3.27
CA PHE B 548 -42.46 -6.53 -2.40
C PHE B 548 -41.79 -7.67 -1.64
N MET B 549 -40.46 -7.61 -1.49
CA MET B 549 -39.68 -8.76 -0.97
C MET B 549 -38.66 -8.39 0.10
N GLN C 1 -21.19 13.13 -24.10
CA GLN C 1 -21.88 12.01 -24.79
C GLN C 1 -22.07 10.93 -23.69
N ILE C 2 -21.35 9.79 -23.70
CA ILE C 2 -20.98 9.12 -22.45
C ILE C 2 -19.90 9.98 -21.80
N GLN C 3 -20.14 10.46 -20.58
CA GLN C 3 -19.19 11.38 -19.96
C GLN C 3 -18.96 10.97 -18.52
N LEU C 4 -17.71 10.72 -18.15
CA LEU C 4 -17.34 10.49 -16.77
C LEU C 4 -16.49 11.68 -16.36
N VAL C 5 -17.00 12.52 -15.45
CA VAL C 5 -16.26 13.69 -14.97
C VAL C 5 -16.05 13.47 -13.48
N GLN C 6 -14.76 13.38 -13.10
CA GLN C 6 -14.32 13.07 -11.75
C GLN C 6 -14.10 14.34 -10.92
N SER C 7 -13.50 14.19 -9.75
CA SER C 7 -13.29 15.32 -8.88
C SER C 7 -12.04 16.11 -9.29
N GLY C 8 -11.73 17.12 -8.48
CA GLY C 8 -10.61 17.99 -8.75
C GLY C 8 -9.42 17.47 -8.00
N PRO C 9 -8.22 17.91 -8.35
CA PRO C 9 -7.03 17.44 -7.64
C PRO C 9 -7.11 17.72 -6.13
N LYS C 10 -6.64 16.75 -5.34
CA LYS C 10 -6.73 16.77 -3.89
C LYS C 10 -5.33 16.69 -3.28
N LEU C 11 -5.11 17.47 -2.20
CA LEU C 11 -3.90 17.43 -1.39
C LEU C 11 -4.24 16.84 -0.02
N SER C 12 -3.99 15.54 0.16
CA SER C 12 -4.19 14.89 1.45
C SER C 12 -2.91 14.97 2.27
N LYS C 13 -3.05 15.33 3.59
CA LYS C 13 -1.93 15.32 4.52
C LYS C 13 -1.61 13.87 4.86
N PRO C 14 -0.33 13.53 5.04
CA PRO C 14 0.02 12.12 5.29
C PRO C 14 -0.78 11.51 6.42
N GLY C 15 -1.57 10.51 6.10
CA GLY C 15 -2.43 9.89 7.09
C GLY C 15 -3.88 10.34 7.09
N ALA C 16 -4.28 11.20 6.16
CA ALA C 16 -5.66 11.65 6.07
C ALA C 16 -6.35 10.88 4.95
N THR C 17 -7.57 11.26 4.64
CA THR C 17 -8.37 10.56 3.63
C THR C 17 -8.92 11.55 2.63
N ASP C 18 -9.41 11.01 1.51
CA ASP C 18 -10.13 11.77 0.51
C ASP C 18 -11.16 10.84 -0.11
N LYS C 19 -12.20 11.41 -0.69
CA LYS C 19 -13.16 10.62 -1.44
C LYS C 19 -13.20 11.14 -2.87
N ILE C 20 -12.96 10.26 -3.84
CA ILE C 20 -13.00 10.62 -5.26
C ILE C 20 -14.31 10.14 -5.89
N SER C 21 -15.00 11.05 -6.57
CA SER C 21 -16.28 10.86 -7.22
C SER C 21 -16.11 10.90 -8.74
N CYS C 22 -17.17 10.51 -9.43
CA CYS C 22 -17.13 10.32 -10.89
C CYS C 22 -18.58 10.31 -11.38
N ALA C 23 -19.09 11.51 -11.72
CA ALA C 23 -20.47 11.66 -12.18
C ALA C 23 -20.59 11.23 -13.64
N ALA C 24 -21.46 10.24 -13.93
CA ALA C 24 -21.53 9.60 -15.24
C ALA C 24 -22.86 9.92 -15.92
N GLY C 25 -22.82 10.72 -16.99
CA GLY C 25 -24.00 10.98 -17.81
C GLY C 25 -23.83 10.43 -19.21
N GLY C 26 -24.95 9.97 -19.80
CA GLY C 26 -24.98 9.54 -21.20
C GLY C 26 -25.30 8.08 -21.49
N TYR C 27 -25.49 7.25 -20.47
CA TYR C 27 -25.83 5.85 -20.61
C TYR C 27 -26.64 5.43 -19.38
N SER C 28 -27.31 4.27 -19.46
CA SER C 28 -28.02 3.76 -18.28
C SER C 28 -26.98 3.32 -17.27
N PHE C 29 -26.91 4.02 -16.13
CA PHE C 29 -25.82 3.84 -15.18
C PHE C 29 -25.68 2.39 -14.76
N THR C 30 -26.81 1.77 -14.42
CA THR C 30 -26.88 0.41 -13.89
C THR C 30 -26.64 -0.66 -14.94
N ASP C 31 -26.73 -0.34 -16.24
CA ASP C 31 -26.49 -1.34 -17.26
C ASP C 31 -24.97 -1.62 -17.44
N TYR C 32 -24.12 -1.10 -16.56
CA TYR C 32 -22.66 -1.15 -16.74
C TYR C 32 -21.94 -1.30 -15.39
N VAL C 33 -20.64 -1.57 -15.48
CA VAL C 33 -19.75 -1.72 -14.33
C VAL C 33 -18.81 -0.53 -14.25
N MET C 34 -18.58 -0.05 -13.03
CA MET C 34 -17.64 1.03 -12.78
C MET C 34 -16.35 0.45 -12.19
N ASN C 35 -15.21 0.68 -12.83
CA ASN C 35 -13.95 0.13 -12.37
C ASN C 35 -13.07 1.32 -11.98
N TRP C 36 -11.94 1.07 -11.32
CA TRP C 36 -11.00 2.14 -10.98
C TRP C 36 -9.57 1.65 -11.22
N VAL C 37 -8.69 2.56 -11.62
CA VAL C 37 -7.31 2.23 -12.00
C VAL C 37 -6.41 3.32 -11.42
N LYS C 38 -5.13 2.97 -11.22
CA LYS C 38 -4.11 3.84 -10.63
C LYS C 38 -2.90 3.97 -11.54
N ALA C 39 -2.52 5.20 -11.88
CA ALA C 39 -1.29 5.48 -12.62
C ALA C 39 -0.39 6.29 -11.70
N SER C 40 0.81 5.75 -11.45
CA SER C 40 1.86 6.29 -10.60
C SER C 40 3.15 6.28 -11.39
N PRO C 41 4.31 6.86 -10.83
CA PRO C 41 5.40 7.35 -11.70
C PRO C 41 5.62 6.70 -13.05
N LEU C 42 5.45 7.57 -14.06
CA LEU C 42 5.26 7.31 -15.49
C LEU C 42 4.60 5.98 -15.82
N LYS C 43 5.26 4.86 -15.53
CA LYS C 43 4.70 3.55 -15.84
C LYS C 43 4.28 2.83 -14.57
N GLY C 44 3.13 2.16 -14.67
CA GLY C 44 2.53 1.41 -13.59
C GLY C 44 1.04 1.69 -13.51
N LEU C 45 0.23 0.98 -14.32
CA LEU C 45 -1.22 1.00 -14.21
C LEU C 45 -1.69 -0.20 -13.40
N GLU C 46 -2.36 0.05 -12.28
CA GLU C 46 -2.75 -1.02 -11.37
C GLU C 46 -4.26 -1.00 -11.19
N TRP C 47 -4.89 -2.15 -11.48
CA TRP C 47 -6.31 -2.33 -11.22
C TRP C 47 -6.58 -2.22 -9.73
N ASN C 48 -7.76 -1.77 -9.41
CA ASN C 48 -7.98 -1.21 -8.10
C ASN C 48 -9.29 -1.65 -7.46
N GLY C 49 -10.11 -2.47 -8.14
CA GLY C 49 -11.42 -2.84 -7.65
C GLY C 49 -12.57 -2.40 -8.53
N SER C 50 -13.79 -2.92 -8.32
CA SER C 50 -14.91 -2.60 -9.22
C SER C 50 -16.25 -3.05 -8.67
N ILE C 51 -17.31 -2.47 -9.22
CA ILE C 51 -18.65 -2.57 -8.65
C ILE C 51 -19.69 -2.67 -9.75
N ASN C 52 -20.57 -3.68 -9.67
CA ASN C 52 -21.78 -3.71 -10.50
C ASN C 52 -22.88 -3.01 -9.73
N THR C 53 -23.34 -1.91 -10.27
CA THR C 53 -24.27 -1.06 -9.57
C THR C 53 -25.68 -1.64 -9.47
N SER C 54 -26.06 -2.53 -10.39
CA SER C 54 -27.41 -3.10 -10.38
C SER C 54 -27.69 -3.84 -9.08
N ASN C 55 -26.72 -4.63 -8.60
CA ASN C 55 -26.82 -5.37 -7.34
C ASN C 55 -25.77 -4.91 -6.33
N GLY C 56 -25.20 -3.71 -6.54
CA GLY C 56 -24.22 -3.07 -5.66
C GLY C 56 -22.99 -3.89 -5.25
N ALA C 57 -22.57 -4.83 -6.09
CA ALA C 57 -21.67 -5.91 -5.68
C ALA C 57 -20.23 -5.64 -6.09
N THR C 58 -19.39 -5.19 -5.15
CA THR C 58 -18.03 -4.78 -5.52
C THR C 58 -17.04 -5.94 -5.50
N THR C 59 -15.91 -5.74 -6.18
CA THR C 59 -14.81 -6.71 -6.23
C THR C 59 -13.47 -5.99 -6.28
N TYR C 60 -12.57 -6.27 -5.33
CA TYR C 60 -11.28 -5.59 -5.19
C TYR C 60 -10.11 -6.49 -5.59
N ILE C 61 -8.98 -5.84 -5.77
CA ILE C 61 -7.69 -6.52 -5.80
C ILE C 61 -7.20 -6.55 -4.37
N SER C 62 -6.55 -7.64 -3.98
CA SER C 62 -6.04 -7.72 -2.61
C SER C 62 -5.14 -6.54 -2.27
N ALA C 63 -4.27 -6.14 -3.21
CA ALA C 63 -3.27 -5.12 -2.91
C ALA C 63 -3.91 -3.87 -2.36
N PHE C 64 -5.15 -3.58 -2.81
CA PHE C 64 -5.85 -2.35 -2.46
C PHE C 64 -7.03 -2.58 -1.53
N LYS C 65 -7.26 -3.81 -1.07
CA LYS C 65 -8.27 -4.06 -0.02
C LYS C 65 -7.83 -3.36 1.25
N GLY C 66 -8.63 -2.43 1.76
CA GLY C 66 -8.26 -1.71 2.95
C GLY C 66 -7.81 -0.28 2.74
N ALA C 67 -7.51 0.11 1.49
CA ALA C 67 -7.38 1.51 1.08
C ALA C 67 -8.64 2.00 0.37
N GLY C 68 -8.98 1.37 -0.76
CA GLY C 68 -10.17 1.74 -1.49
C GLY C 68 -11.46 1.23 -0.86
N SER C 69 -12.50 2.07 -0.90
CA SER C 69 -13.88 1.70 -0.56
C SER C 69 -14.82 2.24 -1.64
N HIS C 70 -15.44 1.35 -2.40
CA HIS C 70 -16.39 1.68 -3.45
C HIS C 70 -17.81 1.91 -2.94
N SER C 71 -18.51 2.77 -3.66
CA SER C 71 -19.91 3.02 -3.40
C SER C 71 -20.48 3.69 -4.65
N VAL C 72 -21.79 3.62 -4.82
CA VAL C 72 -22.43 4.27 -5.96
C VAL C 72 -23.70 4.94 -5.45
N ASP C 73 -24.14 5.93 -6.20
CA ASP C 73 -25.42 6.56 -5.97
C ASP C 73 -26.25 6.26 -7.19
N SER C 74 -27.15 5.28 -7.08
CA SER C 74 -27.94 4.94 -8.26
C SER C 74 -28.77 6.12 -8.73
N SER C 75 -29.13 7.02 -7.81
CA SER C 75 -29.92 8.19 -8.16
C SER C 75 -29.08 9.27 -8.83
N ALA C 76 -27.89 9.57 -8.29
CA ALA C 76 -27.02 10.56 -8.90
C ALA C 76 -26.24 10.01 -10.07
N SER C 77 -26.39 8.73 -10.38
CA SER C 77 -25.62 8.02 -11.40
C SER C 77 -24.14 8.38 -11.34
N THR C 78 -23.63 8.60 -10.12
CA THR C 78 -22.22 8.81 -9.92
C THR C 78 -21.65 7.65 -9.11
N ALA C 79 -20.33 7.55 -9.15
CA ALA C 79 -19.53 6.57 -8.44
C ALA C 79 -18.55 7.30 -7.56
N ALA C 80 -18.28 6.78 -6.39
CA ALA C 80 -17.34 7.41 -5.47
C ALA C 80 -16.40 6.33 -4.95
N GLN C 81 -15.14 6.73 -4.71
CA GLN C 81 -14.11 5.88 -4.14
C GLN C 81 -13.43 6.62 -3.02
N GLN C 82 -13.33 5.98 -1.85
CA GLN C 82 -12.66 6.56 -0.69
C GLN C 82 -11.28 5.93 -0.52
N LEU C 83 -10.27 6.77 -0.30
CA LEU C 83 -8.91 6.33 0.00
C LEU C 83 -8.60 6.70 1.44
N SER C 84 -7.97 5.78 2.18
CA SER C 84 -7.85 5.90 3.63
C SER C 84 -6.40 5.88 4.11
N ALA C 85 -6.07 6.79 5.05
CA ALA C 85 -4.76 6.98 5.67
C ALA C 85 -3.62 6.84 4.67
N LEU C 86 -3.47 7.81 3.78
CA LEU C 86 -2.58 7.64 2.64
C LEU C 86 -1.12 7.91 3.04
N LYS C 87 -0.20 7.37 2.26
CA LYS C 87 1.22 7.61 2.44
C LYS C 87 1.82 8.16 1.15
N ALA C 88 3.13 8.47 1.20
CA ALA C 88 3.78 9.08 0.03
C ALA C 88 3.59 8.24 -1.22
N ALA C 89 3.50 6.93 -1.08
CA ALA C 89 3.44 6.10 -2.27
C ALA C 89 2.09 6.18 -2.98
N ASP C 90 1.08 6.74 -2.33
CA ASP C 90 -0.26 6.85 -2.92
C ASP C 90 -0.44 8.09 -3.76
N THR C 91 0.60 8.89 -3.86
CA THR C 91 0.53 10.04 -4.74
C THR C 91 0.53 9.50 -6.15
N ALA C 92 -0.62 9.61 -6.79
CA ALA C 92 -0.84 9.04 -8.10
C ALA C 92 -2.02 9.74 -8.74
N VAL C 93 -2.32 9.32 -9.97
CA VAL C 93 -3.52 9.72 -10.68
C VAL C 93 -4.45 8.51 -10.73
N TYR C 94 -5.70 8.71 -10.31
CA TYR C 94 -6.68 7.63 -10.26
C TYR C 94 -7.73 7.88 -11.34
N PHE C 95 -8.09 6.84 -12.09
CA PHE C 95 -9.04 6.92 -13.19
C PHE C 95 -10.28 6.10 -12.83
N CYS C 96 -11.45 6.43 -13.41
CA CYS C 96 -12.65 5.59 -13.33
C CYS C 96 -12.99 5.13 -14.74
N ALA C 97 -13.62 3.96 -14.87
CA ALA C 97 -13.83 3.38 -16.19
C ALA C 97 -15.21 2.70 -16.24
N ARG C 98 -15.48 2.00 -17.35
CA ARG C 98 -16.82 1.53 -17.65
C ARG C 98 -16.72 0.19 -18.37
N ASN C 99 -17.41 -0.83 -17.87
CA ASN C 99 -17.27 -2.19 -18.43
C ASN C 99 -18.64 -2.82 -18.56
N PHE C 100 -18.94 -3.43 -19.72
CA PHE C 100 -20.07 -4.35 -19.88
C PHE C 100 -19.52 -5.79 -19.88
N ARG C 101 -20.28 -6.73 -19.32
CA ARG C 101 -19.72 -8.05 -19.04
C ARG C 101 -19.21 -8.76 -20.28
N GLY C 102 -17.90 -8.78 -20.42
CA GLY C 102 -17.22 -9.68 -21.32
C GLY C 102 -17.33 -9.36 -22.78
N ASN C 103 -18.51 -8.87 -23.23
CA ASN C 103 -18.70 -8.44 -24.62
C ASN C 103 -17.83 -7.25 -24.92
N GLY C 104 -17.01 -6.87 -23.95
CA GLY C 104 -16.02 -5.86 -24.17
C GLY C 104 -15.09 -5.75 -22.98
N ALA C 105 -14.40 -4.60 -22.97
CA ALA C 105 -13.46 -4.13 -21.96
C ALA C 105 -13.86 -2.74 -21.51
N MET C 106 -12.87 -1.95 -21.06
CA MET C 106 -13.11 -0.63 -20.46
C MET C 106 -13.13 0.44 -21.57
N ASP C 107 -14.34 0.82 -22.01
CA ASP C 107 -14.49 1.65 -23.21
C ASP C 107 -14.41 3.15 -22.93
N TYR C 108 -14.98 3.65 -21.85
CA TYR C 108 -14.90 5.08 -21.55
C TYR C 108 -14.23 5.33 -20.21
N TRP C 109 -13.33 6.30 -20.19
CA TRP C 109 -12.56 6.56 -18.98
C TRP C 109 -12.90 7.92 -18.39
N GLY C 110 -12.21 8.27 -17.30
CA GLY C 110 -12.46 9.50 -16.60
C GLY C 110 -11.33 10.47 -16.88
N GLN C 111 -11.57 11.74 -16.55
CA GLN C 111 -10.55 12.73 -16.81
C GLN C 111 -9.27 12.49 -15.99
N GLY C 112 -9.39 11.85 -14.83
CA GLY C 112 -8.28 11.69 -13.92
C GLY C 112 -8.36 12.58 -12.69
N THR C 113 -8.23 11.95 -11.52
CA THR C 113 -8.00 12.69 -10.28
C THR C 113 -6.56 12.47 -9.84
N SER C 114 -5.83 13.56 -9.64
CA SER C 114 -4.46 13.53 -9.15
C SER C 114 -4.48 13.78 -7.65
N VAL C 115 -4.15 12.77 -6.85
CA VAL C 115 -4.04 12.91 -5.41
C VAL C 115 -2.55 13.08 -5.09
N THR C 116 -2.23 14.12 -4.32
CA THR C 116 -0.87 14.42 -3.87
C THR C 116 -0.82 14.30 -2.36
N VAL C 117 -0.02 13.35 -1.86
CA VAL C 117 0.05 13.08 -0.44
C VAL C 117 1.29 13.78 0.10
N SER C 118 1.08 14.88 0.82
CA SER C 118 2.17 15.61 1.45
C SER C 118 1.62 16.54 2.50
N SER C 119 2.50 16.91 3.44
CA SER C 119 2.17 17.82 4.53
C SER C 119 2.65 19.24 4.27
N ALA C 120 3.31 19.49 3.14
CA ALA C 120 3.73 20.83 2.77
C ALA C 120 2.51 21.72 2.55
N LYS C 121 2.57 22.96 3.05
CA LYS C 121 1.36 23.74 3.00
C LYS C 121 1.24 24.41 1.65
N THR C 122 -0.01 24.63 1.24
CA THR C 122 -0.31 25.19 -0.09
C THR C 122 0.21 26.63 -0.14
N THR C 123 1.18 26.88 -1.01
CA THR C 123 1.71 28.22 -1.24
C THR C 123 1.37 28.69 -2.64
N ALA C 124 1.19 30.03 -2.80
CA ALA C 124 0.74 30.69 -4.01
C ALA C 124 1.94 31.04 -4.92
N PRO C 125 1.74 31.17 -6.22
CA PRO C 125 2.87 31.29 -7.15
C PRO C 125 3.34 32.73 -7.36
N SER C 126 4.53 32.86 -7.93
CA SER C 126 5.05 34.15 -8.40
C SER C 126 5.24 34.05 -9.91
N VAL C 127 4.50 34.84 -10.66
CA VAL C 127 4.60 34.86 -12.12
C VAL C 127 5.53 36.00 -12.51
N TYR C 128 6.52 35.67 -13.34
CA TYR C 128 7.44 36.65 -13.85
C TYR C 128 7.39 36.60 -15.38
N PRO C 129 7.16 37.74 -16.03
CA PRO C 129 7.12 37.76 -17.49
C PRO C 129 8.53 37.80 -18.05
N LEU C 130 8.74 37.02 -19.12
CA LEU C 130 10.03 36.96 -19.81
C LEU C 130 9.99 37.70 -21.14
N GLU C 131 10.44 38.96 -21.12
CA GLU C 131 10.66 39.76 -22.32
C GLU C 131 11.85 39.23 -23.09
N VAL C 132 11.95 39.59 -24.37
CA VAL C 132 13.02 39.02 -25.16
C VAL C 132 14.37 39.58 -24.72
N SER C 133 14.75 40.77 -25.17
CA SER C 133 16.01 41.39 -24.75
C SER C 133 16.14 42.71 -25.53
N ALA C 134 17.13 43.53 -25.16
CA ALA C 134 17.23 44.87 -25.73
C ALA C 134 17.62 44.87 -27.20
N ALA C 135 18.15 43.75 -27.72
CA ALA C 135 18.49 43.61 -29.14
C ALA C 135 17.25 43.74 -30.02
N THR C 138 17.31 41.08 -33.04
CA THR C 138 15.97 40.67 -33.46
C THR C 138 16.01 40.38 -34.96
N GLY C 139 14.97 39.74 -35.50
CA GLY C 139 14.91 39.48 -36.93
C GLY C 139 13.73 38.68 -37.43
N SER C 140 13.79 37.36 -37.23
CA SER C 140 12.87 36.44 -37.88
C SER C 140 11.54 36.35 -37.13
N SER C 141 11.54 35.71 -35.97
CA SER C 141 10.37 35.54 -35.13
C SER C 141 10.79 35.69 -33.67
N VAL C 142 9.91 36.25 -32.84
CA VAL C 142 10.27 36.55 -31.45
C VAL C 142 9.59 35.51 -30.59
N THR C 143 10.41 34.79 -29.83
CA THR C 143 9.94 33.87 -28.82
C THR C 143 9.89 34.60 -27.49
N LEU C 144 8.77 34.46 -26.79
CA LEU C 144 8.54 35.03 -25.48
C LEU C 144 8.23 33.91 -24.53
N GLY C 145 8.43 34.16 -23.24
CA GLY C 145 8.29 33.12 -22.25
C GLY C 145 7.54 33.66 -21.06
N CYS C 146 7.30 32.78 -20.10
CA CYS C 146 6.60 33.13 -18.88
C CYS C 146 6.90 32.07 -17.85
N LEU C 147 7.39 32.51 -16.68
CA LEU C 147 7.96 31.66 -15.64
C LEU C 147 7.12 31.74 -14.38
N VAL C 148 6.63 30.61 -13.91
CA VAL C 148 5.80 30.52 -12.71
C VAL C 148 6.60 29.79 -11.62
N LYS C 149 6.93 30.49 -10.54
CA LYS C 149 7.86 29.94 -9.56
C LYS C 149 7.29 29.97 -8.14
N GLY C 150 7.46 28.83 -7.44
CA GLY C 150 7.14 28.65 -6.03
C GLY C 150 5.72 28.31 -5.58
N TYR C 151 5.11 27.23 -6.10
CA TYR C 151 3.69 26.91 -5.86
C TYR C 151 3.54 25.44 -5.44
N PHE C 152 2.40 25.13 -4.75
CA PHE C 152 2.02 23.80 -4.24
C PHE C 152 0.53 23.80 -3.89
N PRO C 153 -0.24 22.74 -4.24
CA PRO C 153 -0.05 21.50 -5.01
C PRO C 153 0.10 21.71 -6.50
N GLU C 154 0.05 20.63 -7.26
CA GLU C 154 0.56 20.69 -8.63
C GLU C 154 -0.43 21.19 -9.70
N PRO C 155 -1.79 21.09 -9.52
CA PRO C 155 -2.70 21.56 -10.59
C PRO C 155 -2.51 23.03 -10.88
N CYS C 156 -1.89 23.34 -12.03
CA CYS C 156 -1.64 24.72 -12.42
C CYS C 156 -1.87 24.92 -13.92
N THR C 157 -2.72 25.88 -14.28
CA THR C 157 -3.12 26.07 -15.68
C THR C 157 -2.61 27.40 -16.23
N LEU C 158 -1.88 27.34 -17.36
CA LEU C 158 -1.26 28.49 -18.02
C LEU C 158 -1.80 28.66 -19.44
N THR C 159 -2.40 29.82 -19.73
CA THR C 159 -2.82 30.17 -21.09
C THR C 159 -2.18 31.48 -21.55
N TRP C 160 -2.00 31.59 -22.86
CA TRP C 160 -1.43 32.78 -23.48
C TRP C 160 -2.49 33.58 -24.24
N ASN C 161 -2.62 34.86 -23.90
CA ASN C 161 -3.65 35.73 -24.48
C ASN C 161 -5.04 35.14 -24.29
N SER C 162 -5.26 34.53 -23.12
CA SER C 162 -6.53 34.00 -22.66
C SER C 162 -7.04 32.82 -23.49
N GLY C 163 -6.18 32.15 -24.27
CA GLY C 163 -6.56 31.02 -25.07
C GLY C 163 -6.55 31.25 -26.57
N SER C 164 -6.59 32.52 -27.01
CA SER C 164 -6.57 32.81 -28.45
C SER C 164 -5.36 32.18 -29.13
N LEU C 165 -4.21 32.21 -28.45
CA LEU C 165 -2.93 31.77 -29.00
C LEU C 165 -2.72 30.32 -28.56
N SER C 166 -3.23 29.38 -29.37
CA SER C 166 -3.13 27.97 -29.02
C SER C 166 -1.91 27.29 -29.65
N SER C 167 -1.32 27.90 -30.67
CA SER C 167 -0.26 27.27 -31.43
C SER C 167 1.02 28.06 -31.24
N GLY C 168 2.15 27.36 -31.33
CA GLY C 168 3.42 27.97 -31.06
C GLY C 168 3.74 28.10 -29.60
N VAL C 169 2.93 27.48 -28.75
CA VAL C 169 3.12 27.45 -27.32
C VAL C 169 3.82 26.16 -26.94
N HIS C 170 4.71 26.24 -25.95
CA HIS C 170 5.37 25.11 -25.34
C HIS C 170 5.23 25.28 -23.84
N THR C 171 4.29 24.55 -23.22
CA THR C 171 4.11 24.58 -21.76
C THR C 171 4.85 23.39 -21.14
N PHE C 172 6.01 23.69 -20.55
CA PHE C 172 6.87 22.68 -19.97
C PHE C 172 6.27 22.13 -18.67
N PRO C 173 6.48 20.85 -18.37
CA PRO C 173 5.93 20.29 -17.14
C PRO C 173 6.67 20.83 -15.92
N ALA C 174 6.01 20.72 -14.78
CA ALA C 174 6.57 21.30 -13.57
C ALA C 174 7.62 20.39 -12.94
N VAL C 175 8.53 21.02 -12.21
CA VAL C 175 9.56 20.30 -11.48
C VAL C 175 9.43 20.71 -10.03
N LEU C 176 9.70 19.75 -9.14
CA LEU C 176 9.66 19.99 -7.70
C LEU C 176 11.08 20.22 -7.20
N ALA C 177 11.26 21.31 -6.48
CA ALA C 177 12.53 21.58 -5.80
C ALA C 177 12.21 22.10 -4.40
N SER C 178 12.52 21.30 -3.38
CA SER C 178 12.35 21.69 -1.97
C SER C 178 10.90 22.07 -1.64
N ASP C 179 10.00 21.13 -1.90
CA ASP C 179 8.58 21.29 -1.58
C ASP C 179 7.97 22.53 -2.22
N LEU C 180 8.52 22.93 -3.37
CA LEU C 180 8.00 24.02 -4.20
C LEU C 180 8.18 23.64 -5.66
N TYR C 181 7.17 24.01 -6.47
CA TYR C 181 7.15 23.73 -7.90
C TYR C 181 7.64 24.95 -8.69
N THR C 182 8.09 24.70 -9.93
CA THR C 182 8.37 25.80 -10.84
C THR C 182 8.05 25.39 -12.28
N LEU C 183 7.35 26.26 -12.99
CA LEU C 183 6.84 25.96 -14.31
C LEU C 183 7.20 27.07 -15.30
N SER C 184 7.28 26.72 -16.58
CA SER C 184 7.55 27.72 -17.60
C SER C 184 6.80 27.33 -18.87
N SER C 185 6.50 28.35 -19.69
CA SER C 185 5.93 28.17 -21.01
C SER C 185 6.43 29.28 -21.93
N SER C 186 6.58 28.93 -23.19
CA SER C 186 7.14 29.82 -24.20
C SER C 186 6.17 29.91 -25.37
N VAL C 187 6.19 31.06 -26.05
CA VAL C 187 5.39 31.34 -27.23
C VAL C 187 6.29 31.90 -28.31
N THR C 188 6.19 31.37 -29.52
CA THR C 188 6.87 31.96 -30.68
C THR C 188 5.83 32.54 -31.63
N VAL C 189 5.92 33.86 -31.82
CA VAL C 189 5.09 34.62 -32.74
C VAL C 189 6.04 35.40 -33.64
N THR C 190 5.49 36.01 -34.69
CA THR C 190 6.28 36.70 -35.71
C THR C 190 6.70 38.09 -35.23
N SER C 191 7.81 38.60 -35.77
CA SER C 191 8.26 39.95 -35.42
C SER C 191 7.23 41.01 -35.77
N SER C 192 6.31 40.73 -36.70
CA SER C 192 5.21 41.63 -36.94
C SER C 192 4.27 41.72 -35.75
N THR C 193 4.09 40.61 -35.03
CA THR C 193 3.03 40.51 -34.04
C THR C 193 3.42 41.09 -32.69
N TRP C 194 4.71 41.10 -32.35
CA TRP C 194 5.17 41.57 -31.05
C TRP C 194 6.40 42.45 -31.29
N PRO C 195 6.55 43.55 -30.56
CA PRO C 195 5.67 44.03 -29.49
C PRO C 195 4.48 44.84 -30.01
N SER C 196 4.23 44.81 -31.31
CA SER C 196 3.21 45.68 -31.87
C SER C 196 1.83 45.40 -31.29
N GLN C 197 1.61 44.20 -30.76
CA GLN C 197 0.35 43.84 -30.15
C GLN C 197 0.62 43.41 -28.71
N SER C 198 -0.45 43.30 -27.92
CA SER C 198 -0.29 42.98 -26.51
C SER C 198 -0.35 41.47 -26.36
N ILE C 199 0.64 40.90 -25.66
CA ILE C 199 0.68 39.49 -25.31
C ILE C 199 0.84 39.37 -23.80
N THR C 200 -0.06 38.61 -23.18
CA THR C 200 -0.09 38.46 -21.73
C THR C 200 -0.06 36.98 -21.34
N CYS C 201 0.53 36.72 -20.18
CA CYS C 201 0.70 35.39 -19.62
C CYS C 201 -0.35 35.13 -18.53
N ASN C 202 -1.31 34.23 -18.79
CA ASN C 202 -2.41 33.97 -17.85
C ASN C 202 -2.15 32.75 -16.99
N VAL C 203 -2.00 32.96 -15.68
CA VAL C 203 -1.64 31.92 -14.73
C VAL C 203 -2.77 31.75 -13.72
N ALA C 204 -3.13 30.51 -13.43
CA ALA C 204 -4.21 30.20 -12.51
C ALA C 204 -3.79 29.07 -11.58
N HIS C 205 -3.96 29.30 -10.27
CA HIS C 205 -3.75 28.30 -9.23
C HIS C 205 -5.01 28.16 -8.38
N PRO C 206 -5.96 27.29 -8.75
CA PRO C 206 -7.24 27.29 -8.02
C PRO C 206 -7.11 27.01 -6.54
N ALA C 207 -6.05 26.27 -6.14
CA ALA C 207 -5.91 25.78 -4.77
C ALA C 207 -5.61 26.91 -3.78
N SER C 208 -4.95 27.98 -4.22
CA SER C 208 -4.78 29.19 -3.42
C SER C 208 -5.65 30.35 -3.90
N SER C 209 -6.62 30.07 -4.78
CA SER C 209 -7.55 31.07 -5.34
C SER C 209 -6.84 32.27 -6.01
N THR C 210 -5.77 31.98 -6.77
CA THR C 210 -4.92 33.01 -7.37
C THR C 210 -5.14 33.07 -8.87
N LYS C 211 -5.58 34.25 -9.36
CA LYS C 211 -5.72 34.59 -10.78
C LYS C 211 -4.85 35.83 -11.03
N VAL C 212 -3.79 35.69 -11.83
CA VAL C 212 -2.88 36.81 -12.12
C VAL C 212 -2.58 36.84 -13.62
N ASP C 213 -2.43 38.06 -14.17
CA ASP C 213 -2.10 38.28 -15.58
C ASP C 213 -0.80 39.06 -15.65
N LYS C 214 0.08 38.73 -16.62
CA LYS C 214 1.38 39.40 -16.73
C LYS C 214 1.69 39.71 -18.20
N LYS C 215 1.69 41.01 -18.56
CA LYS C 215 1.98 41.40 -19.93
C LYS C 215 3.48 41.45 -20.17
N ILE C 216 3.89 40.96 -21.35
CA ILE C 216 5.28 41.02 -21.79
C ILE C 216 5.52 42.37 -22.46
N GLU C 217 6.41 43.18 -21.91
CA GLU C 217 6.74 44.44 -22.54
C GLU C 217 8.21 44.44 -22.95
N PRO C 218 8.61 45.30 -23.89
CA PRO C 218 9.95 45.15 -24.48
C PRO C 218 11.11 45.37 -23.52
N ALA C 219 10.95 46.16 -22.47
CA ALA C 219 12.05 46.36 -21.52
C ALA C 219 11.52 46.54 -20.11
N GLN D 1 23.77 -7.50 29.85
CA GLN D 1 23.40 -8.31 28.70
C GLN D 1 22.32 -7.47 28.03
N ILE D 2 22.66 -6.86 26.90
CA ILE D 2 21.69 -6.04 26.19
C ILE D 2 20.64 -6.93 25.54
N GLN D 3 19.39 -6.68 25.88
CA GLN D 3 18.27 -7.48 25.41
C GLN D 3 17.12 -6.58 24.97
N LEU D 4 16.66 -6.78 23.73
CA LEU D 4 15.45 -6.17 23.18
C LEU D 4 14.42 -7.26 22.91
N VAL D 5 13.29 -7.26 23.64
CA VAL D 5 12.25 -8.27 23.45
C VAL D 5 11.00 -7.54 22.95
N GLN D 6 10.55 -7.89 21.74
CA GLN D 6 9.41 -7.31 21.08
C GLN D 6 8.11 -8.08 21.36
N SER D 7 7.04 -7.71 20.65
CA SER D 7 5.71 -8.27 20.84
C SER D 7 5.53 -9.60 20.10
N GLY D 8 4.32 -10.13 20.22
CA GLY D 8 4.01 -11.42 19.64
C GLY D 8 3.45 -11.22 18.25
N PRO D 9 3.47 -12.26 17.42
CA PRO D 9 2.94 -12.11 16.06
C PRO D 9 1.50 -11.63 16.10
N LYS D 10 1.16 -10.74 15.17
CA LYS D 10 -0.18 -10.17 15.12
C LYS D 10 -0.83 -10.51 13.79
N LEU D 11 -2.12 -10.85 13.88
CA LEU D 11 -3.02 -10.98 12.74
C LEU D 11 -3.98 -9.82 12.87
N SER D 12 -3.66 -8.73 12.15
CA SER D 12 -4.53 -7.56 12.01
C SER D 12 -5.36 -7.71 10.74
N LYS D 13 -6.67 -7.40 10.85
CA LYS D 13 -7.59 -7.42 9.72
C LYS D 13 -7.38 -6.18 8.84
N PRO D 14 -7.48 -6.33 7.48
CA PRO D 14 -7.18 -5.20 6.58
C PRO D 14 -7.93 -3.94 6.97
N GLY D 15 -7.20 -2.88 7.27
CA GLY D 15 -7.76 -1.63 7.72
C GLY D 15 -7.70 -1.40 9.22
N ALA D 16 -7.11 -2.30 10.00
CA ALA D 16 -7.06 -2.10 11.43
C ALA D 16 -5.69 -1.57 11.84
N THR D 17 -5.44 -1.47 13.13
CA THR D 17 -4.17 -0.98 13.60
C THR D 17 -3.62 -1.96 14.62
N ASP D 18 -2.34 -1.83 14.87
CA ASP D 18 -1.69 -2.56 15.94
C ASP D 18 -0.56 -1.72 16.46
N LYS D 19 -0.14 -2.03 17.68
CA LYS D 19 0.99 -1.38 18.30
C LYS D 19 2.00 -2.47 18.61
N ILE D 20 3.23 -2.26 18.16
CA ILE D 20 4.33 -3.18 18.44
C ILE D 20 5.20 -2.58 19.53
N SER D 21 5.56 -3.39 20.51
CA SER D 21 6.37 -3.01 21.66
C SER D 21 7.75 -3.64 21.54
N CYS D 22 8.66 -3.17 22.41
CA CYS D 22 10.06 -3.63 22.39
C CYS D 22 10.68 -3.25 23.74
N ALA D 23 10.61 -4.20 24.70
CA ALA D 23 11.13 -4.01 26.06
C ALA D 23 12.65 -4.19 26.07
N ALA D 24 13.37 -3.18 26.59
CA ALA D 24 14.83 -3.10 26.50
C ALA D 24 15.44 -3.28 27.89
N GLY D 25 16.14 -4.39 28.11
CA GLY D 25 16.87 -4.62 29.34
C GLY D 25 18.37 -4.72 29.08
N GLY D 26 19.17 -4.20 30.01
CA GLY D 26 20.61 -4.37 29.96
C GLY D 26 21.43 -3.12 29.72
N TYR D 27 20.80 -1.97 29.48
CA TYR D 27 21.57 -0.74 29.30
C TYR D 27 20.68 0.44 29.70
N SER D 28 21.32 1.60 29.90
CA SER D 28 20.54 2.79 30.21
C SER D 28 19.82 3.24 28.94
N PHE D 29 18.48 3.22 29.01
CA PHE D 29 17.62 3.37 27.85
C PHE D 29 17.87 4.66 27.06
N THR D 30 17.94 5.81 27.77
CA THR D 30 18.06 7.10 27.11
C THR D 30 19.44 7.35 26.52
N ASP D 31 20.47 6.62 26.96
CA ASP D 31 21.79 6.87 26.42
C ASP D 31 21.95 6.32 24.99
N TYR D 32 20.84 5.92 24.36
CA TYR D 32 20.87 5.27 23.04
C TYR D 32 19.62 5.69 22.27
N VAL D 33 19.60 5.35 20.99
CA VAL D 33 18.50 5.64 20.07
C VAL D 33 17.79 4.34 19.69
N MET D 34 16.46 4.37 19.61
CA MET D 34 15.68 3.22 19.16
C MET D 34 15.22 3.44 17.73
N ASN D 35 15.52 2.49 16.85
CA ASN D 35 15.14 2.58 15.45
C ASN D 35 14.16 1.44 15.16
N TRP D 36 13.49 1.47 14.00
CA TRP D 36 12.63 0.37 13.58
C TRP D 36 12.87 0.09 12.10
N VAL D 37 12.77 -1.18 11.70
CA VAL D 37 13.17 -1.64 10.37
C VAL D 37 12.15 -2.66 9.87
N LYS D 38 12.01 -2.78 8.54
CA LYS D 38 11.01 -3.65 7.91
C LYS D 38 11.64 -4.62 6.91
N ALA D 39 11.38 -5.92 7.07
CA ALA D 39 11.85 -6.94 6.13
C ALA D 39 10.64 -7.61 5.49
N SER D 40 10.58 -7.59 4.15
CA SER D 40 9.45 -8.10 3.40
C SER D 40 9.98 -9.14 2.41
N PRO D 41 9.11 -9.92 1.67
CA PRO D 41 9.53 -11.24 1.14
C PRO D 41 10.99 -11.43 0.75
N LEU D 42 11.57 -12.46 1.38
CA LEU D 42 12.99 -12.81 1.44
C LEU D 42 13.97 -11.64 1.52
N LYS D 43 14.15 -10.87 0.44
CA LYS D 43 15.05 -9.72 0.43
C LYS D 43 14.33 -8.40 0.21
N GLY D 44 14.77 -7.36 0.94
CA GLY D 44 14.20 -6.04 0.94
C GLY D 44 14.11 -5.48 2.35
N LEU D 45 15.18 -4.86 2.88
CA LEU D 45 15.18 -4.18 4.19
C LEU D 45 14.98 -2.68 4.07
N GLU D 46 14.02 -2.12 4.80
CA GLU D 46 13.71 -0.69 4.72
C GLU D 46 13.80 -0.01 6.08
N TRP D 47 14.55 1.09 6.16
CA TRP D 47 14.48 1.93 7.36
C TRP D 47 13.08 2.52 7.49
N ASN D 48 12.71 2.82 8.71
CA ASN D 48 11.31 3.01 8.98
C ASN D 48 11.02 4.19 9.88
N GLY D 49 12.04 4.87 10.37
CA GLY D 49 11.82 5.92 11.35
C GLY D 49 12.50 5.58 12.66
N SER D 50 12.72 6.57 13.53
CA SER D 50 13.51 6.32 14.71
C SER D 50 13.41 7.51 15.67
N ILE D 51 13.72 7.27 16.93
CA ILE D 51 13.41 8.22 18.00
C ILE D 51 14.54 8.27 19.01
N ASN D 52 14.99 9.47 19.30
CA ASN D 52 15.89 9.68 20.43
C ASN D 52 15.06 9.94 21.66
N THR D 53 15.16 9.01 22.61
CA THR D 53 14.25 9.01 23.76
C THR D 53 14.54 10.16 24.71
N SER D 54 15.78 10.66 24.74
CA SER D 54 16.14 11.72 25.68
C SER D 54 15.32 12.99 25.42
N ASN D 55 15.12 13.35 24.15
CA ASN D 55 14.34 14.54 23.80
C ASN D 55 13.09 14.19 23.00
N GLY D 56 12.67 12.92 23.05
CA GLY D 56 11.47 12.43 22.38
C GLY D 56 11.35 12.70 20.88
N ALA D 57 12.47 12.85 20.21
CA ALA D 57 12.50 13.45 18.88
C ALA D 57 12.54 12.36 17.82
N THR D 58 11.41 12.12 17.15
CA THR D 58 11.44 11.04 16.16
C THR D 58 11.88 11.61 14.82
N THR D 59 12.28 10.72 13.92
CA THR D 59 12.52 11.11 12.54
C THR D 59 12.12 9.96 11.63
N TYR D 60 11.23 10.19 10.67
CA TYR D 60 10.70 9.12 9.83
C TYR D 60 11.30 9.17 8.44
N ILE D 61 11.12 8.10 7.74
CA ILE D 61 11.31 8.09 6.29
C ILE D 61 10.00 8.53 5.67
N SER D 62 10.10 9.33 4.59
CA SER D 62 8.89 9.84 3.93
C SER D 62 7.94 8.70 3.63
N ALA D 63 8.49 7.58 3.13
CA ALA D 63 7.66 6.47 2.66
C ALA D 63 6.70 6.04 3.73
N PHE D 64 7.10 6.16 5.00
CA PHE D 64 6.33 5.65 6.12
C PHE D 64 5.69 6.74 6.96
N LYS D 65 5.82 8.01 6.59
CA LYS D 65 5.07 9.03 7.31
C LYS D 65 3.58 8.78 7.09
N GLY D 66 2.84 8.54 8.17
CA GLY D 66 1.41 8.30 8.07
C GLY D 66 0.98 6.86 8.27
N ALA D 67 1.93 5.90 8.21
CA ALA D 67 1.74 4.52 8.67
C ALA D 67 2.36 4.30 10.06
N GLY D 68 3.68 4.46 10.15
CA GLY D 68 4.39 4.32 11.43
C GLY D 68 4.27 5.56 12.32
N SER D 69 4.08 5.31 13.63
CA SER D 69 4.05 6.35 14.66
C SER D 69 4.95 5.89 15.81
N HIS D 70 6.09 6.54 15.99
CA HIS D 70 6.95 6.19 17.11
C HIS D 70 6.57 6.88 18.40
N SER D 71 6.87 6.21 19.50
CA SER D 71 6.66 6.67 20.85
C SER D 71 7.56 5.83 21.73
N VAL D 72 7.86 6.33 22.93
CA VAL D 72 8.68 5.61 23.91
C VAL D 72 8.11 5.82 25.30
N ASP D 73 8.36 4.86 26.19
CA ASP D 73 7.97 4.93 27.60
C ASP D 73 9.23 4.96 28.46
N SER D 74 9.65 6.15 28.93
CA SER D 74 10.92 6.22 29.66
C SER D 74 10.92 5.39 30.94
N SER D 75 9.76 5.21 31.59
CA SER D 75 9.81 4.42 32.83
C SER D 75 9.89 2.93 32.53
N ALA D 76 9.09 2.44 31.57
CA ALA D 76 9.08 1.03 31.22
C ALA D 76 10.26 0.65 30.34
N SER D 77 11.10 1.62 29.96
CA SER D 77 12.23 1.41 29.06
C SER D 77 11.84 0.55 27.85
N THR D 78 10.61 0.75 27.38
CA THR D 78 10.16 0.10 26.16
C THR D 78 9.90 1.14 25.07
N ALA D 79 9.88 0.65 23.84
CA ALA D 79 9.64 1.44 22.65
C ALA D 79 8.42 0.85 21.95
N ALA D 80 7.57 1.71 21.39
CA ALA D 80 6.38 1.22 20.73
C ALA D 80 6.21 1.95 19.40
N GLN D 81 5.74 1.21 18.40
CA GLN D 81 5.46 1.71 17.06
C GLN D 81 4.06 1.29 16.70
N GLN D 82 3.22 2.25 16.32
CA GLN D 82 1.87 1.96 15.88
C GLN D 82 1.81 1.99 14.36
N LEU D 83 1.19 0.97 13.78
CA LEU D 83 0.95 0.91 12.35
C LEU D 83 -0.54 1.05 12.10
N SER D 84 -0.93 1.87 11.12
CA SER D 84 -2.32 2.28 10.97
C SER D 84 -2.85 1.92 9.59
N ALA D 85 -4.11 1.46 9.55
CA ALA D 85 -4.87 1.06 8.36
C ALA D 85 -4.05 0.25 7.36
N LEU D 86 -3.71 -0.98 7.71
CA LEU D 86 -2.75 -1.77 6.98
C LEU D 86 -3.37 -2.39 5.71
N LYS D 87 -2.52 -2.72 4.73
CA LYS D 87 -2.96 -3.44 3.53
C LYS D 87 -2.09 -4.69 3.35
N ALA D 88 -2.34 -5.44 2.27
CA ALA D 88 -1.58 -6.67 2.02
C ALA D 88 -0.10 -6.39 1.99
N ALA D 89 0.30 -5.23 1.49
CA ALA D 89 1.73 -4.97 1.31
C ALA D 89 2.44 -4.76 2.63
N ASP D 90 1.70 -4.56 3.74
CA ASP D 90 2.25 -4.37 5.06
C ASP D 90 2.51 -5.68 5.81
N THR D 91 2.25 -6.80 5.19
CA THR D 91 2.60 -8.07 5.79
C THR D 91 4.11 -8.21 5.68
N ALA D 92 4.79 -8.08 6.80
CA ALA D 92 6.24 -8.03 6.84
C ALA D 92 6.69 -8.42 8.24
N VAL D 93 8.00 -8.45 8.44
CA VAL D 93 8.59 -8.66 9.75
C VAL D 93 9.18 -7.32 10.19
N TYR D 94 8.82 -6.87 11.40
CA TYR D 94 9.28 -5.59 11.91
C TYR D 94 10.31 -5.79 13.00
N PHE D 95 11.45 -5.13 12.85
CA PHE D 95 12.56 -5.29 13.74
C PHE D 95 12.73 -4.02 14.54
N CYS D 96 13.27 -4.17 15.72
CA CYS D 96 13.58 -3.10 16.62
C CYS D 96 15.09 -3.10 16.79
N ALA D 97 15.72 -1.93 16.90
CA ALA D 97 17.18 -1.88 16.92
C ALA D 97 17.64 -0.78 17.85
N ARG D 98 18.95 -0.54 17.88
CA ARG D 98 19.58 0.32 18.90
C ARG D 98 20.78 1.00 18.28
N ASN D 99 20.85 2.32 18.43
CA ASN D 99 21.88 3.15 17.80
C ASN D 99 22.40 4.10 18.86
N PHE D 100 23.73 4.25 18.94
CA PHE D 100 24.37 5.38 19.62
C PHE D 100 24.87 6.36 18.55
N ARG D 101 24.81 7.66 18.85
CA ARG D 101 24.99 8.63 17.77
C ARG D 101 26.32 8.46 17.07
N GLY D 102 26.25 7.79 15.93
CA GLY D 102 27.34 7.74 14.99
C GLY D 102 28.51 6.87 15.33
N ASN D 103 28.85 6.71 16.63
CA ASN D 103 30.01 5.88 17.06
C ASN D 103 29.82 4.45 16.70
N GLY D 104 28.69 4.20 16.05
CA GLY D 104 28.41 2.91 15.51
C GLY D 104 27.15 2.97 14.68
N ALA D 105 26.58 1.78 14.54
CA ALA D 105 25.35 1.54 13.84
C ALA D 105 24.41 0.78 14.77
N MET D 106 23.56 -0.05 14.18
CA MET D 106 22.53 -0.77 14.91
C MET D 106 23.18 -2.06 15.42
N ASP D 107 23.63 -2.02 16.69
CA ASP D 107 24.47 -3.08 17.24
C ASP D 107 23.63 -4.24 17.79
N TYR D 108 22.59 -3.94 18.56
CA TYR D 108 21.72 -4.96 19.10
C TYR D 108 20.33 -4.79 18.52
N TRP D 109 19.74 -5.90 18.11
CA TRP D 109 18.45 -5.94 17.42
C TRP D 109 17.40 -6.61 18.29
N GLY D 110 16.20 -6.75 17.74
CA GLY D 110 15.10 -7.37 18.43
C GLY D 110 14.81 -8.71 17.76
N GLN D 111 13.98 -9.53 18.43
CA GLN D 111 13.64 -10.82 17.85
C GLN D 111 12.83 -10.64 16.56
N GLY D 112 12.06 -9.56 16.44
CA GLY D 112 11.21 -9.41 15.27
C GLY D 112 9.74 -9.72 15.52
N THR D 113 8.86 -8.80 15.13
CA THR D 113 7.42 -9.03 15.13
C THR D 113 6.93 -9.31 13.71
N SER D 114 6.27 -10.43 13.51
CA SER D 114 5.73 -10.78 12.22
C SER D 114 4.24 -10.42 12.17
N VAL D 115 3.91 -9.39 11.41
CA VAL D 115 2.54 -8.97 11.23
C VAL D 115 2.00 -9.61 9.95
N THR D 116 0.84 -10.26 10.06
CA THR D 116 0.14 -10.87 8.94
C THR D 116 -1.14 -10.09 8.74
N VAL D 117 -1.28 -9.45 7.59
CA VAL D 117 -2.42 -8.59 7.28
C VAL D 117 -3.35 -9.37 6.36
N SER D 118 -4.43 -9.90 6.94
CA SER D 118 -5.37 -10.72 6.20
C SER D 118 -6.68 -10.83 6.97
N SER D 119 -7.74 -11.20 6.24
CA SER D 119 -9.06 -11.38 6.81
C SER D 119 -9.45 -12.83 7.04
N ALA D 120 -8.62 -13.79 6.63
CA ALA D 120 -8.92 -15.20 6.88
C ALA D 120 -8.90 -15.43 8.38
N LYS D 121 -9.88 -16.16 8.87
CA LYS D 121 -10.01 -16.25 10.31
C LYS D 121 -9.18 -17.40 10.85
N THR D 122 -8.76 -17.26 12.11
CA THR D 122 -7.83 -18.20 12.74
C THR D 122 -8.50 -19.57 12.85
N THR D 123 -7.95 -20.56 12.15
CA THR D 123 -8.42 -21.93 12.30
C THR D 123 -7.30 -22.78 12.90
N ALA D 124 -7.68 -23.74 13.74
CA ALA D 124 -6.67 -24.50 14.45
C ALA D 124 -6.23 -25.72 13.62
N PRO D 125 -5.04 -26.27 13.90
CA PRO D 125 -4.45 -27.26 13.00
C PRO D 125 -4.90 -28.68 13.26
N SER D 126 -4.65 -29.55 12.28
CA SER D 126 -4.87 -30.98 12.43
C SER D 126 -3.53 -31.67 12.34
N VAL D 127 -3.10 -32.29 13.43
CA VAL D 127 -1.82 -32.98 13.45
C VAL D 127 -2.06 -34.44 13.12
N TYR D 128 -1.29 -34.95 12.17
CA TYR D 128 -1.35 -36.33 11.79
C TYR D 128 0.06 -36.89 11.91
N PRO D 129 0.26 -38.00 12.61
CA PRO D 129 1.61 -38.57 12.71
C PRO D 129 1.94 -39.36 11.46
N LEU D 130 3.17 -39.18 10.99
CA LEU D 130 3.65 -39.91 9.81
C LEU D 130 4.47 -41.09 10.30
N GLU D 131 3.80 -42.22 10.40
CA GLU D 131 4.40 -43.50 10.70
C GLU D 131 5.23 -44.00 9.53
N VAL D 132 6.24 -44.80 9.85
CA VAL D 132 7.11 -45.33 8.81
C VAL D 132 6.38 -46.44 8.07
N SER D 133 6.60 -46.53 6.77
CA SER D 133 5.92 -47.55 5.96
C SER D 133 6.25 -48.97 6.45
N ALA D 137 10.60 -53.79 7.15
CA ALA D 137 11.36 -53.30 6.00
C ALA D 137 12.65 -52.60 6.42
N THR D 138 12.69 -52.15 7.67
CA THR D 138 13.78 -51.29 8.14
C THR D 138 15.13 -51.97 8.02
N GLY D 139 16.20 -51.15 8.09
CA GLY D 139 17.57 -51.62 8.15
C GLY D 139 18.48 -50.88 9.12
N SER D 140 18.99 -49.75 8.67
CA SER D 140 20.03 -48.99 9.39
C SER D 140 19.47 -47.97 10.37
N SER D 141 18.84 -46.90 9.84
CA SER D 141 18.23 -45.83 10.62
C SER D 141 16.91 -45.42 10.00
N VAL D 142 15.93 -45.07 10.84
CA VAL D 142 14.57 -44.76 10.38
C VAL D 142 14.30 -43.29 10.58
N THR D 143 13.89 -42.63 9.50
CA THR D 143 13.33 -41.29 9.61
C THR D 143 11.82 -41.44 9.69
N LEU D 144 11.22 -40.77 10.67
CA LEU D 144 9.76 -40.74 10.82
C LEU D 144 9.34 -39.28 10.93
N GLY D 145 8.09 -38.99 10.55
CA GLY D 145 7.67 -37.62 10.30
C GLY D 145 6.37 -37.27 10.98
N CYS D 146 5.95 -36.03 10.73
CA CYS D 146 4.76 -35.47 11.35
C CYS D 146 4.23 -34.30 10.53
N LEU D 147 2.94 -34.37 10.20
CA LEU D 147 2.27 -33.49 9.25
C LEU D 147 1.25 -32.63 9.96
N VAL D 148 1.43 -31.32 9.95
CA VAL D 148 0.51 -30.40 10.60
C VAL D 148 -0.20 -29.61 9.51
N LYS D 149 -1.50 -29.84 9.38
CA LYS D 149 -2.23 -29.36 8.22
C LYS D 149 -3.45 -28.55 8.60
N GLY D 150 -3.65 -27.43 7.89
CA GLY D 150 -4.83 -26.57 7.97
C GLY D 150 -4.94 -25.54 9.09
N TYR D 151 -3.96 -24.63 9.23
CA TYR D 151 -3.91 -23.70 10.36
C TYR D 151 -3.68 -22.27 9.85
N PHE D 152 -4.05 -21.30 10.69
CA PHE D 152 -3.94 -19.86 10.42
C PHE D 152 -4.08 -19.05 11.69
N PRO D 153 -3.25 -18.01 11.94
CA PRO D 153 -2.03 -17.47 11.31
C PRO D 153 -0.78 -18.34 11.48
N GLU D 154 0.40 -17.83 11.14
CA GLU D 154 1.52 -18.76 10.95
C GLU D 154 2.30 -19.12 12.22
N PRO D 155 2.30 -18.33 13.33
CA PRO D 155 3.09 -18.77 14.49
C PRO D 155 2.65 -20.16 14.92
N CYS D 156 3.44 -21.16 14.56
CA CYS D 156 3.12 -22.54 14.87
C CYS D 156 4.39 -23.23 15.33
N THR D 157 4.41 -23.74 16.56
CA THR D 157 5.66 -24.25 17.14
C THR D 157 5.56 -25.77 17.33
N LEU D 158 6.49 -26.49 16.73
CA LEU D 158 6.55 -27.94 16.72
C LEU D 158 7.85 -28.38 17.36
N THR D 159 7.77 -29.23 18.40
CA THR D 159 8.96 -29.84 19.01
C THR D 159 8.83 -31.35 18.98
N TRP D 160 9.95 -32.04 18.95
CA TRP D 160 9.97 -33.49 19.01
C TRP D 160 10.46 -33.94 20.38
N ASN D 161 9.67 -34.81 21.05
CA ASN D 161 9.99 -35.32 22.39
C ASN D 161 10.20 -34.15 23.37
N SER D 162 9.40 -33.12 23.21
CA SER D 162 9.37 -31.95 24.10
C SER D 162 10.68 -31.17 24.06
N GLY D 163 11.47 -31.37 23.01
CA GLY D 163 12.72 -30.68 22.82
C GLY D 163 13.95 -31.54 23.05
N SER D 164 13.83 -32.65 23.80
CA SER D 164 15.02 -33.48 24.07
C SER D 164 15.70 -33.85 22.77
N LEU D 165 14.90 -34.12 21.74
CA LEU D 165 15.40 -34.58 20.45
C LEU D 165 15.58 -33.34 19.59
N SER D 166 16.77 -32.74 19.70
CA SER D 166 17.11 -31.54 18.95
C SER D 166 17.83 -31.85 17.65
N SER D 167 18.32 -33.08 17.48
CA SER D 167 19.21 -33.39 16.39
C SER D 167 18.54 -34.35 15.42
N GLY D 168 18.87 -34.21 14.13
CA GLY D 168 18.22 -35.00 13.12
C GLY D 168 16.88 -34.46 12.72
N VAL D 169 16.57 -33.23 13.10
CA VAL D 169 15.27 -32.60 12.84
C VAL D 169 15.32 -31.81 11.55
N HIS D 170 14.21 -31.85 10.80
CA HIS D 170 14.00 -30.96 9.65
C HIS D 170 12.60 -30.38 9.77
N THR D 171 12.47 -29.16 10.27
CA THR D 171 11.15 -28.53 10.35
C THR D 171 10.95 -27.63 9.14
N PHE D 172 10.30 -28.17 8.12
CA PHE D 172 10.15 -27.45 6.88
C PHE D 172 9.26 -26.23 7.07
N PRO D 173 9.50 -25.15 6.34
CA PRO D 173 8.66 -23.97 6.52
C PRO D 173 7.29 -24.16 5.90
N ALA D 174 6.37 -23.32 6.35
CA ALA D 174 4.97 -23.45 5.98
C ALA D 174 4.70 -22.89 4.60
N VAL D 175 3.66 -23.41 3.98
CA VAL D 175 3.15 -22.94 2.70
C VAL D 175 1.66 -22.70 2.88
N LEU D 176 1.12 -21.76 2.09
CA LEU D 176 -0.31 -21.48 2.03
C LEU D 176 -0.93 -22.18 0.84
N ALA D 177 -2.03 -22.89 1.09
CA ALA D 177 -2.86 -23.48 0.04
C ALA D 177 -4.27 -23.16 0.46
N SER D 178 -4.95 -22.31 -0.33
CA SER D 178 -6.36 -21.94 -0.10
C SER D 178 -6.58 -21.36 1.31
N ASP D 179 -5.80 -20.34 1.65
CA ASP D 179 -5.88 -19.66 2.95
C ASP D 179 -5.68 -20.59 4.13
N LEU D 180 -4.89 -21.65 3.95
CA LEU D 180 -4.56 -22.56 5.03
C LEU D 180 -3.11 -22.97 4.91
N TYR D 181 -2.41 -23.05 6.04
CA TYR D 181 -1.00 -23.43 6.00
C TYR D 181 -0.84 -24.92 6.19
N THR D 182 0.29 -25.45 5.72
CA THR D 182 0.68 -26.79 6.11
C THR D 182 2.18 -26.82 6.35
N LEU D 183 2.53 -27.48 7.44
CA LEU D 183 3.88 -27.60 7.95
C LEU D 183 4.11 -29.08 8.11
N SER D 184 5.37 -29.49 7.99
CA SER D 184 5.71 -30.88 8.21
C SER D 184 7.10 -30.88 8.82
N SER D 185 7.41 -31.97 9.51
CA SER D 185 8.71 -32.11 10.13
C SER D 185 9.14 -33.57 10.11
N SER D 186 10.43 -33.77 9.99
CA SER D 186 10.99 -35.10 9.93
C SER D 186 12.08 -35.20 10.98
N VAL D 187 12.22 -36.40 11.54
CA VAL D 187 13.29 -36.72 12.46
C VAL D 187 13.86 -38.08 12.07
N THR D 188 15.17 -38.15 11.92
CA THR D 188 15.85 -39.38 11.55
C THR D 188 16.65 -39.86 12.77
N VAL D 189 16.29 -41.05 13.25
CA VAL D 189 16.94 -41.70 14.37
C VAL D 189 17.33 -43.12 13.98
N THR D 190 18.04 -43.80 14.90
CA THR D 190 18.62 -45.11 14.66
C THR D 190 17.58 -46.23 14.79
N SER D 191 17.78 -47.32 14.05
CA SER D 191 16.92 -48.48 14.25
C SER D 191 17.01 -48.99 15.68
N SER D 192 18.09 -48.66 16.38
CA SER D 192 18.21 -49.00 17.80
C SER D 192 17.20 -48.22 18.65
N THR D 193 16.96 -46.95 18.33
CA THR D 193 16.24 -46.06 19.24
C THR D 193 14.72 -46.09 19.06
N TRP D 194 14.20 -46.55 17.91
CA TRP D 194 12.76 -46.61 17.58
C TRP D 194 12.46 -47.93 16.89
N PRO D 195 11.29 -48.54 17.18
CA PRO D 195 10.22 -48.02 18.04
C PRO D 195 10.40 -48.21 19.53
N SER D 196 11.62 -48.58 19.95
CA SER D 196 11.90 -48.96 21.32
C SER D 196 11.71 -47.82 22.32
N GLN D 197 11.71 -46.56 21.88
CA GLN D 197 11.45 -45.43 22.77
C GLN D 197 10.24 -44.63 22.27
N SER D 198 9.81 -43.68 23.08
CA SER D 198 8.66 -42.85 22.78
C SER D 198 9.10 -41.62 22.01
N ILE D 199 8.44 -41.37 20.87
CA ILE D 199 8.70 -40.20 20.05
C ILE D 199 7.37 -39.50 19.77
N THR D 200 7.27 -38.22 20.12
CA THR D 200 6.03 -37.48 19.98
C THR D 200 6.20 -36.18 19.20
N CYS D 201 5.14 -35.79 18.47
CA CYS D 201 5.08 -34.57 17.68
C CYS D 201 4.28 -33.55 18.49
N ASN D 202 4.94 -32.54 19.05
CA ASN D 202 4.28 -31.55 19.90
C ASN D 202 3.97 -30.29 19.08
N VAL D 203 2.70 -29.98 18.91
CA VAL D 203 2.30 -28.87 18.05
C VAL D 203 1.58 -27.85 18.91
N ALA D 204 1.91 -26.58 18.73
CA ALA D 204 1.29 -25.52 19.49
C ALA D 204 0.95 -24.39 18.54
N HIS D 205 -0.30 -23.96 18.58
CA HIS D 205 -0.79 -22.83 17.81
C HIS D 205 -1.31 -21.84 18.82
N PRO D 206 -0.47 -20.94 19.34
CA PRO D 206 -0.92 -20.10 20.46
C PRO D 206 -2.12 -19.28 20.12
N ALA D 207 -2.29 -18.99 18.82
CA ALA D 207 -3.33 -18.09 18.34
C ALA D 207 -4.72 -18.69 18.46
N SER D 208 -4.86 -20.01 18.34
CA SER D 208 -6.11 -20.72 18.60
C SER D 208 -6.08 -21.46 19.94
N SER D 209 -5.12 -21.13 20.82
CA SER D 209 -4.95 -21.73 22.15
C SER D 209 -4.91 -23.26 22.07
N THR D 210 -4.24 -23.77 21.06
CA THR D 210 -4.18 -25.19 20.72
C THR D 210 -2.82 -25.74 21.08
N LYS D 211 -2.81 -26.70 22.01
CA LYS D 211 -1.62 -27.47 22.37
C LYS D 211 -1.99 -28.93 22.18
N VAL D 212 -1.32 -29.62 21.26
CA VAL D 212 -1.61 -31.03 20.95
C VAL D 212 -0.32 -31.80 20.82
N ASP D 213 -0.32 -33.06 21.30
CA ASP D 213 0.81 -34.00 21.17
C ASP D 213 0.34 -35.22 20.39
N LYS D 214 1.19 -35.75 19.50
CA LYS D 214 0.86 -36.89 18.64
C LYS D 214 2.03 -37.86 18.57
N LYS D 215 1.85 -39.07 19.13
CA LYS D 215 2.88 -40.10 19.14
C LYS D 215 2.93 -40.86 17.82
N ILE D 216 4.16 -41.12 17.34
CA ILE D 216 4.37 -41.87 16.10
C ILE D 216 4.33 -43.36 16.44
N GLU D 217 3.37 -44.07 15.86
CA GLU D 217 3.20 -45.51 16.11
C GLU D 217 3.36 -46.33 14.83
N PRO D 218 3.65 -47.62 14.98
CA PRO D 218 3.88 -48.49 13.79
C PRO D 218 2.66 -48.76 12.91
N ALA D 219 1.43 -48.60 13.42
CA ALA D 219 0.23 -48.79 12.59
C ALA D 219 -0.90 -47.83 13.00
N ASP E 1 -2.21 -14.42 -9.63
CA ASP E 1 -2.55 -13.25 -10.43
C ASP E 1 -1.82 -13.37 -11.75
N ILE E 2 -2.51 -13.15 -12.87
CA ILE E 2 -1.88 -13.30 -14.18
C ILE E 2 -0.88 -12.18 -14.39
N LEU E 3 0.38 -12.53 -14.61
CA LEU E 3 1.42 -11.55 -14.91
C LEU E 3 1.53 -11.36 -16.42
N LEU E 4 1.35 -10.12 -16.89
CA LEU E 4 1.51 -9.76 -18.28
C LEU E 4 2.82 -9.02 -18.45
N THR E 5 3.69 -9.55 -19.30
CA THR E 5 5.01 -8.98 -19.53
C THR E 5 5.02 -8.48 -20.97
N GLN E 6 5.06 -7.17 -21.11
CA GLN E 6 4.90 -6.53 -22.40
C GLN E 6 6.27 -6.10 -22.92
N SER E 7 6.55 -6.40 -24.20
CA SER E 7 7.83 -6.07 -24.83
C SER E 7 7.73 -5.55 -26.27
N PRO E 8 8.56 -4.59 -26.68
CA PRO E 8 9.63 -3.86 -26.00
C PRO E 8 9.20 -2.89 -24.94
N GLU E 9 10.15 -2.68 -24.03
CA GLU E 9 10.01 -1.71 -22.97
C GLU E 9 9.71 -0.35 -23.54
N SER E 10 10.52 0.03 -24.54
CA SER E 10 10.49 1.30 -25.24
C SER E 10 10.82 1.03 -26.71
N LEU E 11 10.14 1.73 -27.61
CA LEU E 11 10.22 1.47 -29.04
C LEU E 11 10.46 2.73 -29.85
N SER E 12 11.14 2.57 -30.98
CA SER E 12 11.33 3.66 -31.92
C SER E 12 11.08 3.15 -33.33
N VAL E 13 10.17 3.80 -34.05
CA VAL E 13 9.89 3.43 -35.43
C VAL E 13 9.82 4.70 -36.29
N VAL E 14 10.29 4.61 -37.55
CA VAL E 14 10.23 5.79 -38.41
C VAL E 14 8.81 5.96 -38.94
N VAL E 15 8.45 7.20 -39.28
CA VAL E 15 7.08 7.51 -39.71
C VAL E 15 6.84 6.77 -41.01
N GLY E 16 5.64 6.23 -41.16
CA GLY E 16 5.32 5.41 -42.29
C GLY E 16 5.61 3.94 -42.07
N PHE E 17 6.24 3.60 -40.98
CA PHE E 17 6.60 2.21 -40.79
C PHE E 17 5.73 1.55 -39.77
N TYR E 18 6.00 0.28 -39.61
CA TYR E 18 5.10 -0.66 -38.97
C TYR E 18 5.67 -1.01 -37.62
N VAL E 19 4.86 -0.90 -36.61
CA VAL E 19 5.33 -1.09 -35.25
C VAL E 19 4.54 -2.22 -34.64
N THR E 20 5.24 -3.12 -33.94
CA THR E 20 4.70 -4.40 -33.47
C THR E 20 4.99 -4.54 -31.99
N ILE E 21 4.10 -4.06 -31.16
CA ILE E 21 4.16 -4.31 -29.72
C ILE E 21 3.57 -5.69 -29.43
N THR E 22 4.12 -6.38 -28.44
CA THR E 22 3.72 -7.75 -28.14
C THR E 22 3.52 -7.96 -26.65
N SER E 23 2.65 -8.93 -26.33
CA SER E 23 2.29 -9.23 -24.95
C SER E 23 2.32 -10.73 -24.75
N GLN E 24 2.78 -11.17 -23.57
CA GLN E 24 2.82 -12.57 -23.20
C GLN E 24 2.26 -12.71 -21.80
N ALA E 25 1.38 -13.70 -21.64
CA ALA E 25 0.58 -13.84 -20.43
C ALA E 25 1.06 -15.01 -19.55
N SER E 26 0.89 -14.83 -18.25
CA SER E 26 1.25 -15.87 -17.29
C SER E 26 0.40 -17.13 -17.52
N ASN E 27 -0.93 -16.98 -17.50
CA ASN E 27 -1.91 -18.04 -17.67
C ASN E 27 -2.52 -17.89 -19.07
N ASN E 28 -3.69 -18.49 -19.26
CA ASN E 28 -4.45 -18.36 -20.48
C ASN E 28 -5.61 -17.42 -20.18
N ILE E 29 -5.77 -16.40 -21.03
CA ILE E 29 -6.87 -15.45 -20.88
C ILE E 29 -8.00 -15.74 -21.85
N THR E 30 -8.00 -16.91 -22.46
CA THR E 30 -9.05 -17.35 -23.34
C THR E 30 -10.07 -18.08 -22.47
N THR E 31 -11.33 -17.66 -22.55
CA THR E 31 -12.44 -18.42 -21.99
C THR E 31 -13.03 -19.27 -23.11
N TYR E 32 -13.71 -18.59 -24.01
CA TYR E 32 -14.26 -19.10 -25.26
C TYR E 32 -13.94 -18.16 -26.40
N SER E 33 -13.59 -16.90 -26.07
CA SER E 33 -12.88 -15.92 -26.87
C SER E 33 -11.76 -15.40 -26.00
N SER E 34 -10.67 -14.90 -26.61
CA SER E 34 -9.51 -14.36 -25.86
C SER E 34 -9.85 -13.01 -25.20
N PHE E 35 -9.42 -12.82 -23.95
CA PHE E 35 -9.90 -11.65 -23.20
C PHE E 35 -8.80 -10.68 -22.83
N ILE E 36 -7.94 -10.32 -23.80
CA ILE E 36 -6.91 -9.27 -23.68
C ILE E 36 -7.31 -8.04 -24.53
N PHE E 37 -6.82 -6.87 -24.10
CA PHE E 37 -7.20 -5.59 -24.70
C PHE E 37 -6.00 -4.65 -24.68
N TRP E 38 -5.95 -3.75 -25.65
CA TRP E 38 -4.82 -2.84 -25.79
C TRP E 38 -5.25 -1.39 -25.59
N TYR E 39 -4.35 -0.60 -25.01
CA TYR E 39 -4.69 0.77 -24.66
C TYR E 39 -3.61 1.72 -25.17
N GLN E 40 -4.02 2.96 -25.39
CA GLN E 40 -3.08 4.00 -25.74
C GLN E 40 -3.27 5.12 -24.76
N GLN E 41 -2.17 5.62 -24.18
CA GLN E 41 -2.23 6.76 -23.27
C GLN E 41 -1.16 7.78 -23.64
N LYS E 42 -1.60 8.93 -24.21
CA LYS E 42 -0.78 10.10 -24.47
C LYS E 42 -0.59 10.90 -23.18
N PRO E 43 0.49 11.67 -23.07
CA PRO E 43 0.80 12.32 -21.77
C PRO E 43 -0.30 13.27 -21.32
N GLY E 44 -0.59 13.21 -20.01
CA GLY E 44 -1.60 14.04 -19.42
C GLY E 44 -3.04 13.72 -19.78
N GLN E 45 -3.28 12.72 -20.61
CA GLN E 45 -4.63 12.35 -21.02
C GLN E 45 -4.98 10.98 -20.45
N ALA E 46 -6.28 10.70 -20.37
CA ALA E 46 -6.74 9.39 -19.90
C ALA E 46 -6.44 8.31 -20.94
N PRO E 47 -6.36 7.02 -20.54
CA PRO E 47 -6.11 5.97 -21.53
C PRO E 47 -7.25 5.85 -22.54
N LYS E 48 -6.93 5.40 -23.76
CA LYS E 48 -7.93 5.23 -24.81
C LYS E 48 -7.88 3.83 -25.37
N LEU E 49 -9.04 3.24 -25.64
CA LEU E 49 -9.12 1.83 -26.03
C LEU E 49 -8.91 1.63 -27.53
N LEU E 50 -7.85 0.89 -27.90
CA LEU E 50 -7.60 0.60 -29.31
C LEU E 50 -8.28 -0.68 -29.78
N ILE E 51 -8.00 -1.81 -29.15
CA ILE E 51 -8.51 -3.11 -29.61
C ILE E 51 -9.07 -3.90 -28.44
N TYR E 52 -10.32 -4.41 -28.59
CA TYR E 52 -11.02 -5.17 -27.55
C TYR E 52 -11.23 -6.61 -28.00
N ASP E 53 -11.21 -7.54 -27.04
CA ASP E 53 -11.28 -8.98 -27.28
C ASP E 53 -10.15 -9.42 -28.20
N SER E 54 -8.97 -8.84 -27.98
CA SER E 54 -7.70 -9.27 -28.54
C SER E 54 -7.54 -8.97 -30.03
N SER E 55 -8.63 -9.05 -30.79
CA SER E 55 -8.50 -8.97 -32.24
C SER E 55 -9.65 -8.22 -32.92
N THR E 56 -10.50 -7.53 -32.16
CA THR E 56 -11.64 -6.83 -32.72
C THR E 56 -11.36 -5.35 -32.54
N LEU E 57 -11.63 -4.56 -33.59
CA LEU E 57 -11.24 -3.15 -33.64
C LEU E 57 -12.31 -2.29 -33.04
N GLU E 58 -11.92 -1.40 -32.15
CA GLU E 58 -12.87 -0.58 -31.46
C GLU E 58 -13.38 0.47 -32.44
N SER E 59 -14.67 0.79 -32.37
CA SER E 59 -15.29 1.78 -33.25
C SER E 59 -14.64 3.16 -33.14
N GLY E 60 -14.16 3.70 -34.27
CA GLY E 60 -13.60 5.02 -34.28
C GLY E 60 -12.09 5.03 -34.36
N ILE E 61 -11.45 3.89 -34.10
CA ILE E 61 -10.00 3.75 -34.12
C ILE E 61 -9.53 3.50 -35.54
N PRO E 62 -8.45 4.14 -35.98
CA PRO E 62 -8.00 3.97 -37.36
C PRO E 62 -7.65 2.53 -37.69
N GLY E 63 -8.01 2.11 -38.89
CA GLY E 63 -7.74 0.75 -39.32
C GLY E 63 -6.28 0.43 -39.38
N ARG E 64 -5.42 1.44 -39.25
CA ARG E 64 -3.98 1.17 -39.17
C ARG E 64 -3.64 0.39 -37.91
N PHE E 65 -4.48 0.48 -36.88
CA PHE E 65 -4.33 -0.36 -35.70
C PHE E 65 -4.93 -1.73 -35.97
N SER E 66 -4.13 -2.77 -35.79
CA SER E 66 -4.51 -4.16 -36.00
C SER E 66 -4.17 -4.97 -34.77
N GLY E 67 -4.95 -6.00 -34.52
CA GLY E 67 -4.66 -6.83 -33.38
C GLY E 67 -4.77 -8.30 -33.69
N SER E 68 -3.88 -9.09 -33.11
CA SER E 68 -3.96 -10.53 -33.26
C SER E 68 -3.49 -11.16 -31.97
N GLY E 69 -3.66 -12.47 -31.91
CA GLY E 69 -3.22 -13.26 -30.77
C GLY E 69 -4.30 -14.20 -30.28
N SER E 70 -3.91 -15.23 -29.52
CA SER E 70 -4.81 -16.17 -28.88
C SER E 70 -4.09 -16.80 -27.71
N GLY E 71 -4.85 -17.26 -26.74
CA GLY E 71 -4.28 -18.02 -25.66
C GLY E 71 -3.33 -17.23 -24.78
N ARG E 72 -2.04 -17.36 -25.04
CA ARG E 72 -0.99 -16.78 -24.21
C ARG E 72 -0.25 -15.60 -24.83
N ASP E 73 -0.02 -15.60 -26.16
CA ASP E 73 0.78 -14.58 -26.86
C ASP E 73 -0.11 -13.69 -27.71
N PHE E 74 0.09 -12.37 -27.61
CA PHE E 74 -0.67 -11.37 -28.35
C PHE E 74 0.23 -10.26 -28.89
N SER E 75 -0.17 -9.63 -29.99
CA SER E 75 0.57 -8.49 -30.54
C SER E 75 -0.38 -7.41 -31.06
N LEU E 76 0.07 -6.17 -30.96
CA LEU E 76 -0.59 -4.97 -31.47
C LEU E 76 0.27 -4.37 -32.57
N THR E 77 -0.31 -3.97 -33.69
CA THR E 77 0.54 -3.50 -34.79
C THR E 77 -0.03 -2.21 -35.35
N ILE E 78 0.82 -1.20 -35.52
CA ILE E 78 0.44 0.05 -36.16
C ILE E 78 1.17 0.13 -37.51
N ALA E 79 0.44 -0.18 -38.61
CA ALA E 79 1.10 -0.52 -39.87
C ALA E 79 1.69 0.68 -40.59
N PRO E 80 0.95 1.82 -40.79
CA PRO E 80 1.63 3.10 -41.09
C PRO E 80 1.70 3.97 -39.83
N ASN E 81 2.87 4.39 -39.38
CA ASN E 81 2.94 5.20 -38.16
C ASN E 81 2.75 6.70 -38.38
N GLN E 82 2.06 7.34 -37.42
CA GLN E 82 1.83 8.78 -37.50
C GLN E 82 2.18 9.47 -36.19
N PRO E 83 2.55 10.76 -36.25
CA PRO E 83 3.02 11.45 -35.04
C PRO E 83 2.00 11.55 -33.95
N ALA E 84 0.72 11.26 -34.22
CA ALA E 84 -0.25 11.17 -33.13
C ALA E 84 -0.15 9.87 -32.37
N CYS E 85 0.65 8.93 -32.86
CA CYS E 85 0.83 7.65 -32.19
C CYS E 85 1.97 7.70 -31.17
N GLY E 86 2.58 8.86 -30.97
CA GLY E 86 3.62 9.01 -29.98
C GLY E 86 2.98 8.97 -28.61
N ALA E 87 2.87 7.78 -28.04
CA ALA E 87 2.24 7.56 -26.75
C ALA E 87 2.93 6.40 -26.02
N THR E 88 2.37 5.99 -24.88
CA THR E 88 2.72 4.74 -24.21
C THR E 88 1.51 3.82 -24.33
N TYR E 89 1.77 2.54 -24.57
CA TYR E 89 0.76 1.54 -24.84
C TYR E 89 0.81 0.48 -23.74
N GLU E 90 -0.36 0.08 -23.25
CA GLU E 90 -0.50 -0.97 -22.25
C GLU E 90 -1.45 -2.04 -22.78
N ASP E 91 -1.49 -3.16 -22.07
CA ASP E 91 -2.37 -4.25 -22.39
C ASP E 91 -3.05 -4.66 -21.10
N LEU E 92 -4.24 -5.24 -21.22
CA LEU E 92 -5.19 -5.45 -20.13
C LEU E 92 -5.69 -6.88 -20.24
N GLN E 93 -5.91 -7.54 -19.09
CA GLN E 93 -6.60 -8.84 -19.07
C GLN E 93 -7.81 -8.75 -18.14
N VAL E 94 -8.94 -9.29 -18.62
CA VAL E 94 -10.23 -9.19 -17.95
C VAL E 94 -10.71 -10.53 -17.38
N LEU E 95 -9.98 -11.62 -17.60
CA LEU E 95 -10.52 -12.96 -17.34
C LEU E 95 -10.51 -13.35 -15.85
N ILE E 96 -9.53 -12.95 -15.09
CA ILE E 96 -9.41 -13.44 -13.72
C ILE E 96 -9.69 -12.28 -12.76
N VAL E 97 -10.12 -12.64 -11.53
CA VAL E 97 -10.65 -11.66 -10.59
C VAL E 97 -9.69 -10.50 -10.38
N VAL E 98 -8.39 -10.76 -10.43
CA VAL E 98 -7.42 -9.68 -10.30
C VAL E 98 -7.01 -9.20 -11.70
N ARG E 99 -7.46 -8.00 -12.09
CA ARG E 99 -7.15 -7.46 -13.41
C ARG E 99 -5.74 -6.88 -13.47
N THR E 100 -5.00 -7.28 -14.48
CA THR E 100 -3.62 -6.94 -14.54
C THR E 100 -3.27 -6.33 -15.90
N PHE E 101 -2.31 -5.40 -15.86
CA PHE E 101 -1.87 -4.62 -17.01
C PHE E 101 -0.47 -5.05 -17.42
N GLY E 102 0.14 -4.27 -18.31
CA GLY E 102 1.46 -4.57 -18.80
C GLY E 102 2.43 -3.47 -18.41
N GLY E 103 3.71 -3.72 -18.74
CA GLY E 103 4.76 -2.78 -18.39
C GLY E 103 4.62 -1.43 -19.07
N GLY E 104 3.86 -1.37 -20.16
CA GLY E 104 3.84 -0.18 -20.97
C GLY E 104 4.81 -0.33 -22.11
N THR E 105 4.53 0.36 -23.20
CA THR E 105 5.46 0.48 -24.30
C THR E 105 5.49 1.94 -24.74
N LYS E 106 6.65 2.57 -24.63
CA LYS E 106 6.75 3.97 -25.06
C LYS E 106 7.11 4.02 -26.53
N LEU E 107 6.15 4.40 -27.37
CA LEU E 107 6.40 4.53 -28.80
C LEU E 107 6.94 5.93 -29.06
N GLU E 108 8.13 6.00 -29.65
CA GLU E 108 8.72 7.25 -30.11
C GLU E 108 8.79 7.22 -31.62
N ILE E 109 8.30 8.28 -32.25
CA ILE E 109 8.24 8.38 -33.70
C ILE E 109 9.55 8.96 -34.18
N LYS E 110 10.27 8.19 -34.99
CA LYS E 110 11.52 8.66 -35.57
C LYS E 110 11.19 9.61 -36.71
N ARG E 111 11.58 10.87 -36.56
CA ARG E 111 11.36 11.85 -37.59
C ARG E 111 12.71 12.30 -38.13
N ALA E 112 12.64 13.09 -39.20
CA ALA E 112 13.85 13.67 -39.76
C ALA E 112 14.45 14.58 -38.70
N ASP E 113 15.79 14.59 -38.61
CA ASP E 113 16.47 15.36 -37.57
C ASP E 113 16.18 16.85 -37.69
N ALA E 114 15.91 17.49 -36.55
CA ALA E 114 15.71 18.93 -36.47
C ALA E 114 16.48 19.51 -35.28
N ALA E 115 16.94 20.81 -35.41
CA ALA E 115 17.84 21.46 -34.46
C ALA E 115 17.12 22.47 -33.58
N PRO E 116 17.62 22.73 -32.37
CA PRO E 116 16.85 23.52 -31.40
C PRO E 116 16.83 25.01 -31.72
N THR E 117 15.70 25.63 -31.39
CA THR E 117 15.56 27.08 -31.50
C THR E 117 15.85 27.69 -30.13
N VAL E 118 17.14 27.83 -29.83
CA VAL E 118 17.58 28.23 -28.50
C VAL E 118 17.39 29.72 -28.35
N SER E 119 16.79 30.12 -27.23
CA SER E 119 16.53 31.52 -26.95
C SER E 119 16.72 31.73 -25.45
N ILE E 120 17.42 32.82 -25.11
CA ILE E 120 17.80 33.12 -23.75
C ILE E 120 17.05 34.36 -23.26
N PHE E 121 16.72 34.38 -21.97
CA PHE E 121 15.90 35.42 -21.39
C PHE E 121 16.56 35.85 -20.09
N PRO E 122 16.88 37.12 -19.93
CA PRO E 122 17.50 37.60 -18.69
C PRO E 122 16.47 37.66 -17.58
N PRO E 123 16.91 37.82 -16.33
CA PRO E 123 15.94 37.90 -15.22
C PRO E 123 14.98 39.05 -15.39
N SER E 124 13.71 38.80 -15.10
CA SER E 124 12.71 39.85 -15.15
C SER E 124 12.96 40.90 -14.09
N SER E 125 12.75 42.17 -14.44
CA SER E 125 12.89 43.23 -13.46
C SER E 125 11.85 43.08 -12.35
N GLU E 126 10.67 42.58 -12.70
CA GLU E 126 9.64 42.33 -11.71
C GLU E 126 10.07 41.33 -10.62
N GLN E 127 11.10 40.51 -10.88
CA GLN E 127 11.65 39.61 -9.86
C GLN E 127 12.79 40.23 -9.05
N LEU E 128 13.72 40.92 -9.70
CA LEU E 128 14.87 41.49 -9.01
C LEU E 128 14.45 42.41 -7.86
N THR E 129 13.30 43.09 -7.98
CA THR E 129 12.84 43.93 -6.87
C THR E 129 12.49 43.10 -5.65
N SER E 130 12.03 41.87 -5.84
CA SER E 130 11.81 40.96 -4.72
C SER E 130 13.04 40.14 -4.37
N GLY E 131 14.15 40.36 -5.05
CA GLY E 131 15.31 39.49 -4.79
C GLY E 131 15.32 38.25 -5.66
N GLY E 132 16.52 37.80 -6.01
CA GLY E 132 16.66 36.56 -6.75
C GLY E 132 16.66 36.78 -8.25
N ALA E 133 17.26 35.84 -8.98
CA ALA E 133 17.47 36.02 -10.40
C ALA E 133 17.49 34.68 -11.10
N GLU E 134 16.74 34.58 -12.18
CA GLU E 134 16.56 33.32 -12.88
C GLU E 134 16.79 33.58 -14.36
N VAL E 135 17.66 32.79 -14.96
CA VAL E 135 17.96 32.95 -16.37
C VAL E 135 17.33 31.76 -17.06
N VAL E 136 16.21 31.96 -17.76
CA VAL E 136 15.58 30.87 -18.47
C VAL E 136 16.29 30.68 -19.81
N CYS E 137 16.14 29.53 -20.43
CA CYS E 137 16.71 29.38 -21.75
C CYS E 137 15.97 28.27 -22.47
N PHE E 138 15.04 28.65 -23.34
CA PHE E 138 14.19 27.68 -24.03
C PHE E 138 14.93 27.08 -25.21
N LEU E 139 14.84 25.76 -25.33
CA LEU E 139 15.40 25.04 -26.47
C LEU E 139 14.21 24.30 -27.06
N ASN E 140 13.67 24.82 -28.17
CA ASN E 140 12.37 24.39 -28.69
C ASN E 140 12.46 23.68 -30.03
N ASN E 141 11.51 22.79 -30.23
CA ASN E 141 11.28 22.00 -31.43
C ASN E 141 12.54 21.37 -32.02
N PHE E 142 13.08 20.36 -31.36
CA PHE E 142 14.30 19.69 -31.81
C PHE E 142 14.11 18.20 -31.82
N TYR E 143 14.95 17.52 -32.60
CA TYR E 143 14.95 16.09 -32.70
C TYR E 143 16.34 15.61 -33.11
N PRO E 144 16.91 14.60 -32.43
CA PRO E 144 16.34 13.69 -31.42
C PRO E 144 16.31 14.19 -29.98
N LYS E 145 15.85 13.31 -29.08
CA LYS E 145 15.52 13.65 -27.70
C LYS E 145 16.73 14.14 -26.92
N ASN E 146 17.92 13.60 -27.18
CA ASN E 146 19.08 13.88 -26.33
C ASN E 146 19.65 15.28 -26.57
N ILE E 147 19.85 16.04 -25.50
CA ILE E 147 20.43 17.37 -25.65
C ILE E 147 21.03 17.77 -24.30
N ASN E 148 22.16 18.48 -24.36
CA ASN E 148 22.91 18.89 -23.18
C ASN E 148 23.05 20.40 -23.16
N VAL E 149 22.72 21.01 -22.02
CA VAL E 149 22.78 22.46 -21.85
C VAL E 149 23.81 22.78 -20.76
N ALA E 150 24.78 23.63 -21.09
CA ALA E 150 25.89 23.99 -20.21
C ALA E 150 25.82 25.48 -19.93
N TRP E 151 25.26 25.84 -18.78
CA TRP E 151 25.24 27.23 -18.37
C TRP E 151 26.64 27.71 -18.04
N LYS E 152 27.04 28.85 -18.58
CA LYS E 152 28.34 29.43 -18.29
C LYS E 152 28.15 30.87 -17.85
N ILE E 153 28.60 31.17 -16.63
CA ILE E 153 28.50 32.50 -16.04
C ILE E 153 29.90 33.10 -16.07
N ASP E 154 30.11 34.07 -16.94
CA ASP E 154 31.45 34.56 -17.29
C ASP E 154 32.41 33.42 -17.59
N GLY E 155 32.02 32.53 -18.49
CA GLY E 155 32.93 31.46 -18.87
C GLY E 155 32.99 30.33 -17.86
N GLY E 156 32.71 30.62 -16.58
CA GLY E 156 32.77 29.58 -15.56
C GLY E 156 31.63 28.60 -15.68
N GLU E 157 31.93 27.40 -16.17
CA GLU E 157 30.90 26.42 -16.45
C GLU E 157 30.17 26.14 -15.15
N ARG E 158 29.03 26.79 -14.96
CA ARG E 158 28.23 26.65 -13.76
C ARG E 158 27.23 25.54 -14.01
N GLN E 159 27.37 24.46 -13.24
CA GLN E 159 26.45 23.34 -13.31
C GLN E 159 25.70 23.18 -12.00
N ASN E 160 25.86 24.14 -11.09
CA ASN E 160 25.28 24.11 -9.76
C ASN E 160 24.03 24.99 -9.75
N GLY E 161 22.88 24.41 -9.38
CA GLY E 161 21.66 25.19 -9.25
C GLY E 161 20.84 25.41 -10.51
N VAL E 162 21.01 24.57 -11.51
CA VAL E 162 20.23 24.61 -12.74
C VAL E 162 19.08 23.62 -12.61
N LEU E 163 17.96 23.90 -13.28
CA LEU E 163 16.76 23.09 -13.19
C LEU E 163 16.10 22.99 -14.57
N ASN E 164 15.87 21.77 -15.01
CA ASN E 164 15.48 21.52 -16.39
C ASN E 164 14.13 20.84 -16.43
N SER E 165 13.49 20.90 -17.60
CA SER E 165 12.22 20.21 -17.84
C SER E 165 12.11 19.92 -19.32
N TRP E 166 11.60 18.75 -19.68
CA TRP E 166 11.40 18.41 -21.07
C TRP E 166 9.92 18.17 -21.33
N THR E 167 9.52 18.35 -22.56
CA THR E 167 8.15 18.10 -22.97
C THR E 167 8.13 16.73 -23.62
N ASP E 168 6.95 16.10 -23.63
CA ASP E 168 6.87 14.86 -24.37
C ASP E 168 6.90 15.16 -25.86
N GLN E 169 7.08 14.10 -26.66
CA GLN E 169 7.28 14.29 -28.09
C GLN E 169 6.03 14.90 -28.68
N ASP E 170 6.19 15.89 -29.54
CA ASP E 170 5.00 16.56 -30.03
C ASP E 170 4.14 15.60 -30.84
N SER E 171 2.84 15.72 -30.63
CA SER E 171 1.84 14.93 -31.33
C SER E 171 1.75 15.29 -32.81
N ALA E 172 2.24 16.46 -33.18
CA ALA E 172 2.18 16.90 -34.57
C ALA E 172 3.57 17.03 -35.15
N ASP E 173 4.51 17.67 -34.43
CA ASP E 173 5.86 17.83 -34.95
C ASP E 173 6.60 16.51 -34.93
N SER E 174 6.36 15.72 -33.87
CA SER E 174 7.23 14.64 -33.42
C SER E 174 8.60 15.14 -32.93
N THR E 175 8.61 16.33 -32.31
CA THR E 175 9.80 16.98 -31.78
C THR E 175 9.73 17.14 -30.26
N TYR E 176 10.83 17.64 -29.70
CA TYR E 176 10.99 17.80 -28.26
C TYR E 176 11.33 19.25 -27.95
N SER E 177 11.20 19.61 -26.67
CA SER E 177 11.54 20.95 -26.22
C SER E 177 11.95 20.86 -24.76
N MET E 178 12.71 21.88 -24.30
CA MET E 178 13.31 21.85 -22.97
C MET E 178 13.35 23.25 -22.39
N SER E 179 13.18 23.34 -21.08
CA SER E 179 13.30 24.59 -20.34
C SER E 179 14.32 24.43 -19.22
N SER E 180 15.46 25.10 -19.39
CA SER E 180 16.57 25.12 -18.44
C SER E 180 16.60 26.48 -17.74
N THR E 181 16.08 26.55 -16.53
CA THR E 181 16.13 27.77 -15.74
C THR E 181 17.25 27.69 -14.69
N LEU E 182 18.32 28.48 -14.92
CA LEU E 182 19.45 28.61 -14.00
C LEU E 182 19.15 29.64 -12.92
N THR E 183 19.05 29.19 -11.68
CA THR E 183 18.67 30.06 -10.56
C THR E 183 19.89 30.57 -9.81
N LEU E 184 19.93 31.88 -9.59
CA LEU E 184 20.98 32.52 -8.78
C LEU E 184 20.30 33.45 -7.78
N THR E 185 21.10 34.06 -6.92
CA THR E 185 20.63 35.14 -6.06
C THR E 185 20.71 36.42 -6.85
N LYS E 186 19.95 37.44 -6.41
CA LYS E 186 20.13 38.77 -7.00
C LYS E 186 21.58 39.22 -6.89
N ASP E 187 22.20 38.97 -5.73
CA ASP E 187 23.59 39.34 -5.51
C ASP E 187 24.53 38.64 -6.50
N GLU E 188 24.53 37.30 -6.50
CA GLU E 188 25.46 36.55 -7.34
C GLU E 188 25.22 36.79 -8.82
N TYR E 189 24.02 37.24 -9.20
CA TYR E 189 23.76 37.57 -10.59
C TYR E 189 24.57 38.79 -11.04
N GLU E 190 24.81 39.74 -10.13
CA GLU E 190 25.52 40.97 -10.45
C GLU E 190 27.04 40.87 -10.26
N ARG E 191 27.55 39.68 -9.95
CA ARG E 191 28.97 39.45 -9.85
C ARG E 191 29.58 39.06 -11.18
N HIS E 192 28.76 38.93 -12.21
CA HIS E 192 29.22 38.53 -13.53
C HIS E 192 28.46 39.32 -14.57
N ALA E 193 29.09 39.56 -15.73
CA ALA E 193 28.43 40.29 -16.80
C ALA E 193 27.92 39.39 -17.91
N SER E 194 28.71 38.41 -18.32
CA SER E 194 28.29 37.46 -19.35
C SER E 194 27.41 36.37 -18.76
N TYR E 195 26.41 35.94 -19.53
CA TYR E 195 25.58 34.79 -19.21
C TYR E 195 25.32 34.03 -20.50
N THR E 196 25.90 32.85 -20.62
CA THR E 196 25.76 32.09 -21.85
C THR E 196 24.98 30.80 -21.58
N CYS E 197 24.26 30.38 -22.59
CA CYS E 197 23.42 29.20 -22.58
C CYS E 197 23.92 28.24 -23.64
N GLU E 198 25.03 27.59 -23.36
CA GLU E 198 25.69 26.82 -24.41
C GLU E 198 24.98 25.46 -24.53
N ALA E 199 24.44 25.19 -25.72
CA ALA E 199 23.65 24.00 -25.99
C ALA E 199 24.28 23.20 -27.11
N THR E 200 24.58 21.93 -26.84
CA THR E 200 25.20 21.00 -27.77
C THR E 200 24.21 19.91 -28.19
N HIS E 201 24.31 19.44 -29.43
CA HIS E 201 23.29 18.56 -29.99
C HIS E 201 23.87 17.79 -31.17
N GLN E 202 23.10 16.80 -31.66
CA GLN E 202 23.53 15.98 -32.79
C GLN E 202 23.69 16.80 -34.05
N THR E 203 23.00 17.94 -34.16
CA THR E 203 23.00 18.71 -35.41
C THR E 203 24.32 19.47 -35.62
N SER E 204 24.93 19.98 -34.55
CA SER E 204 26.14 20.79 -34.64
C SER E 204 27.24 20.23 -33.74
N THR E 205 28.42 20.01 -34.34
CA THR E 205 29.61 19.78 -33.53
C THR E 205 29.94 20.99 -32.68
N SER E 206 29.62 22.19 -33.19
CA SER E 206 29.92 23.45 -32.53
C SER E 206 28.70 23.90 -31.74
N PRO E 207 28.81 24.01 -30.41
CA PRO E 207 27.64 24.31 -29.59
C PRO E 207 26.89 25.58 -30.04
N ILE E 208 25.56 25.51 -29.96
CA ILE E 208 24.72 26.67 -30.23
C ILE E 208 24.71 27.52 -28.97
N VAL E 209 25.41 28.64 -29.02
CA VAL E 209 25.57 29.49 -27.84
C VAL E 209 24.73 30.74 -28.06
N LYS E 210 23.80 30.97 -27.14
CA LYS E 210 23.08 32.23 -26.99
C LYS E 210 23.45 32.82 -25.65
N SER E 211 23.94 34.06 -25.66
CA SER E 211 24.40 34.71 -24.45
C SER E 211 23.90 36.15 -24.40
N PHE E 212 24.06 36.77 -23.24
CA PHE E 212 23.76 38.19 -23.09
C PHE E 212 24.68 38.78 -22.02
N ASN E 213 24.79 40.10 -22.03
CA ASN E 213 25.50 40.83 -21.00
C ASN E 213 24.52 41.60 -20.14
N ARG E 214 24.86 41.75 -18.86
CA ARG E 214 23.99 42.43 -17.89
C ARG E 214 23.57 43.83 -18.34
N ASN E 215 24.28 44.39 -19.32
CA ASN E 215 23.99 45.73 -19.83
C ASN E 215 23.12 45.65 -21.08
N ASP F 1 17.94 10.69 -1.70
CA ASP F 1 18.02 9.48 -0.88
C ASP F 1 19.17 8.61 -1.42
N ILE F 2 20.14 8.21 -0.58
CA ILE F 2 21.27 7.45 -1.10
C ILE F 2 20.83 6.06 -1.52
N LEU F 3 21.00 5.74 -2.80
CA LEU F 3 20.70 4.42 -3.31
C LEU F 3 21.96 3.56 -3.26
N LEU F 4 21.90 2.44 -2.53
CA LEU F 4 23.05 1.54 -2.38
C LEU F 4 22.86 0.32 -3.27
N THR F 5 23.83 0.09 -4.16
CA THR F 5 23.75 -1.02 -5.11
C THR F 5 24.77 -2.07 -4.77
N GLN F 6 24.28 -3.20 -4.28
CA GLN F 6 25.11 -4.27 -3.75
C GLN F 6 25.18 -5.41 -4.76
N SER F 7 26.38 -5.94 -4.96
CA SER F 7 26.63 -7.06 -5.86
C SER F 7 27.67 -8.00 -5.27
N PRO F 8 27.57 -9.30 -5.53
CA PRO F 8 26.55 -10.01 -6.30
C PRO F 8 25.20 -10.14 -5.65
N GLU F 9 24.27 -10.38 -6.57
CA GLU F 9 22.92 -10.75 -6.24
C GLU F 9 22.91 -11.97 -5.34
N SER F 10 23.57 -13.02 -5.82
CA SER F 10 23.71 -14.30 -5.17
C SER F 10 25.10 -14.79 -5.49
N LEU F 11 25.78 -15.31 -4.47
CA LEU F 11 27.17 -15.67 -4.57
C LEU F 11 27.37 -17.08 -4.06
N SER F 12 28.29 -17.78 -4.67
CA SER F 12 28.58 -19.14 -4.24
C SER F 12 30.08 -19.26 -4.02
N VAL F 13 30.47 -19.65 -2.83
CA VAL F 13 31.88 -19.78 -2.50
C VAL F 13 32.13 -21.17 -1.95
N VAL F 14 33.25 -21.76 -2.32
CA VAL F 14 33.56 -23.09 -1.82
C VAL F 14 34.04 -22.96 -0.39
N VAL F 15 33.89 -24.04 0.41
CA VAL F 15 34.20 -23.95 1.82
C VAL F 15 35.71 -23.76 1.91
N GLY F 16 36.15 -22.88 2.80
CA GLY F 16 37.56 -22.54 2.91
C GLY F 16 38.05 -21.39 2.02
N PHE F 17 37.21 -20.88 1.14
CA PHE F 17 37.55 -19.86 0.18
C PHE F 17 37.05 -18.48 0.56
N TYR F 18 37.28 -17.55 -0.35
CA TYR F 18 37.17 -16.14 -0.04
C TYR F 18 35.96 -15.60 -0.76
N VAL F 19 35.18 -14.82 -0.03
CA VAL F 19 34.00 -14.19 -0.59
C VAL F 19 34.13 -12.69 -0.41
N THR F 20 33.86 -11.95 -1.49
CA THR F 20 34.09 -10.53 -1.60
C THR F 20 32.79 -9.90 -2.06
N ILE F 21 31.93 -9.55 -1.12
CA ILE F 21 30.71 -8.82 -1.41
C ILE F 21 31.07 -7.34 -1.53
N THR F 22 30.40 -6.63 -2.43
CA THR F 22 30.74 -5.26 -2.77
C THR F 22 29.51 -4.37 -2.76
N SER F 23 29.74 -3.10 -2.41
CA SER F 23 28.67 -2.10 -2.28
C SER F 23 29.10 -0.80 -2.92
N GLN F 24 28.18 -0.13 -3.60
CA GLN F 24 28.46 1.17 -4.20
C GLN F 24 27.32 2.15 -3.93
N ALA F 25 27.67 3.35 -3.48
CA ALA F 25 26.71 4.33 -3.02
C ALA F 25 26.55 5.44 -4.04
N SER F 26 25.33 5.95 -4.15
CA SER F 26 25.05 7.02 -5.11
C SER F 26 25.81 8.28 -4.77
N ASN F 27 25.70 8.72 -3.52
CA ASN F 27 26.21 9.95 -2.97
C ASN F 27 27.46 9.61 -2.16
N ASN F 28 27.88 10.52 -1.29
CA ASN F 28 29.01 10.29 -0.41
C ASN F 28 28.49 10.00 0.99
N ILE F 29 28.88 8.86 1.54
CA ILE F 29 28.49 8.47 2.89
C ILE F 29 29.59 8.68 3.90
N THR F 30 30.63 9.40 3.53
CA THR F 30 31.71 9.76 4.44
C THR F 30 31.35 11.13 5.01
N THR F 31 31.32 11.26 6.33
CA THR F 31 31.18 12.59 6.92
C THR F 31 32.56 13.12 7.29
N TYR F 32 33.18 12.50 8.28
CA TYR F 32 34.57 12.71 8.60
C TYR F 32 35.30 11.37 8.74
N SER F 33 34.55 10.28 8.93
CA SER F 33 34.91 8.88 8.69
C SER F 33 33.73 8.25 7.96
N SER F 34 33.95 7.15 7.23
CA SER F 34 32.91 6.53 6.39
C SER F 34 31.79 5.89 7.21
N PHE F 35 30.54 6.08 6.76
CA PHE F 35 29.38 5.66 7.55
C PHE F 35 28.55 4.59 6.85
N ILE F 36 29.21 3.56 6.33
CA ILE F 36 28.53 2.37 5.83
C ILE F 36 28.80 1.25 6.85
N PHE F 37 27.89 0.28 6.88
CA PHE F 37 27.95 -0.80 7.83
C PHE F 37 27.51 -2.07 7.14
N TRP F 38 28.03 -3.19 7.59
CA TRP F 38 27.67 -4.46 7.00
C TRP F 38 26.96 -5.33 8.03
N TYR F 39 25.97 -6.10 7.56
CA TYR F 39 25.11 -6.90 8.40
C TYR F 39 24.98 -8.31 7.82
N GLN F 40 24.71 -9.26 8.70
CA GLN F 40 24.49 -10.66 8.33
C GLN F 40 23.14 -11.11 8.85
N GLN F 41 22.38 -11.82 8.02
CA GLN F 41 21.08 -12.32 8.44
C GLN F 41 20.86 -13.75 7.95
N LYS F 42 20.86 -14.73 8.89
CA LYS F 42 20.47 -16.13 8.65
C LYS F 42 18.94 -16.26 8.66
N PRO F 43 18.38 -17.31 8.04
CA PRO F 43 16.90 -17.37 7.90
C PRO F 43 16.15 -17.36 9.22
N GLY F 44 15.06 -16.59 9.26
CA GLY F 44 14.19 -16.46 10.42
C GLY F 44 14.79 -15.78 11.63
N GLN F 45 16.05 -15.36 11.57
CA GLN F 45 16.75 -14.79 12.70
C GLN F 45 17.01 -13.31 12.47
N ALA F 46 17.21 -12.56 13.56
CA ALA F 46 17.43 -11.14 13.44
C ALA F 46 18.79 -10.84 12.79
N PRO F 47 18.97 -9.64 12.20
CA PRO F 47 20.29 -9.30 11.62
C PRO F 47 21.40 -9.17 12.64
N LYS F 48 22.64 -9.43 12.22
CA LYS F 48 23.80 -9.31 13.10
C LYS F 48 24.80 -8.34 12.48
N LEU F 49 25.34 -7.46 13.32
CA LEU F 49 26.28 -6.41 12.87
C LEU F 49 27.70 -6.98 12.78
N LEU F 50 28.24 -7.02 11.56
CA LEU F 50 29.58 -7.54 11.36
C LEU F 50 30.63 -6.45 11.48
N ILE F 51 30.56 -5.43 10.61
CA ILE F 51 31.60 -4.41 10.49
C ILE F 51 30.97 -3.04 10.49
N TYR F 52 31.40 -2.16 11.39
CA TYR F 52 30.81 -0.83 11.53
C TYR F 52 31.80 0.24 11.15
N ASP F 53 31.27 1.33 10.57
CA ASP F 53 32.10 2.37 9.99
C ASP F 53 33.01 1.78 8.91
N SER F 54 32.44 0.88 8.10
CA SER F 54 32.99 0.33 6.87
C SER F 54 34.15 -0.64 7.05
N SER F 55 34.93 -0.48 8.13
CA SER F 55 36.15 -1.26 8.30
C SER F 55 36.49 -1.60 9.75
N THR F 56 35.61 -1.44 10.71
CA THR F 56 35.91 -1.73 12.10
C THR F 56 35.05 -2.92 12.55
N LEU F 57 35.68 -3.85 13.25
CA LEU F 57 35.08 -5.13 13.55
C LEU F 57 34.38 -5.07 14.90
N GLU F 58 33.13 -5.53 14.92
CA GLU F 58 32.30 -5.48 16.12
C GLU F 58 32.79 -6.55 17.11
N SER F 59 32.72 -6.21 18.39
CA SER F 59 33.19 -7.13 19.43
C SER F 59 32.50 -8.48 19.30
N GLY F 60 33.29 -9.53 19.14
CA GLY F 60 32.79 -10.88 19.08
C GLY F 60 32.78 -11.49 17.70
N ILE F 61 32.89 -10.68 16.65
CA ILE F 61 32.83 -11.19 15.29
C ILE F 61 34.18 -11.78 14.90
N PRO F 62 34.20 -12.94 14.24
CA PRO F 62 35.48 -13.53 13.85
C PRO F 62 36.26 -12.64 12.89
N GLY F 63 37.58 -12.61 13.07
CA GLY F 63 38.44 -11.79 12.23
C GLY F 63 38.44 -12.20 10.77
N ARG F 64 37.86 -13.36 10.45
CA ARG F 64 37.73 -13.76 9.06
C ARG F 64 36.81 -12.82 8.28
N PHE F 65 35.96 -12.08 8.97
CA PHE F 65 35.19 -10.99 8.40
C PHE F 65 36.07 -9.74 8.41
N SER F 66 36.29 -9.16 7.24
CA SER F 66 37.10 -7.95 7.07
C SER F 66 36.32 -6.96 6.23
N GLY F 67 36.55 -5.68 6.45
CA GLY F 67 35.86 -4.66 5.68
C GLY F 67 36.81 -3.58 5.20
N SER F 68 36.52 -3.06 4.02
CA SER F 68 37.28 -1.96 3.47
C SER F 68 36.32 -1.04 2.71
N GLY F 69 36.83 0.14 2.35
CA GLY F 69 36.07 1.07 1.54
C GLY F 69 36.01 2.49 2.04
N SER F 70 35.75 3.44 1.14
CA SER F 70 35.60 4.84 1.49
C SER F 70 34.79 5.55 0.42
N GLY F 71 34.09 6.61 0.80
CA GLY F 71 33.41 7.41 -0.18
C GLY F 71 32.28 6.71 -0.90
N ARG F 72 32.55 6.18 -2.10
CA ARG F 72 31.53 5.60 -2.97
C ARG F 72 31.55 4.08 -3.02
N ASP F 73 32.73 3.44 -3.02
CA ASP F 73 32.86 1.99 -3.15
C ASP F 73 33.29 1.35 -1.85
N PHE F 74 32.63 0.25 -1.46
CA PHE F 74 32.93 -0.50 -0.25
C PHE F 74 32.87 -1.99 -0.57
N SER F 75 33.64 -2.77 0.19
CA SER F 75 33.55 -4.22 0.00
C SER F 75 33.63 -4.90 1.36
N LEU F 76 32.95 -6.05 1.44
CA LEU F 76 32.96 -6.95 2.59
C LEU F 76 33.61 -8.26 2.17
N THR F 77 34.46 -8.81 3.02
CA THR F 77 35.23 -9.99 2.66
C THR F 77 35.19 -10.98 3.81
N ILE F 78 34.89 -12.24 3.49
CA ILE F 78 34.94 -13.33 4.45
C ILE F 78 36.07 -14.26 4.00
N ALA F 79 37.24 -14.15 4.67
CA ALA F 79 38.49 -14.64 4.06
C ALA F 79 38.63 -16.14 4.05
N PRO F 80 38.42 -16.90 5.21
CA PRO F 80 38.12 -18.35 5.14
C PRO F 80 36.62 -18.57 5.30
N ASN F 81 35.95 -19.14 4.32
CA ASN F 81 34.50 -19.29 4.40
C ASN F 81 34.05 -20.50 5.22
N GLN F 82 33.01 -20.32 6.03
CA GLN F 82 32.53 -21.41 6.89
C GLN F 82 31.05 -21.64 6.63
N PRO F 83 30.56 -22.88 6.82
CA PRO F 83 29.13 -23.14 6.59
C PRO F 83 28.26 -22.45 7.59
N ALA F 84 28.82 -21.94 8.69
CA ALA F 84 28.01 -21.15 9.59
C ALA F 84 27.74 -19.78 9.01
N CYS F 85 28.36 -19.45 7.88
CA CYS F 85 28.21 -18.19 7.17
C CYS F 85 27.17 -18.26 6.05
N GLY F 86 26.44 -19.37 5.92
CA GLY F 86 25.47 -19.45 4.86
C GLY F 86 24.32 -18.51 5.18
N ALA F 87 24.40 -17.28 4.70
CA ALA F 87 23.38 -16.30 5.06
C ALA F 87 23.19 -15.32 3.91
N THR F 88 22.38 -14.29 4.15
CA THR F 88 22.25 -13.14 3.28
C THR F 88 22.82 -11.94 4.00
N TYR F 89 23.63 -11.13 3.30
CA TYR F 89 24.34 -10.02 3.91
C TYR F 89 23.91 -8.72 3.24
N GLU F 90 23.70 -7.67 4.04
CA GLU F 90 23.31 -6.35 3.52
C GLU F 90 24.23 -5.27 4.06
N ASP F 91 24.08 -4.07 3.50
CA ASP F 91 24.83 -2.90 3.93
C ASP F 91 23.90 -1.72 4.16
N LEU F 92 24.30 -0.86 5.08
CA LEU F 92 23.47 0.17 5.68
C LEU F 92 24.24 1.47 5.58
N GLN F 93 23.54 2.57 5.34
CA GLN F 93 24.15 3.89 5.44
C GLN F 93 23.39 4.69 6.47
N VAL F 94 24.13 5.35 7.35
CA VAL F 94 23.60 6.06 8.51
C VAL F 94 23.78 7.57 8.38
N LEU F 95 24.31 8.04 7.23
CA LEU F 95 24.74 9.42 7.09
C LEU F 95 23.60 10.42 6.81
N ILE F 96 22.62 10.10 5.97
CA ILE F 96 21.63 11.10 5.58
C ILE F 96 20.26 10.69 6.12
N VAL F 97 19.38 11.70 6.28
CA VAL F 97 18.12 11.61 7.04
C VAL F 97 17.23 10.46 6.61
N VAL F 98 17.29 10.06 5.34
CA VAL F 98 16.61 8.83 4.91
C VAL F 98 17.66 7.70 4.86
N ARG F 99 17.58 6.76 5.81
CA ARG F 99 18.56 5.68 5.91
C ARG F 99 18.24 4.54 4.96
N THR F 100 19.25 4.03 4.25
CA THR F 100 18.96 3.05 3.22
C THR F 100 19.81 1.81 3.39
N PHE F 101 19.29 0.66 2.92
CA PHE F 101 19.98 -0.62 2.96
C PHE F 101 20.35 -1.00 1.54
N GLY F 102 20.80 -2.23 1.35
CA GLY F 102 21.28 -2.69 0.06
C GLY F 102 20.42 -3.80 -0.49
N GLY F 103 20.78 -4.24 -1.69
CA GLY F 103 20.01 -5.28 -2.36
C GLY F 103 20.02 -6.62 -1.66
N GLY F 104 21.03 -6.88 -0.84
CA GLY F 104 21.25 -8.16 -0.18
C GLY F 104 22.14 -9.04 -1.03
N THR F 105 22.94 -9.86 -0.37
CA THR F 105 23.76 -10.87 -1.05
C THR F 105 23.52 -12.20 -0.36
N LYS F 106 22.96 -13.17 -1.10
CA LYS F 106 22.70 -14.50 -0.52
C LYS F 106 23.92 -15.38 -0.77
N LEU F 107 24.67 -15.67 0.27
CA LEU F 107 25.85 -16.52 0.17
C LEU F 107 25.43 -17.98 0.34
N GLU F 108 25.76 -18.81 -0.64
CA GLU F 108 25.55 -20.25 -0.57
C GLU F 108 26.90 -20.92 -0.51
N ILE F 109 27.09 -21.77 0.49
CA ILE F 109 28.36 -22.43 0.73
C ILE F 109 28.38 -23.68 -0.12
N LYS F 110 29.28 -23.74 -1.09
CA LYS F 110 29.38 -24.93 -1.93
C LYS F 110 30.11 -26.02 -1.15
N ARG F 111 29.43 -27.14 -0.93
CA ARG F 111 29.96 -28.30 -0.22
C ARG F 111 30.08 -29.47 -1.19
N ALA F 112 30.65 -30.57 -0.71
CA ALA F 112 30.72 -31.78 -1.51
C ALA F 112 29.32 -32.27 -1.82
N ASP F 113 29.12 -32.77 -3.02
CA ASP F 113 27.78 -33.22 -3.40
C ASP F 113 27.32 -34.35 -2.47
N ALA F 114 26.07 -34.25 -2.01
CA ALA F 114 25.46 -35.29 -1.21
C ALA F 114 24.07 -35.58 -1.76
N ALA F 115 23.62 -36.82 -1.59
CA ALA F 115 22.36 -37.28 -2.16
C ALA F 115 21.31 -37.41 -1.07
N PRO F 116 20.03 -37.36 -1.43
CA PRO F 116 18.98 -37.29 -0.41
C PRO F 116 18.66 -38.62 0.25
N THR F 117 18.28 -38.53 1.53
CA THR F 117 17.75 -39.68 2.28
C THR F 117 16.23 -39.62 2.18
N VAL F 118 15.72 -40.12 1.06
CA VAL F 118 14.32 -39.98 0.70
C VAL F 118 13.49 -41.04 1.43
N SER F 119 12.37 -40.61 2.02
CA SER F 119 11.53 -41.47 2.85
C SER F 119 10.06 -41.13 2.63
N ILE F 120 9.24 -42.16 2.40
CA ILE F 120 7.84 -41.99 1.99
C ILE F 120 6.90 -42.42 3.11
N PHE F 121 5.78 -41.72 3.20
CA PHE F 121 4.90 -41.96 4.33
C PHE F 121 3.44 -42.05 3.89
N PRO F 122 2.75 -43.14 4.21
CA PRO F 122 1.35 -43.26 3.87
C PRO F 122 0.49 -42.38 4.74
N PRO F 123 -0.76 -42.14 4.33
CA PRO F 123 -1.64 -41.29 5.11
C PRO F 123 -1.89 -41.89 6.48
N SER F 124 -1.81 -41.06 7.50
CA SER F 124 -2.14 -41.54 8.83
C SER F 124 -3.60 -41.92 8.85
N SER F 125 -3.91 -43.02 9.55
CA SER F 125 -5.31 -43.41 9.61
C SER F 125 -6.15 -42.34 10.30
N GLU F 126 -5.58 -41.64 11.28
CA GLU F 126 -6.31 -40.56 11.95
C GLU F 126 -6.79 -39.51 10.96
N GLN F 127 -6.18 -39.46 9.79
CA GLN F 127 -6.73 -38.57 8.80
C GLN F 127 -7.76 -39.25 7.93
N LEU F 128 -7.49 -40.46 7.46
CA LEU F 128 -8.46 -41.14 6.61
C LEU F 128 -9.82 -41.23 7.29
N THR F 129 -9.83 -41.44 8.60
CA THR F 129 -11.11 -41.46 9.31
C THR F 129 -11.75 -40.07 9.36
N SER F 130 -10.94 -39.02 9.31
CA SER F 130 -11.49 -37.68 9.21
C SER F 130 -11.76 -37.27 7.76
N GLY F 131 -11.57 -38.18 6.81
CA GLY F 131 -11.70 -37.88 5.40
C GLY F 131 -10.39 -37.33 4.87
N GLY F 132 -10.02 -37.69 3.65
CA GLY F 132 -8.79 -37.15 3.08
C GLY F 132 -7.55 -37.97 3.43
N ALA F 133 -6.56 -37.89 2.55
CA ALA F 133 -5.34 -38.69 2.68
C ALA F 133 -4.23 -38.04 1.88
N GLU F 134 -3.04 -37.88 2.48
CA GLU F 134 -1.91 -37.28 1.77
C GLU F 134 -0.67 -38.13 1.97
N VAL F 135 0.12 -38.22 0.92
CA VAL F 135 1.34 -39.01 0.95
C VAL F 135 2.48 -38.02 1.12
N VAL F 136 3.09 -37.94 2.32
CA VAL F 136 4.20 -37.03 2.53
C VAL F 136 5.46 -37.73 2.03
N CYS F 137 6.47 -36.96 1.68
CA CYS F 137 7.68 -37.61 1.19
C CYS F 137 8.90 -36.73 1.46
N PHE F 138 9.64 -37.07 2.52
CA PHE F 138 10.78 -36.29 2.94
C PHE F 138 12.02 -36.65 2.12
N LEU F 139 12.73 -35.62 1.64
CA LEU F 139 14.01 -35.75 0.94
C LEU F 139 15.00 -34.86 1.71
N ASN F 140 15.83 -35.48 2.54
CA ASN F 140 16.60 -34.75 3.53
C ASN F 140 18.10 -34.81 3.24
N ASN F 141 18.76 -33.75 3.73
CA ASN F 141 20.20 -33.59 3.70
C ASN F 141 20.84 -33.93 2.36
N PHE F 142 20.67 -33.05 1.38
CA PHE F 142 21.23 -33.21 0.04
C PHE F 142 21.95 -31.93 -0.37
N TYR F 143 22.81 -32.05 -1.37
CA TYR F 143 23.51 -30.88 -1.95
C TYR F 143 23.81 -31.24 -3.41
N PRO F 144 23.46 -30.38 -4.39
CA PRO F 144 22.97 -28.98 -4.37
C PRO F 144 21.46 -28.75 -4.17
N LYS F 145 21.09 -27.46 -4.14
CA LYS F 145 19.74 -27.04 -3.78
C LYS F 145 18.69 -27.57 -4.76
N ASN F 146 19.03 -27.70 -6.03
CA ASN F 146 18.07 -28.03 -7.08
C ASN F 146 17.72 -29.52 -7.09
N ILE F 147 16.42 -29.83 -7.11
CA ILE F 147 15.97 -31.21 -7.04
C ILE F 147 14.55 -31.29 -7.59
N ASN F 148 14.21 -32.43 -8.21
CA ASN F 148 12.88 -32.66 -8.78
C ASN F 148 12.23 -33.94 -8.25
N VAL F 149 10.99 -33.81 -7.78
CA VAL F 149 10.22 -34.93 -7.25
C VAL F 149 8.98 -35.12 -8.11
N ALA F 150 8.79 -36.36 -8.60
CA ALA F 150 7.69 -36.72 -9.50
C ALA F 150 6.82 -37.75 -8.82
N TRP F 151 5.72 -37.30 -8.22
CA TRP F 151 4.76 -38.21 -7.64
C TRP F 151 4.09 -39.04 -8.73
N LYS F 152 4.02 -40.35 -8.55
CA LYS F 152 3.34 -41.20 -9.51
C LYS F 152 2.35 -42.10 -8.79
N ILE F 153 1.06 -41.99 -9.14
CA ILE F 153 -0.03 -42.75 -8.54
C ILE F 153 -0.45 -43.82 -9.52
N ASP F 154 -0.17 -45.08 -9.20
CA ASP F 154 -0.22 -46.20 -10.14
C ASP F 154 0.53 -45.89 -11.43
N GLY F 155 1.76 -45.42 -11.30
CA GLY F 155 2.58 -45.12 -12.46
C GLY F 155 2.24 -43.82 -13.15
N GLY F 156 0.99 -43.37 -13.05
CA GLY F 156 0.56 -42.16 -13.72
C GLY F 156 1.10 -40.88 -13.09
N GLU F 157 2.00 -40.18 -13.80
CA GLU F 157 2.63 -39.00 -13.21
C GLU F 157 1.58 -37.98 -12.80
N ARG F 158 1.17 -38.03 -11.53
CA ARG F 158 0.17 -37.12 -11.00
C ARG F 158 0.89 -35.92 -10.41
N GLN F 159 0.68 -34.75 -11.02
CA GLN F 159 1.34 -33.54 -10.56
C GLN F 159 0.32 -32.52 -10.05
N ASN F 160 -0.93 -32.93 -9.86
CA ASN F 160 -1.98 -32.05 -9.36
C ASN F 160 -2.16 -32.31 -7.86
N GLY F 161 -2.03 -31.25 -7.06
CA GLY F 161 -2.17 -31.38 -5.62
C GLY F 161 -0.90 -31.73 -4.88
N VAL F 162 0.26 -31.47 -5.48
CA VAL F 162 1.54 -31.65 -4.82
C VAL F 162 1.92 -30.31 -4.21
N LEU F 163 2.60 -30.36 -3.09
CA LEU F 163 2.91 -29.17 -2.33
C LEU F 163 4.25 -29.32 -1.65
N ASN F 164 5.16 -28.39 -1.90
CA ASN F 164 6.54 -28.61 -1.53
C ASN F 164 7.00 -27.54 -0.55
N SER F 165 8.08 -27.85 0.14
CA SER F 165 8.74 -26.87 0.98
C SER F 165 10.20 -27.23 1.06
N TRP F 166 11.06 -26.22 0.96
CA TRP F 166 12.49 -26.43 1.08
C TRP F 166 12.99 -25.75 2.32
N THR F 167 14.09 -26.29 2.82
CA THR F 167 14.74 -25.76 4.00
C THR F 167 15.84 -24.86 3.52
N ASP F 168 16.18 -23.86 4.31
CA ASP F 168 17.37 -23.14 3.91
C ASP F 168 18.59 -23.98 4.21
N GLN F 169 19.71 -23.55 3.66
CA GLN F 169 20.90 -24.39 3.71
C GLN F 169 21.36 -24.55 5.15
N ASP F 170 21.75 -25.78 5.49
CA ASP F 170 22.06 -26.11 6.88
C ASP F 170 23.26 -25.29 7.35
N SER F 171 23.17 -24.80 8.59
CA SER F 171 24.29 -24.05 9.16
C SER F 171 25.48 -24.94 9.47
N ALA F 172 25.30 -26.23 9.47
CA ALA F 172 26.40 -27.13 9.74
C ALA F 172 26.64 -28.07 8.56
N ASP F 173 25.59 -28.74 8.06
CA ASP F 173 25.77 -29.70 6.98
C ASP F 173 26.09 -29.02 5.67
N SER F 174 25.57 -27.80 5.51
CA SER F 174 25.47 -27.07 4.23
C SER F 174 24.58 -27.80 3.22
N THR F 175 23.55 -28.47 3.73
CA THR F 175 22.65 -29.25 2.91
C THR F 175 21.25 -28.64 2.93
N TYR F 176 20.43 -29.23 2.09
CA TYR F 176 19.08 -28.78 1.90
C TYR F 176 18.21 -29.97 2.18
N SER F 177 16.92 -29.71 2.34
CA SER F 177 15.94 -30.76 2.54
C SER F 177 14.63 -30.23 2.00
N MET F 178 13.71 -31.15 1.68
CA MET F 178 12.45 -30.81 1.04
C MET F 178 11.38 -31.79 1.49
N SER F 179 10.14 -31.31 1.60
CA SER F 179 8.99 -32.16 1.91
C SER F 179 7.88 -31.96 0.89
N SER F 180 7.57 -33.00 0.12
CA SER F 180 6.52 -33.01 -0.90
C SER F 180 5.28 -33.77 -0.42
N THR F 181 4.24 -33.05 0.01
CA THR F 181 2.99 -33.70 0.45
C THR F 181 1.94 -33.71 -0.67
N LEU F 182 1.75 -34.87 -1.29
CA LEU F 182 0.71 -35.08 -2.29
C LEU F 182 -0.62 -35.37 -1.60
N THR F 183 -1.56 -34.43 -1.68
CA THR F 183 -2.85 -34.55 -1.01
C THR F 183 -3.92 -34.99 -2.00
N LEU F 184 -4.71 -35.98 -1.60
CA LEU F 184 -5.83 -36.50 -2.37
C LEU F 184 -7.04 -36.55 -1.44
N THR F 185 -8.17 -37.02 -1.95
CA THR F 185 -9.29 -37.35 -1.09
C THR F 185 -9.12 -38.77 -0.55
N LYS F 186 -9.83 -39.08 0.55
CA LYS F 186 -9.92 -40.46 1.00
C LYS F 186 -10.43 -41.36 -0.12
N ASP F 187 -11.43 -40.89 -0.84
CA ASP F 187 -12.00 -41.66 -1.93
C ASP F 187 -10.93 -41.95 -2.98
N GLU F 188 -10.33 -40.88 -3.55
CA GLU F 188 -9.37 -41.03 -4.63
C GLU F 188 -8.12 -41.79 -4.18
N TYR F 189 -7.80 -41.75 -2.88
CA TYR F 189 -6.65 -42.51 -2.41
C TYR F 189 -6.90 -44.00 -2.51
N GLU F 190 -8.14 -44.45 -2.31
CA GLU F 190 -8.49 -45.86 -2.34
C GLU F 190 -8.91 -46.34 -3.72
N ARG F 191 -8.76 -45.49 -4.73
CA ARG F 191 -8.95 -45.86 -6.11
C ARG F 191 -7.65 -46.34 -6.77
N HIS F 192 -6.53 -46.30 -6.04
CA HIS F 192 -5.22 -46.66 -6.58
C HIS F 192 -4.41 -47.37 -5.50
N ALA F 193 -3.51 -48.28 -5.91
CA ALA F 193 -2.66 -48.99 -4.94
C ALA F 193 -1.21 -48.51 -4.88
N SER F 194 -0.55 -48.30 -6.02
CA SER F 194 0.83 -47.86 -6.03
C SER F 194 0.95 -46.38 -5.73
N TYR F 195 1.96 -46.02 -4.93
CA TYR F 195 2.30 -44.62 -4.70
C TYR F 195 3.81 -44.53 -4.60
N THR F 196 4.41 -43.93 -5.61
CA THR F 196 5.86 -43.86 -5.67
C THR F 196 6.28 -42.40 -5.54
N CYS F 197 7.45 -42.19 -4.96
CA CYS F 197 8.02 -40.87 -4.75
C CYS F 197 9.33 -40.78 -5.52
N GLU F 198 9.24 -40.62 -6.82
CA GLU F 198 10.41 -40.71 -7.69
C GLU F 198 11.20 -39.40 -7.63
N ALA F 199 12.45 -39.48 -7.19
CA ALA F 199 13.32 -38.32 -6.97
C ALA F 199 14.57 -38.45 -7.81
N THR F 200 14.84 -37.41 -8.61
CA THR F 200 16.04 -37.28 -9.45
C THR F 200 16.92 -36.16 -8.91
N HIS F 201 18.23 -36.31 -9.08
CA HIS F 201 19.21 -35.39 -8.51
C HIS F 201 20.49 -35.56 -9.31
N GLN F 202 21.45 -34.65 -9.05
CA GLN F 202 22.75 -34.71 -9.73
C GLN F 202 23.52 -35.98 -9.41
N THR F 203 23.29 -36.57 -8.23
CA THR F 203 24.11 -37.69 -7.76
C THR F 203 23.86 -39.00 -8.51
N SER F 204 22.62 -39.26 -8.93
CA SER F 204 22.30 -40.52 -9.61
C SER F 204 21.61 -40.19 -10.92
N THR F 205 22.13 -40.77 -12.01
CA THR F 205 21.42 -40.73 -13.29
C THR F 205 20.09 -41.46 -13.22
N SER F 206 19.99 -42.49 -12.38
CA SER F 206 18.76 -43.27 -12.20
C SER F 206 18.03 -42.75 -10.99
N PRO F 207 16.80 -42.23 -11.12
CA PRO F 207 16.10 -41.65 -9.96
C PRO F 207 16.01 -42.61 -8.79
N ILE F 208 16.14 -42.05 -7.59
CA ILE F 208 15.98 -42.81 -6.35
C ILE F 208 14.49 -42.90 -6.03
N VAL F 209 13.91 -44.09 -6.20
CA VAL F 209 12.46 -44.27 -6.08
C VAL F 209 12.17 -45.00 -4.77
N LYS F 210 11.35 -44.36 -3.92
CA LYS F 210 10.76 -45.01 -2.76
C LYS F 210 9.27 -45.11 -3.02
N SER F 211 8.73 -46.33 -2.94
CA SER F 211 7.35 -46.58 -3.29
C SER F 211 6.67 -47.45 -2.24
N PHE F 212 5.34 -47.48 -2.29
CA PHE F 212 4.58 -48.39 -1.44
C PHE F 212 3.30 -48.80 -2.15
N ASN F 213 2.72 -49.89 -1.68
CA ASN F 213 1.40 -50.33 -2.09
C ASN F 213 0.44 -50.20 -0.92
N ARG F 214 -0.81 -49.83 -1.24
CA ARG F 214 -1.78 -49.52 -0.19
C ARG F 214 -2.09 -50.71 0.73
N ASN F 215 -1.80 -51.93 0.31
CA ASN F 215 -2.10 -53.11 1.13
C ASN F 215 -0.86 -53.64 1.89
#